data_5JC3
#
_entry.id   5JC3
#
_cell.length_a   70.160
_cell.length_b   138.700
_cell.length_c   100.430
_cell.angle_alpha   90.00
_cell.angle_beta   109.47
_cell.angle_gamma   90.00
#
_symmetry.space_group_name_H-M   'P 1 21 1'
#
loop_
_entity.id
_entity.type
_entity.pdbx_description
1 polymer 'Melanoma differentiation associated protein-5'
2 polymer "RNA (5'-R(P*GP*GP*UP*AP*CP*GP*UP*AP*CP*C)-3')"
3 non-polymer "ADENOSINE-5'-DIPHOSPHATE"
4 non-polymer 'MAGNESIUM ION'
5 non-polymer 'ZINC ION'
#
loop_
_entity_poly.entity_id
_entity_poly.type
_entity_poly.pdbx_seq_one_letter_code
_entity_poly.pdbx_strand_id
1 'polypeptide(L)'
;GAMGDLTLRDYQMEVAKPALNGENIIICLPTGSGKTRVAVYITKDHLDKKRKASEQGKVIVLVNKVPLVEQHLRKEFNPF
LKHWYQVIGLSGDSELKISFPEVVKRYDVIICTAQILENSLLNATEEDESVRLSDFSLIIIDQCHHTQKEGVYNNIMRRY
LKEKIKNRKQAKENKPLIPQPQILGLTASPGVGGARSNSKAEEHILKICANLDACRIMTVKEHASQLKNQVKEPFKKTVI
ADDKRRDPFRERIIEIMQDIQKYCQLYPKSEFGSQPYEQWVIREERRAAKEEKRKERVCAEHLKKYNDALQINDTIRMVD
AYNHLNNFYKELKRRKTAESDDDEEPLVSKQDETDEFLMRLFHAKKKQLKELARKPEYDNEKLMKLRNTLMEEFTKTEEP
RGIIFTKTRQSALALYHWIMDNPKFEEVGIKAHFLIGAGHNSETKPMTQNEQREVIDKFRGGSINLLIATTVAEEGLDIK
ECNIVIRYGLVTNEIAMVQARGRARADESTYALVASSGSGAVEREDVNIFRENMMYKAIRRVQEMPPEEYLNKIQDFQLQ
SIVEKQMKAKRDQRKTYKKNPSLITFLCKNCHKLICSGEDIQVIENMHHVSVKKDFQHLYHKRENRTLQDKHADYQTNVE
IICKDCGQVWGNMMVYRGLDLPCLKIRNFVVAFEDKKTTKEIFKKWGELPIIFPDFDYASH
;
A,B
2 'polyribonucleotide' GGUACGUACC X,Y,C,D
#
loop_
_chem_comp.id
_chem_comp.type
_chem_comp.name
_chem_comp.formula
A RNA linking ADENOSINE-5'-MONOPHOSPHATE 'C10 H14 N5 O7 P'
ADP non-polymer ADENOSINE-5'-DIPHOSPHATE 'C10 H15 N5 O10 P2'
C RNA linking CYTIDINE-5'-MONOPHOSPHATE 'C9 H14 N3 O8 P'
G RNA linking GUANOSINE-5'-MONOPHOSPHATE 'C10 H14 N5 O8 P'
MG non-polymer 'MAGNESIUM ION' 'Mg 2'
U RNA linking URIDINE-5'-MONOPHOSPHATE 'C9 H13 N2 O9 P'
ZN non-polymer 'ZINC ION' 'Zn 2'
#
# COMPACT_ATOMS: atom_id res chain seq x y z
CA GLY A 4 -51.33 -2.04 8.63
C GLY A 4 -51.84 -0.62 8.31
N ASP A 5 -50.93 0.36 8.31
CA ASP A 5 -51.27 1.76 7.98
C ASP A 5 -49.96 2.55 7.79
N LEU A 6 -49.84 3.23 6.66
CA LEU A 6 -48.56 3.84 6.25
C LEU A 6 -48.22 5.11 7.04
N THR A 7 -47.45 4.93 8.12
CA THR A 7 -46.95 6.03 8.93
C THR A 7 -45.46 5.86 9.24
N LEU A 8 -44.82 6.97 9.61
CA LEU A 8 -43.43 6.97 10.04
C LEU A 8 -43.32 7.31 11.52
N ARG A 9 -42.25 6.83 12.14
CA ARG A 9 -41.86 7.24 13.48
C ARG A 9 -41.21 8.63 13.38
N ASP A 10 -41.06 9.31 14.50
CA ASP A 10 -40.56 10.69 14.50
C ASP A 10 -39.13 10.78 13.96
N TYR A 11 -38.26 9.86 14.39
CA TYR A 11 -36.91 9.80 13.86
C TYR A 11 -36.87 9.51 12.36
N GLN A 12 -37.80 8.68 11.89
CA GLN A 12 -37.94 8.37 10.45
C GLN A 12 -38.41 9.58 9.66
N MET A 13 -39.38 10.32 10.21
CA MET A 13 -39.90 11.54 9.58
C MET A 13 -38.83 12.64 9.50
N GLU A 14 -38.07 12.81 10.58
CA GLU A 14 -36.97 13.78 10.64
C GLU A 14 -35.98 13.65 9.47
N VAL A 15 -35.65 12.40 9.10
CA VAL A 15 -34.72 12.13 7.98
C VAL A 15 -35.44 12.16 6.63
N ALA A 16 -36.75 11.91 6.63
CA ALA A 16 -37.56 11.92 5.41
C ALA A 16 -37.91 13.32 4.90
N LYS A 17 -38.16 14.27 5.81
CA LYS A 17 -38.72 15.61 5.47
C LYS A 17 -38.17 16.29 4.20
N PRO A 18 -36.83 16.37 4.05
CA PRO A 18 -36.27 16.99 2.84
C PRO A 18 -36.59 16.24 1.53
N ALA A 19 -36.61 14.91 1.59
CA ALA A 19 -36.98 14.09 0.43
C ALA A 19 -38.46 14.28 0.05
N LEU A 20 -39.30 14.53 1.04
CA LEU A 20 -40.73 14.81 0.81
C LEU A 20 -40.96 16.18 0.16
N ASN A 21 -39.99 17.10 0.29
CA ASN A 21 -39.99 18.41 -0.39
C ASN A 21 -39.24 18.42 -1.74
N GLY A 22 -38.82 17.25 -2.24
CA GLY A 22 -38.21 17.13 -3.56
C GLY A 22 -36.70 17.33 -3.65
N GLU A 23 -36.00 17.31 -2.50
CA GLU A 23 -34.54 17.44 -2.48
C GLU A 23 -33.87 16.08 -2.58
N ASN A 24 -32.80 16.01 -3.37
CA ASN A 24 -31.91 14.84 -3.39
C ASN A 24 -31.22 14.72 -2.05
N ILE A 25 -31.33 13.57 -1.39
CA ILE A 25 -30.63 13.34 -0.13
C ILE A 25 -30.09 11.92 0.03
N ILE A 26 -29.14 11.78 0.95
CA ILE A 26 -28.71 10.50 1.49
C ILE A 26 -29.30 10.40 2.89
N ILE A 27 -29.93 9.26 3.18
CA ILE A 27 -30.49 8.98 4.51
C ILE A 27 -29.61 7.93 5.17
N CYS A 28 -29.09 8.26 6.37
CA CYS A 28 -28.26 7.37 7.17
C CYS A 28 -29.00 6.90 8.42
N LEU A 29 -29.57 5.71 8.34
CA LEU A 29 -30.29 5.08 9.45
C LEU A 29 -29.62 3.76 9.82
N PRO A 30 -29.41 3.49 11.13
CA PRO A 30 -28.83 2.20 11.55
C PRO A 30 -29.63 0.96 11.12
N THR A 31 -29.02 -0.22 11.27
CA THR A 31 -29.70 -1.49 11.01
C THR A 31 -30.82 -1.68 12.05
N GLY A 32 -31.98 -2.11 11.58
CA GLY A 32 -33.20 -2.21 12.40
C GLY A 32 -34.04 -0.94 12.54
N SER A 33 -33.68 0.13 11.81
CA SER A 33 -34.37 1.42 11.91
C SER A 33 -35.58 1.57 10.99
N GLY A 34 -35.72 0.67 10.02
CA GLY A 34 -36.80 0.73 9.04
C GLY A 34 -36.52 1.72 7.93
N LYS A 35 -35.35 1.60 7.31
CA LYS A 35 -34.97 2.46 6.17
C LYS A 35 -35.87 2.21 4.95
N THR A 36 -36.25 0.96 4.73
CA THR A 36 -37.10 0.60 3.57
C THR A 36 -38.54 1.09 3.76
N ARG A 37 -39.03 1.12 5.01
CA ARG A 37 -40.33 1.74 5.31
C ARG A 37 -40.35 3.23 4.98
N VAL A 38 -39.23 3.90 5.23
CA VAL A 38 -39.07 5.32 4.86
C VAL A 38 -39.10 5.48 3.33
N ALA A 39 -38.49 4.54 2.62
CA ALA A 39 -38.51 4.54 1.14
C ALA A 39 -39.92 4.40 0.56
N VAL A 40 -40.77 3.59 1.21
CA VAL A 40 -42.15 3.39 0.76
C VAL A 40 -43.02 4.62 1.03
N TYR A 41 -42.89 5.20 2.22
CA TYR A 41 -43.58 6.45 2.57
C TYR A 41 -43.23 7.58 1.60
N ILE A 42 -41.94 7.72 1.29
CA ILE A 42 -41.47 8.72 0.33
C ILE A 42 -41.95 8.42 -1.10
N THR A 43 -42.01 7.13 -1.45
CA THR A 43 -42.53 6.69 -2.75
C THR A 43 -44.02 7.03 -2.91
N LYS A 44 -44.83 6.66 -1.91
CA LYS A 44 -46.27 6.95 -1.94
C LYS A 44 -46.55 8.44 -1.95
N ASP A 45 -45.89 9.17 -1.05
CA ASP A 45 -46.00 10.63 -0.96
C ASP A 45 -45.67 11.30 -2.30
N HIS A 46 -44.54 10.89 -2.88
CA HIS A 46 -44.09 11.40 -4.18
C HIS A 46 -45.12 11.14 -5.28
N LEU A 47 -45.67 9.92 -5.33
CA LEU A 47 -46.63 9.54 -6.36
C LEU A 47 -48.01 10.18 -6.17
N ASP A 48 -48.47 10.27 -4.91
CA ASP A 48 -49.75 10.93 -4.60
C ASP A 48 -49.74 12.41 -4.99
N LYS A 49 -48.61 13.09 -4.78
CA LYS A 49 -48.44 14.49 -5.19
C LYS A 49 -48.45 14.66 -6.71
N LYS A 50 -47.84 13.71 -7.43
CA LYS A 50 -47.86 13.70 -8.89
C LYS A 50 -49.27 13.45 -9.48
N ARG A 51 -50.09 12.68 -8.76
CA ARG A 51 -51.50 12.48 -9.16
C ARG A 51 -52.30 13.78 -9.05
N LYS A 52 -52.22 14.41 -7.87
CA LYS A 52 -52.96 15.64 -7.57
C LYS A 52 -52.53 16.86 -8.40
N ALA A 53 -51.32 16.81 -8.97
CA ALA A 53 -50.85 17.81 -9.94
C ALA A 53 -51.07 17.39 -11.40
N SER A 54 -51.83 16.32 -11.63
CA SER A 54 -52.06 15.76 -12.98
C SER A 54 -50.78 15.54 -13.78
N GLU A 55 -49.75 15.03 -13.10
CA GLU A 55 -48.42 14.82 -13.69
C GLU A 55 -48.06 13.34 -13.76
N GLN A 56 -47.07 13.02 -14.59
CA GLN A 56 -46.54 11.66 -14.71
C GLN A 56 -45.59 11.34 -13.54
N GLY A 57 -46.03 10.42 -12.67
CA GLY A 57 -45.20 9.94 -11.56
C GLY A 57 -44.65 8.56 -11.86
N LYS A 58 -43.37 8.35 -11.56
CA LYS A 58 -42.74 7.04 -11.76
C LYS A 58 -41.46 6.88 -10.92
N VAL A 59 -41.37 5.75 -10.21
CA VAL A 59 -40.33 5.50 -9.23
C VAL A 59 -39.60 4.20 -9.57
N ILE A 60 -38.27 4.23 -9.50
CA ILE A 60 -37.47 3.00 -9.60
C ILE A 60 -36.65 2.83 -8.33
N VAL A 61 -36.68 1.62 -7.79
CA VAL A 61 -35.94 1.27 -6.58
C VAL A 61 -34.86 0.29 -7.01
N LEU A 62 -33.61 0.64 -6.73
CA LEU A 62 -32.45 -0.12 -7.21
C LEU A 62 -31.80 -0.86 -6.05
N VAL A 63 -31.66 -2.18 -6.18
CA VAL A 63 -31.01 -3.02 -5.17
C VAL A 63 -29.76 -3.70 -5.75
N ASN A 64 -28.93 -4.25 -4.86
CA ASN A 64 -27.65 -4.87 -5.26
C ASN A 64 -27.58 -6.39 -5.12
N LYS A 65 -28.63 -7.01 -4.59
CA LYS A 65 -28.78 -8.47 -4.54
C LYS A 65 -30.17 -8.83 -5.05
N VAL A 66 -30.28 -10.00 -5.69
CA VAL A 66 -31.55 -10.44 -6.31
C VAL A 66 -32.66 -10.70 -5.28
N PRO A 67 -32.36 -11.45 -4.19
CA PRO A 67 -33.38 -11.70 -3.17
C PRO A 67 -34.03 -10.44 -2.57
N LEU A 68 -33.31 -9.31 -2.58
CA LEU A 68 -33.85 -8.02 -2.09
C LEU A 68 -35.01 -7.46 -2.92
N VAL A 69 -35.11 -7.87 -4.19
CA VAL A 69 -36.23 -7.48 -5.05
C VAL A 69 -37.54 -8.04 -4.49
N GLU A 70 -37.56 -9.36 -4.31
CA GLU A 70 -38.69 -10.08 -3.71
C GLU A 70 -38.95 -9.64 -2.25
N GLN A 71 -37.88 -9.40 -1.50
CA GLN A 71 -37.99 -9.03 -0.09
C GLN A 71 -38.63 -7.65 0.12
N HIS A 72 -38.22 -6.67 -0.68
CA HIS A 72 -38.80 -5.32 -0.60
C HIS A 72 -40.26 -5.29 -1.08
N LEU A 73 -40.61 -6.14 -2.04
CA LEU A 73 -42.01 -6.30 -2.48
C LEU A 73 -42.91 -6.81 -1.36
N ARG A 74 -42.57 -7.98 -0.80
CA ARG A 74 -43.39 -8.61 0.24
C ARG A 74 -43.55 -7.74 1.48
N LYS A 75 -42.42 -7.40 2.09
CA LYS A 75 -42.41 -6.78 3.43
C LYS A 75 -42.81 -5.32 3.47
N GLU A 76 -42.61 -4.57 2.37
CA GLU A 76 -42.84 -3.12 2.36
C GLU A 76 -43.69 -2.62 1.19
N PHE A 77 -43.20 -2.80 -0.03
CA PHE A 77 -43.75 -2.10 -1.19
C PHE A 77 -45.16 -2.53 -1.66
N ASN A 78 -45.44 -3.84 -1.73
CA ASN A 78 -46.79 -4.29 -2.15
C ASN A 78 -47.92 -4.01 -1.14
N PRO A 79 -47.74 -4.38 0.15
CA PRO A 79 -48.77 -4.10 1.16
C PRO A 79 -49.38 -2.69 1.13
N PHE A 80 -48.55 -1.67 0.95
CA PHE A 80 -48.98 -0.26 0.98
C PHE A 80 -49.26 0.39 -0.38
N LEU A 81 -48.73 -0.15 -1.48
CA LEU A 81 -48.87 0.46 -2.82
C LEU A 81 -49.66 -0.34 -3.86
N LYS A 82 -49.79 -1.65 -3.69
CA LYS A 82 -50.33 -2.54 -4.74
C LYS A 82 -51.76 -2.18 -5.17
N HIS A 83 -52.60 -1.78 -4.23
CA HIS A 83 -53.99 -1.42 -4.52
C HIS A 83 -54.14 -0.04 -5.17
N TRP A 84 -53.13 0.83 -5.01
CA TRP A 84 -53.17 2.20 -5.54
C TRP A 84 -52.37 2.41 -6.82
N TYR A 85 -51.24 1.70 -6.95
CA TYR A 85 -50.36 1.84 -8.12
C TYR A 85 -49.94 0.49 -8.68
N GLN A 86 -49.41 0.51 -9.90
CA GLN A 86 -48.84 -0.67 -10.52
C GLN A 86 -47.40 -0.86 -10.02
N VAL A 87 -47.13 -2.03 -9.44
CA VAL A 87 -45.87 -2.33 -8.76
C VAL A 87 -45.31 -3.64 -9.29
N ILE A 88 -44.00 -3.67 -9.57
CA ILE A 88 -43.36 -4.87 -10.10
C ILE A 88 -41.91 -5.02 -9.62
N GLY A 89 -41.53 -6.25 -9.30
CA GLY A 89 -40.16 -6.62 -8.98
C GLY A 89 -39.56 -7.37 -10.15
N LEU A 90 -38.32 -7.04 -10.51
CA LEU A 90 -37.69 -7.55 -11.73
C LEU A 90 -36.23 -7.92 -11.48
N SER A 91 -35.74 -8.92 -12.21
CA SER A 91 -34.37 -9.44 -12.04
C SER A 91 -33.84 -10.12 -13.31
N GLY A 92 -32.53 -10.33 -13.35
CA GLY A 92 -31.89 -11.13 -14.39
C GLY A 92 -32.25 -12.61 -14.31
N ASP A 93 -32.49 -13.09 -13.09
CA ASP A 93 -32.87 -14.50 -12.85
C ASP A 93 -34.24 -14.83 -13.44
N SER A 94 -35.19 -13.90 -13.28
CA SER A 94 -36.54 -14.08 -13.85
C SER A 94 -36.54 -13.79 -15.34
N GLU A 95 -36.78 -14.81 -16.16
CA GLU A 95 -36.98 -14.65 -17.60
C GLU A 95 -38.36 -14.07 -17.85
N LEU A 96 -38.43 -12.75 -17.93
CA LEU A 96 -39.68 -12.05 -18.24
C LEU A 96 -39.82 -12.01 -19.77
N LYS A 97 -41.04 -12.18 -20.25
CA LYS A 97 -41.33 -12.11 -21.70
C LYS A 97 -41.58 -10.67 -22.20
N ILE A 98 -41.58 -9.71 -21.29
CA ILE A 98 -41.72 -8.29 -21.61
C ILE A 98 -40.32 -7.68 -21.64
N SER A 99 -40.10 -6.71 -22.53
CA SER A 99 -38.86 -5.93 -22.55
C SER A 99 -38.89 -4.86 -21.46
N PHE A 100 -37.72 -4.38 -21.03
CA PHE A 100 -37.65 -3.35 -19.97
C PHE A 100 -38.35 -2.04 -20.35
N PRO A 101 -38.13 -1.54 -21.59
CA PRO A 101 -38.86 -0.32 -22.00
C PRO A 101 -40.38 -0.39 -21.84
N GLU A 102 -40.99 -1.56 -22.12
CA GLU A 102 -42.43 -1.76 -21.92
C GLU A 102 -42.78 -1.84 -20.43
N VAL A 103 -41.96 -2.55 -19.64
CA VAL A 103 -42.14 -2.59 -18.18
C VAL A 103 -42.18 -1.16 -17.59
N VAL A 104 -41.39 -0.26 -18.17
CA VAL A 104 -41.41 1.15 -17.80
C VAL A 104 -42.75 1.80 -18.17
N LYS A 105 -43.26 1.57 -19.38
CA LYS A 105 -44.59 2.12 -19.76
C LYS A 105 -45.74 1.60 -18.89
N ARG A 106 -45.70 0.32 -18.50
CA ARG A 106 -46.85 -0.31 -17.83
C ARG A 106 -46.89 -0.08 -16.30
N TYR A 107 -45.74 0.12 -15.66
CA TYR A 107 -45.66 0.15 -14.18
C TYR A 107 -45.19 1.48 -13.60
N ASP A 108 -45.66 1.75 -12.38
CA ASP A 108 -45.40 3.00 -11.64
C ASP A 108 -44.22 2.85 -10.68
N VAL A 109 -44.12 1.69 -10.06
CA VAL A 109 -43.05 1.38 -9.10
C VAL A 109 -42.31 0.13 -9.59
N ILE A 110 -41.09 0.32 -10.05
CA ILE A 110 -40.23 -0.77 -10.51
C ILE A 110 -39.13 -1.02 -9.47
N ILE A 111 -39.09 -2.22 -8.91
CA ILE A 111 -38.02 -2.65 -8.02
C ILE A 111 -37.17 -3.64 -8.80
N CYS A 112 -35.88 -3.33 -9.00
CA CYS A 112 -35.00 -4.23 -9.73
C CYS A 112 -33.55 -4.11 -9.30
N THR A 113 -32.76 -5.10 -9.73
CA THR A 113 -31.32 -5.04 -9.58
C THR A 113 -30.79 -3.97 -10.53
N ALA A 114 -29.72 -3.30 -10.13
CA ALA A 114 -29.22 -2.13 -10.86
C ALA A 114 -28.84 -2.40 -12.32
N GLN A 115 -28.29 -3.58 -12.59
CA GLN A 115 -27.84 -3.94 -13.95
C GLN A 115 -28.98 -4.08 -14.98
N ILE A 116 -30.21 -4.32 -14.51
CA ILE A 116 -31.38 -4.30 -15.39
C ILE A 116 -31.64 -2.89 -15.96
N LEU A 117 -31.42 -1.86 -15.14
CA LEU A 117 -31.53 -0.49 -15.62
C LEU A 117 -30.38 -0.15 -16.57
N GLU A 118 -29.14 -0.39 -16.13
CA GLU A 118 -27.95 -0.09 -16.95
C GLU A 118 -27.93 -0.81 -18.30
N ASN A 119 -28.36 -2.07 -18.33
CA ASN A 119 -28.46 -2.81 -19.60
C ASN A 119 -29.32 -2.08 -20.63
N SER A 120 -30.42 -1.49 -20.17
CA SER A 120 -31.33 -0.72 -21.00
C SER A 120 -30.79 0.66 -21.37
N LEU A 121 -30.08 1.30 -20.44
CA LEU A 121 -29.48 2.63 -20.71
C LEU A 121 -28.35 2.54 -21.74
N LEU A 122 -27.50 1.52 -21.58
CA LEU A 122 -26.50 1.16 -22.59
C LEU A 122 -27.09 0.71 -23.92
N ASN A 123 -28.22 0.01 -23.86
CA ASN A 123 -28.73 -0.85 -24.94
C ASN A 123 -27.78 -2.01 -25.23
N ALA A 124 -26.71 -1.72 -25.98
CA ALA A 124 -25.90 -2.70 -26.72
C ALA A 124 -26.64 -3.08 -28.01
N THR A 125 -27.76 -3.82 -27.89
CA THR A 125 -28.59 -4.20 -29.04
C THR A 125 -29.72 -3.18 -29.26
N GLU A 126 -29.65 -2.46 -30.39
CA GLU A 126 -30.56 -1.35 -30.69
C GLU A 126 -31.54 -1.71 -31.82
N GLU A 129 -37.08 2.64 -29.18
CA GLU A 129 -37.01 3.74 -28.21
C GLU A 129 -36.59 3.26 -26.82
N SER A 130 -35.42 3.72 -26.38
CA SER A 130 -34.77 3.24 -25.16
C SER A 130 -35.42 3.77 -23.88
N VAL A 131 -34.89 3.31 -22.75
CA VAL A 131 -35.15 3.90 -21.44
C VAL A 131 -34.08 4.97 -21.19
N ARG A 132 -34.50 6.06 -20.57
CA ARG A 132 -33.59 7.10 -20.08
C ARG A 132 -33.98 7.39 -18.63
N LEU A 133 -33.08 8.05 -17.90
CA LEU A 133 -33.33 8.40 -16.50
C LEU A 133 -34.43 9.46 -16.34
N SER A 134 -34.64 10.27 -17.39
CA SER A 134 -35.75 11.22 -17.45
C SER A 134 -37.15 10.59 -17.40
N ASP A 135 -37.26 9.32 -17.77
CA ASP A 135 -38.53 8.56 -17.66
C ASP A 135 -39.01 8.45 -16.20
N PHE A 136 -38.08 8.39 -15.26
CA PHE A 136 -38.38 8.23 -13.84
C PHE A 136 -38.33 9.59 -13.15
N SER A 137 -39.30 9.84 -12.28
CA SER A 137 -39.34 11.07 -11.50
C SER A 137 -38.58 10.93 -10.16
N LEU A 138 -38.49 9.70 -9.64
CA LEU A 138 -37.72 9.41 -8.43
C LEU A 138 -36.88 8.14 -8.60
N ILE A 139 -35.62 8.20 -8.21
CA ILE A 139 -34.74 7.02 -8.20
C ILE A 139 -34.24 6.80 -6.78
N ILE A 140 -34.55 5.63 -6.22
CA ILE A 140 -34.11 5.25 -4.87
C ILE A 140 -33.03 4.18 -4.99
N ILE A 141 -31.89 4.41 -4.32
CA ILE A 141 -30.76 3.49 -4.36
C ILE A 141 -30.60 2.89 -2.98
N ASP A 142 -30.91 1.59 -2.87
CA ASP A 142 -30.70 0.84 -1.64
C ASP A 142 -29.21 0.60 -1.47
N GLN A 143 -28.72 0.68 -0.24
CA GLN A 143 -27.32 0.37 0.08
C GLN A 143 -26.37 1.29 -0.71
N CYS A 144 -26.63 2.59 -0.60
CA CYS A 144 -26.04 3.61 -1.50
C CYS A 144 -24.55 3.92 -1.27
N HIS A 145 -23.93 3.28 -0.28
CA HIS A 145 -22.47 3.35 -0.10
C HIS A 145 -21.65 2.64 -1.20
N HIS A 146 -22.31 1.81 -2.00
CA HIS A 146 -21.68 1.24 -3.21
C HIS A 146 -21.70 2.18 -4.42
N THR A 147 -22.34 3.34 -4.29
CA THR A 147 -22.34 4.36 -5.34
C THR A 147 -20.96 5.03 -5.41
N GLN A 148 -20.01 4.25 -5.92
CA GLN A 148 -18.59 4.50 -5.72
C GLN A 148 -17.78 3.83 -6.84
N LYS A 149 -16.65 4.43 -7.19
CA LYS A 149 -15.70 3.86 -8.17
C LYS A 149 -16.42 3.39 -9.44
N GLU A 150 -16.21 2.15 -9.88
CA GLU A 150 -16.79 1.63 -11.13
C GLU A 150 -18.00 0.71 -10.91
N GLY A 151 -18.69 0.88 -9.78
CA GLY A 151 -19.91 0.13 -9.49
C GLY A 151 -21.05 0.50 -10.42
N VAL A 152 -22.06 -0.35 -10.48
CA VAL A 152 -23.20 -0.16 -11.38
C VAL A 152 -23.99 1.08 -10.95
N TYR A 153 -24.16 1.23 -9.63
CA TYR A 153 -24.77 2.43 -9.04
C TYR A 153 -24.11 3.71 -9.53
N ASN A 154 -22.78 3.75 -9.47
CA ASN A 154 -22.05 4.95 -9.86
C ASN A 154 -22.08 5.24 -11.36
N ASN A 155 -22.15 4.19 -12.19
CA ASN A 155 -22.34 4.33 -13.64
C ASN A 155 -23.72 4.87 -14.00
N ILE A 156 -24.75 4.45 -13.27
CA ILE A 156 -26.10 5.01 -13.42
C ILE A 156 -26.07 6.50 -13.05
N MET A 157 -25.46 6.82 -11.92
CA MET A 157 -25.38 8.21 -11.45
C MET A 157 -24.43 9.09 -12.25
N ARG A 158 -23.44 8.50 -12.92
CA ARG A 158 -22.58 9.28 -13.83
C ARG A 158 -23.33 9.73 -15.09
N ARG A 159 -24.27 8.91 -15.56
CA ARG A 159 -25.20 9.33 -16.63
C ARG A 159 -26.11 10.46 -16.17
N TYR A 160 -26.60 10.36 -14.93
CA TYR A 160 -27.42 11.41 -14.33
C TYR A 160 -26.72 12.78 -14.25
N LEU A 161 -25.46 12.76 -13.83
CA LEU A 161 -24.63 13.98 -13.76
C LEU A 161 -24.26 14.52 -15.14
N LYS A 162 -24.04 13.62 -16.10
CA LYS A 162 -23.79 14.01 -17.49
C LYS A 162 -25.04 14.67 -18.10
N GLU A 163 -26.22 14.14 -17.76
CA GLU A 163 -27.50 14.74 -18.15
C GLU A 163 -27.83 16.05 -17.40
N LYS A 164 -27.31 16.20 -16.19
CA LYS A 164 -27.43 17.46 -15.43
C LYS A 164 -26.62 18.60 -16.06
N ILE A 165 -25.37 18.31 -16.46
CA ILE A 165 -24.50 19.30 -17.11
C ILE A 165 -25.02 19.67 -18.51
N LYS A 166 -25.48 18.68 -19.27
CA LYS A 166 -26.13 18.92 -20.57
C LYS A 166 -27.43 19.75 -20.48
N ASN A 167 -28.10 19.69 -19.32
CA ASN A 167 -29.32 20.48 -19.08
C ASN A 167 -29.05 21.99 -19.03
N ARG A 168 -27.93 22.39 -18.43
CA ARG A 168 -27.53 23.80 -18.40
C ARG A 168 -27.11 24.35 -19.77
N LYS A 169 -26.61 23.48 -20.65
CA LYS A 169 -26.30 23.86 -22.05
C LYS A 169 -27.55 24.19 -22.85
N GLN A 170 -28.67 23.51 -22.55
CA GLN A 170 -29.94 23.72 -23.24
C GLN A 170 -30.86 24.78 -22.59
N ALA A 171 -30.46 25.31 -21.42
CA ALA A 171 -31.11 26.48 -20.83
C ALA A 171 -30.67 27.74 -21.59
N LYS A 172 -29.35 27.90 -21.72
CA LYS A 172 -28.76 28.97 -22.52
C LYS A 172 -28.94 28.74 -24.03
N GLU A 173 -28.96 27.47 -24.44
CA GLU A 173 -29.14 27.05 -25.84
C GLU A 173 -27.99 27.50 -26.74
N LEU A 177 -34.78 21.60 -21.99
CA LEU A 177 -35.07 21.50 -20.56
C LEU A 177 -35.56 20.08 -20.23
N ILE A 178 -34.62 19.13 -20.24
CA ILE A 178 -34.94 17.69 -20.09
C ILE A 178 -35.11 17.34 -18.60
N PRO A 179 -36.18 16.58 -18.25
CA PRO A 179 -36.49 16.37 -16.83
C PRO A 179 -35.50 15.46 -16.12
N GLN A 180 -35.14 15.83 -14.88
CA GLN A 180 -34.18 15.06 -14.08
C GLN A 180 -34.87 14.45 -12.86
N PRO A 181 -34.64 13.15 -12.59
CA PRO A 181 -35.26 12.51 -11.43
C PRO A 181 -34.74 13.03 -10.09
N GLN A 182 -35.59 13.00 -9.07
CA GLN A 182 -35.16 13.14 -7.69
C GLN A 182 -34.39 11.86 -7.32
N ILE A 183 -33.40 12.00 -6.44
CA ILE A 183 -32.54 10.87 -6.06
C ILE A 183 -32.48 10.71 -4.54
N LEU A 184 -32.70 9.48 -4.06
CA LEU A 184 -32.70 9.15 -2.64
C LEU A 184 -31.75 7.99 -2.39
N GLY A 185 -30.72 8.22 -1.58
CA GLY A 185 -29.78 7.18 -1.17
C GLY A 185 -30.11 6.69 0.23
N LEU A 186 -30.07 5.37 0.44
CA LEU A 186 -30.34 4.77 1.74
C LEU A 186 -29.18 3.88 2.16
N THR A 187 -28.65 4.13 3.36
CA THR A 187 -27.54 3.34 3.91
C THR A 187 -27.53 3.39 5.44
N ALA A 188 -26.77 2.48 6.06
CA ALA A 188 -26.49 2.53 7.51
C ALA A 188 -25.14 3.18 7.81
N SER A 189 -24.21 3.10 6.87
CA SER A 189 -22.92 3.75 6.99
C SER A 189 -22.34 4.00 5.59
N PRO A 190 -22.16 5.28 5.19
CA PRO A 190 -21.54 5.55 3.88
C PRO A 190 -20.09 5.09 3.81
N GLY A 191 -19.42 5.01 4.96
CA GLY A 191 -18.08 4.49 5.05
C GLY A 191 -17.04 5.57 5.10
N VAL A 192 -15.78 5.14 5.09
CA VAL A 192 -14.61 6.01 5.16
C VAL A 192 -13.65 5.81 3.96
N GLY A 193 -13.90 4.80 3.13
CA GLY A 193 -13.11 4.55 1.92
C GLY A 193 -11.67 4.17 2.17
N GLY A 194 -11.43 3.47 3.29
CA GLY A 194 -10.08 3.06 3.68
C GLY A 194 -9.17 4.16 4.23
N ALA A 195 -9.74 5.32 4.55
CA ALA A 195 -8.97 6.46 5.06
C ALA A 195 -8.38 6.19 6.44
N ARG A 196 -7.18 6.72 6.68
CA ARG A 196 -6.54 6.70 7.99
C ARG A 196 -6.47 8.08 8.64
N SER A 197 -6.95 9.11 7.93
CA SER A 197 -7.02 10.48 8.44
C SER A 197 -8.42 11.06 8.30
N ASN A 198 -8.75 12.02 9.18
CA ASN A 198 -10.06 12.68 9.19
C ASN A 198 -10.32 13.50 7.93
N SER A 199 -9.26 14.08 7.36
CA SER A 199 -9.32 14.77 6.07
C SER A 199 -9.80 13.84 4.95
N LYS A 200 -9.17 12.68 4.84
CA LYS A 200 -9.55 11.69 3.81
C LYS A 200 -10.90 11.00 4.10
N ALA A 201 -11.27 10.93 5.37
CA ALA A 201 -12.62 10.48 5.78
C ALA A 201 -13.69 11.44 5.27
N GLU A 202 -13.47 12.74 5.51
CA GLU A 202 -14.37 13.80 5.04
C GLU A 202 -14.39 13.93 3.51
N GLU A 203 -13.27 13.65 2.87
CA GLU A 203 -13.20 13.60 1.40
C GLU A 203 -14.10 12.48 0.85
N HIS A 204 -14.05 11.31 1.48
CA HIS A 204 -14.86 10.16 1.07
C HIS A 204 -16.37 10.40 1.24
N ILE A 205 -16.77 11.08 2.31
CA ILE A 205 -18.17 11.39 2.57
C ILE A 205 -18.72 12.34 1.49
N LEU A 206 -17.94 13.38 1.18
CA LEU A 206 -18.29 14.31 0.12
C LEU A 206 -18.33 13.66 -1.27
N LYS A 207 -17.45 12.69 -1.52
CA LYS A 207 -17.47 11.94 -2.79
C LYS A 207 -18.77 11.14 -2.97
N ILE A 208 -19.22 10.48 -1.89
CA ILE A 208 -20.46 9.71 -1.92
C ILE A 208 -21.65 10.67 -2.09
N CYS A 209 -21.65 11.75 -1.32
CA CYS A 209 -22.60 12.87 -1.51
C CYS A 209 -22.61 13.39 -2.95
N ALA A 210 -21.42 13.58 -3.50
CA ALA A 210 -21.26 14.04 -4.88
C ALA A 210 -21.79 13.04 -5.91
N ASN A 211 -21.52 11.75 -5.71
CA ASN A 211 -22.00 10.70 -6.62
C ASN A 211 -23.52 10.55 -6.64
N LEU A 212 -24.17 10.76 -5.49
CA LEU A 212 -25.64 10.69 -5.41
C LEU A 212 -26.33 12.06 -5.62
N ASP A 213 -25.54 13.08 -5.98
CA ASP A 213 -26.01 14.45 -6.19
C ASP A 213 -26.84 14.96 -5.02
N ALA A 214 -26.39 14.68 -3.81
CA ALA A 214 -27.14 14.99 -2.59
C ALA A 214 -27.09 16.48 -2.24
N CYS A 215 -28.25 17.07 -1.99
CA CYS A 215 -28.33 18.40 -1.36
C CYS A 215 -27.81 18.35 0.06
N ARG A 216 -28.05 17.25 0.75
CA ARG A 216 -27.60 17.08 2.14
C ARG A 216 -27.59 15.61 2.59
N ILE A 217 -26.69 15.30 3.53
CA ILE A 217 -26.63 13.97 4.14
C ILE A 217 -27.38 14.01 5.46
N MET A 218 -28.22 13.01 5.68
CA MET A 218 -29.31 13.11 6.64
C MET A 218 -29.21 12.03 7.72
N THR A 219 -29.11 12.48 8.99
CA THR A 219 -29.04 11.59 10.16
C THR A 219 -30.00 12.07 11.24
N VAL A 220 -30.34 11.16 12.15
CA VAL A 220 -31.25 11.43 13.25
C VAL A 220 -30.49 12.20 14.34
N LYS A 221 -31.08 13.31 14.79
CA LYS A 221 -30.50 14.18 15.82
C LYS A 221 -31.52 14.68 16.84
N GLU A 222 -32.60 15.31 16.37
CA GLU A 222 -33.72 15.74 17.23
C GLU A 222 -34.34 14.57 18.03
N HIS A 223 -34.59 13.46 17.35
CA HIS A 223 -35.18 12.26 17.98
C HIS A 223 -34.15 11.14 18.09
N ALA A 224 -32.97 11.47 18.61
CA ALA A 224 -31.89 10.51 18.80
C ALA A 224 -32.19 9.50 19.92
N SER A 225 -32.86 9.96 20.98
CA SER A 225 -33.26 9.10 22.09
C SER A 225 -34.26 8.02 21.66
N GLN A 226 -35.23 8.40 20.83
CA GLN A 226 -36.22 7.46 20.30
C GLN A 226 -35.56 6.37 19.45
N LEU A 227 -34.60 6.77 18.61
CA LEU A 227 -33.85 5.83 17.77
C LEU A 227 -33.02 4.85 18.59
N LYS A 228 -32.38 5.35 19.66
CA LYS A 228 -31.60 4.49 20.55
C LYS A 228 -32.45 3.47 21.32
N ASN A 229 -33.71 3.82 21.62
CA ASN A 229 -34.68 2.85 22.17
C ASN A 229 -35.09 1.77 21.16
N GLN A 230 -35.23 2.17 19.90
CA GLN A 230 -35.63 1.24 18.82
C GLN A 230 -34.57 0.18 18.52
N VAL A 231 -33.32 0.61 18.38
CA VAL A 231 -32.20 -0.30 18.07
C VAL A 231 -31.17 -0.27 19.20
N LYS A 232 -31.04 -1.39 19.92
CA LYS A 232 -30.07 -1.53 20.99
C LYS A 232 -28.80 -2.21 20.49
N GLU A 233 -27.65 -1.60 20.76
CA GLU A 233 -26.36 -2.14 20.35
C GLU A 233 -25.96 -3.34 21.22
N PRO A 234 -25.24 -4.31 20.64
CA PRO A 234 -24.75 -5.44 21.43
C PRO A 234 -23.55 -5.08 22.30
N PHE A 235 -23.27 -5.90 23.31
CA PHE A 235 -22.08 -5.74 24.15
C PHE A 235 -20.88 -6.24 23.37
N LYS A 236 -19.79 -5.47 23.36
CA LYS A 236 -18.60 -5.82 22.57
C LYS A 236 -17.65 -6.65 23.43
N LYS A 237 -17.06 -7.68 22.83
CA LYS A 237 -15.98 -8.44 23.45
C LYS A 237 -14.88 -8.72 22.44
N THR A 238 -13.65 -8.85 22.91
CA THR A 238 -12.52 -9.31 22.11
C THR A 238 -11.87 -10.46 22.85
N VAL A 239 -12.10 -11.68 22.37
CA VAL A 239 -11.54 -12.89 22.96
C VAL A 239 -10.26 -13.24 22.22
N ILE A 240 -9.11 -13.00 22.86
CA ILE A 240 -7.80 -13.20 22.24
C ILE A 240 -7.22 -14.56 22.67
N ALA A 241 -6.46 -15.18 21.77
CA ALA A 241 -5.75 -16.43 22.02
C ALA A 241 -4.27 -16.27 21.64
N ASP A 242 -3.37 -16.28 22.62
CA ASP A 242 -1.94 -16.06 22.37
C ASP A 242 -1.24 -17.23 21.68
N ASP A 243 -1.80 -18.44 21.83
CA ASP A 243 -1.32 -19.64 21.15
C ASP A 243 0.15 -19.94 21.49
N LYS A 244 0.40 -20.18 22.78
CA LYS A 244 1.69 -20.68 23.25
C LYS A 244 1.69 -22.23 23.39
N ARG A 245 0.60 -22.87 22.98
CA ARG A 245 0.56 -24.33 22.77
C ARG A 245 1.70 -24.79 21.86
N ARG A 246 2.30 -25.94 22.19
CA ARG A 246 3.21 -26.59 21.24
C ARG A 246 2.36 -27.10 20.07
N ASP A 247 2.95 -27.12 18.87
CA ASP A 247 2.22 -27.34 17.61
C ASP A 247 2.95 -28.37 16.75
N PRO A 248 3.00 -29.64 17.21
CA PRO A 248 3.76 -30.66 16.45
C PRO A 248 3.25 -30.92 15.02
N PHE A 249 1.98 -30.61 14.74
CA PHE A 249 1.47 -30.69 13.37
C PHE A 249 2.18 -29.68 12.45
N ARG A 250 2.31 -28.44 12.90
CA ARG A 250 3.11 -27.43 12.18
C ARG A 250 4.58 -27.86 12.01
N GLU A 251 5.15 -28.41 13.07
CA GLU A 251 6.57 -28.82 13.05
C GLU A 251 6.90 -29.92 12.04
N ARG A 252 6.07 -30.96 12.01
CA ARG A 252 6.28 -32.10 11.10
C ARG A 252 5.94 -31.74 9.65
N ILE A 253 4.89 -30.95 9.43
CA ILE A 253 4.55 -30.43 8.08
C ILE A 253 5.71 -29.58 7.54
N ILE A 254 6.33 -28.75 8.39
CA ILE A 254 7.48 -27.94 7.97
C ILE A 254 8.66 -28.83 7.55
N GLU A 255 8.88 -29.93 8.26
CA GLU A 255 9.93 -30.89 7.90
C GLU A 255 9.68 -31.52 6.52
N ILE A 256 8.40 -31.78 6.20
CA ILE A 256 8.04 -32.32 4.88
C ILE A 256 8.29 -31.28 3.80
N MET A 257 7.89 -30.04 4.06
CA MET A 257 8.13 -28.93 3.12
C MET A 257 9.62 -28.70 2.90
N GLN A 258 10.42 -28.74 3.97
CA GLN A 258 11.89 -28.55 3.88
C GLN A 258 12.57 -29.63 3.04
N ASP A 259 12.14 -30.88 3.23
CA ASP A 259 12.57 -32.01 2.40
C ASP A 259 12.27 -31.77 0.91
N ILE A 260 11.05 -31.33 0.60
CA ILE A 260 10.63 -31.06 -0.79
C ILE A 260 11.46 -29.93 -1.42
N GLN A 261 11.73 -28.88 -0.65
CA GLN A 261 12.54 -27.75 -1.13
C GLN A 261 13.97 -28.13 -1.52
N LYS A 262 14.57 -29.07 -0.79
CA LYS A 262 15.91 -29.60 -1.13
C LYS A 262 15.92 -30.46 -2.40
N TYR A 263 14.82 -31.17 -2.66
CA TYR A 263 14.68 -31.98 -3.87
C TYR A 263 14.69 -31.11 -5.13
N CYS A 264 13.78 -30.14 -5.19
CA CYS A 264 13.65 -29.25 -6.35
C CYS A 264 14.64 -28.08 -6.34
N GLN A 265 15.23 -27.80 -5.18
CA GLN A 265 16.17 -26.69 -5.00
C GLN A 265 15.48 -25.31 -5.12
N LEU A 266 14.22 -25.25 -4.70
CA LEU A 266 13.48 -23.99 -4.61
C LEU A 266 13.44 -23.56 -3.15
N TYR A 267 14.01 -22.39 -2.85
CA TYR A 267 14.10 -21.91 -1.46
C TYR A 267 13.40 -20.55 -1.32
N PRO A 268 12.55 -20.39 -0.29
CA PRO A 268 11.81 -19.15 -0.08
C PRO A 268 12.61 -18.07 0.64
N LYS A 269 12.17 -16.82 0.48
CA LYS A 269 12.65 -15.71 1.29
C LYS A 269 11.57 -15.30 2.31
N SER A 270 10.83 -16.29 2.83
CA SER A 270 9.58 -16.04 3.53
C SER A 270 9.19 -17.22 4.43
N GLU A 271 8.48 -16.93 5.52
CA GLU A 271 8.11 -17.94 6.52
C GLU A 271 7.09 -18.95 5.99
N PHE A 272 7.18 -20.17 6.50
CA PHE A 272 6.24 -21.24 6.15
C PHE A 272 4.83 -20.91 6.64
N GLY A 273 3.83 -21.24 5.82
CA GLY A 273 2.43 -21.05 6.20
C GLY A 273 1.92 -19.61 6.17
N SER A 274 2.66 -18.73 5.51
CA SER A 274 2.32 -17.31 5.45
C SER A 274 1.88 -16.94 4.04
N GLN A 275 1.33 -15.74 3.91
CA GLN A 275 0.82 -15.26 2.64
C GLN A 275 1.89 -14.99 1.57
N PRO A 276 3.02 -14.35 1.96
CA PRO A 276 4.10 -14.22 0.96
C PRO A 276 4.71 -15.54 0.46
N TYR A 277 4.68 -16.59 1.29
CA TYR A 277 5.08 -17.93 0.83
C TYR A 277 4.15 -18.42 -0.28
N GLU A 278 2.85 -18.25 -0.07
CA GLU A 278 1.82 -18.61 -1.04
C GLU A 278 2.01 -17.85 -2.38
N GLN A 279 2.35 -16.57 -2.31
CA GLN A 279 2.63 -15.79 -3.52
C GLN A 279 3.85 -16.34 -4.25
N TRP A 280 4.93 -16.50 -3.51
CA TRP A 280 6.19 -17.02 -4.04
C TRP A 280 6.02 -18.38 -4.71
N VAL A 281 5.38 -19.32 -4.01
CA VAL A 281 5.25 -20.70 -4.50
C VAL A 281 4.37 -20.79 -5.75
N ILE A 282 3.34 -19.94 -5.83
CA ILE A 282 2.49 -19.83 -7.03
C ILE A 282 3.25 -19.19 -8.19
N ARG A 283 3.98 -18.10 -7.92
CA ARG A 283 4.89 -17.50 -8.92
C ARG A 283 5.89 -18.51 -9.45
N GLU A 284 6.42 -19.34 -8.56
CA GLU A 284 7.42 -20.35 -8.90
C GLU A 284 6.82 -21.49 -9.73
N GLU A 285 5.55 -21.82 -9.48
CA GLU A 285 4.80 -22.79 -10.28
C GLU A 285 4.58 -22.27 -11.71
N ARG A 286 4.22 -21.00 -11.82
CA ARG A 286 4.01 -20.37 -13.14
C ARG A 286 5.31 -20.30 -13.94
N ARG A 287 6.39 -19.84 -13.32
CA ARG A 287 7.70 -19.73 -13.98
C ARG A 287 8.15 -21.08 -14.53
N ALA A 288 8.19 -22.08 -13.64
CA ALA A 288 8.66 -23.42 -14.00
C ALA A 288 7.88 -24.04 -15.18
N ALA A 289 6.57 -23.78 -15.23
CA ALA A 289 5.73 -24.27 -16.34
C ALA A 289 6.13 -23.64 -17.67
N LYS A 290 6.28 -22.31 -17.69
CA LYS A 290 6.77 -21.59 -18.88
C LYS A 290 8.11 -22.12 -19.39
N GLU A 291 9.04 -22.34 -18.46
CA GLU A 291 10.42 -22.72 -18.78
C GLU A 291 10.66 -24.24 -18.95
N GLU A 292 9.58 -25.04 -18.96
CA GLU A 292 9.64 -26.50 -19.17
C GLU A 292 10.49 -27.21 -18.10
N LYS A 293 10.17 -26.90 -16.83
CA LYS A 293 10.84 -27.50 -15.68
C LYS A 293 9.81 -28.23 -14.83
N ARG A 294 9.50 -29.46 -15.26
CA ARG A 294 8.50 -30.30 -14.63
C ARG A 294 8.80 -30.60 -13.15
N LYS A 295 10.08 -30.80 -12.83
CA LYS A 295 10.48 -31.08 -11.46
C LYS A 295 10.09 -29.93 -10.50
N GLU A 296 10.44 -28.70 -10.89
CA GLU A 296 10.19 -27.52 -10.08
C GLU A 296 8.70 -27.20 -9.93
N ARG A 297 7.96 -27.31 -11.04
CA ARG A 297 6.55 -26.91 -11.04
C ARG A 297 5.64 -27.88 -10.28
N VAL A 298 5.96 -29.18 -10.36
CA VAL A 298 5.21 -30.20 -9.64
C VAL A 298 5.48 -30.07 -8.13
N CYS A 299 6.74 -29.91 -7.77
CA CYS A 299 7.11 -29.69 -6.36
C CYS A 299 6.46 -28.43 -5.76
N ALA A 300 6.50 -27.34 -6.52
CA ALA A 300 5.86 -26.07 -6.11
C ALA A 300 4.35 -26.20 -5.95
N GLU A 301 3.72 -26.99 -6.81
CA GLU A 301 2.30 -27.31 -6.68
C GLU A 301 2.00 -28.03 -5.36
N HIS A 302 2.82 -29.04 -5.03
CA HIS A 302 2.66 -29.80 -3.79
C HIS A 302 2.96 -28.92 -2.57
N LEU A 303 4.09 -28.20 -2.61
CA LEU A 303 4.46 -27.24 -1.56
C LEU A 303 3.32 -26.28 -1.20
N LYS A 304 2.58 -25.81 -2.22
CA LYS A 304 1.41 -24.97 -1.99
C LYS A 304 0.33 -25.71 -1.17
N LYS A 305 0.08 -26.96 -1.53
CA LYS A 305 -0.87 -27.81 -0.81
C LYS A 305 -0.46 -28.06 0.65
N TYR A 306 0.84 -28.21 0.90
CA TYR A 306 1.37 -28.28 2.26
C TYR A 306 1.27 -26.92 2.95
N ASN A 307 1.55 -25.84 2.22
CA ASN A 307 1.39 -24.48 2.77
C ASN A 307 -0.06 -24.12 3.11
N ASP A 308 -1.03 -24.73 2.42
CA ASP A 308 -2.44 -24.62 2.79
C ASP A 308 -2.71 -25.32 4.11
N ALA A 309 -2.22 -26.55 4.25
CA ALA A 309 -2.39 -27.34 5.48
C ALA A 309 -1.88 -26.60 6.74
N LEU A 310 -0.81 -25.81 6.59
CA LEU A 310 -0.28 -25.01 7.70
C LEU A 310 -1.23 -23.90 8.09
N GLN A 311 -1.74 -23.15 7.11
CA GLN A 311 -2.62 -22.01 7.42
C GLN A 311 -4.03 -22.42 7.83
N ILE A 312 -4.49 -23.60 7.47
CA ILE A 312 -5.78 -24.06 7.99
C ILE A 312 -5.62 -24.73 9.36
N ASN A 313 -4.42 -25.25 9.64
CA ASN A 313 -4.06 -25.64 11.00
C ASN A 313 -4.04 -24.44 11.94
N ASP A 314 -3.65 -23.27 11.40
CA ASP A 314 -3.70 -22.00 12.13
C ASP A 314 -5.13 -21.56 12.55
N THR A 315 -6.13 -21.83 11.72
CA THR A 315 -7.51 -21.35 11.97
C THR A 315 -8.48 -22.42 12.46
N ILE A 316 -8.41 -23.63 11.90
CA ILE A 316 -9.31 -24.74 12.24
C ILE A 316 -8.50 -25.96 12.67
N ARG A 317 -9.17 -27.00 13.15
CA ARG A 317 -8.53 -28.26 13.54
C ARG A 317 -7.62 -28.89 12.48
N MET A 318 -6.54 -29.50 12.95
CA MET A 318 -5.52 -30.12 12.12
C MET A 318 -5.96 -31.39 11.35
N VAL A 319 -7.16 -31.90 11.63
CA VAL A 319 -7.72 -33.03 10.86
C VAL A 319 -8.12 -32.55 9.47
N ASP A 320 -8.58 -31.30 9.38
CA ASP A 320 -8.99 -30.71 8.10
C ASP A 320 -7.76 -30.43 7.24
N ALA A 321 -6.65 -30.09 7.90
CA ALA A 321 -5.33 -29.97 7.26
C ALA A 321 -4.88 -31.30 6.68
N TYR A 322 -5.04 -32.35 7.47
CA TYR A 322 -4.72 -33.71 7.02
C TYR A 322 -5.54 -34.07 5.78
N ASN A 323 -6.86 -33.87 5.87
CA ASN A 323 -7.80 -34.16 4.77
C ASN A 323 -7.52 -33.39 3.49
N HIS A 324 -7.00 -32.17 3.60
CA HIS A 324 -6.67 -31.34 2.45
C HIS A 324 -5.55 -32.00 1.64
N LEU A 325 -4.49 -32.37 2.34
CA LEU A 325 -3.38 -33.11 1.75
C LEU A 325 -3.83 -34.51 1.32
N ASN A 326 -4.54 -35.21 2.21
CA ASN A 326 -5.03 -36.56 1.92
C ASN A 326 -5.91 -36.63 0.67
N ASN A 327 -6.78 -35.65 0.47
CA ASN A 327 -7.65 -35.59 -0.71
C ASN A 327 -6.88 -35.29 -2.00
N PHE A 328 -5.97 -34.33 -1.93
CA PHE A 328 -5.05 -34.03 -3.04
C PHE A 328 -4.33 -35.29 -3.54
N TYR A 329 -3.74 -36.05 -2.62
CA TYR A 329 -3.04 -37.30 -2.97
C TYR A 329 -4.00 -38.43 -3.39
N LYS A 330 -5.25 -38.39 -2.92
CA LYS A 330 -6.30 -39.31 -3.42
C LYS A 330 -6.63 -39.02 -4.88
N GLU A 331 -6.79 -37.74 -5.21
CA GLU A 331 -7.01 -37.32 -6.61
C GLU A 331 -5.80 -37.58 -7.50
N LEU A 332 -4.59 -37.46 -6.94
CA LEU A 332 -3.36 -37.77 -7.67
C LEU A 332 -3.25 -39.25 -8.04
N LYS A 333 -3.66 -40.14 -7.14
CA LYS A 333 -3.74 -41.58 -7.44
C LYS A 333 -4.67 -41.85 -8.63
N ARG A 334 -5.86 -41.26 -8.57
CA ARG A 334 -6.91 -41.45 -9.57
C ARG A 334 -6.48 -41.05 -11.00
N ARG A 335 -5.86 -39.88 -11.12
CA ARG A 335 -5.43 -39.36 -12.43
C ARG A 335 -4.21 -40.09 -13.00
N LYS A 336 -3.25 -40.41 -12.14
CA LYS A 336 -2.00 -41.07 -12.55
C LYS A 336 -2.17 -42.57 -12.84
N THR A 337 -3.15 -43.21 -12.20
CA THR A 337 -3.41 -44.66 -12.38
C THR A 337 -4.13 -44.93 -13.70
N ALA A 338 -3.57 -45.84 -14.51
CA ALA A 338 -4.17 -46.24 -15.78
C ALA A 338 -5.38 -47.13 -15.55
N GLU A 339 -6.58 -46.58 -15.74
CA GLU A 339 -7.84 -47.30 -15.56
C GLU A 339 -8.26 -48.01 -16.85
N SER A 340 -9.37 -48.75 -16.80
CA SER A 340 -9.99 -49.35 -17.98
C SER A 340 -10.72 -48.28 -18.80
N ASP A 341 -11.10 -48.66 -20.03
CA ASP A 341 -11.72 -47.74 -21.02
C ASP A 341 -10.77 -46.59 -21.39
N ASP A 342 -9.49 -46.92 -21.60
CA ASP A 342 -8.45 -45.94 -21.94
C ASP A 342 -7.83 -46.28 -23.29
N ASP A 343 -8.27 -45.60 -24.35
CA ASP A 343 -7.81 -45.82 -25.72
C ASP A 343 -7.94 -47.28 -26.16
N SER A 349 4.66 -44.11 -18.91
CA SER A 349 3.94 -44.04 -17.65
C SER A 349 3.76 -42.59 -17.17
N LYS A 350 2.60 -42.31 -16.57
CA LYS A 350 2.27 -40.96 -16.08
C LYS A 350 3.09 -40.56 -14.85
N GLN A 351 3.40 -41.55 -14.00
CA GLN A 351 4.11 -41.32 -12.74
C GLN A 351 5.61 -41.07 -13.00
N ASP A 352 6.01 -39.81 -12.88
CA ASP A 352 7.41 -39.39 -13.02
C ASP A 352 8.23 -39.82 -11.79
N GLU A 353 9.52 -39.52 -11.81
CA GLU A 353 10.40 -39.66 -10.63
C GLU A 353 9.92 -38.76 -9.48
N THR A 354 9.70 -37.49 -9.80
CA THR A 354 9.24 -36.48 -8.83
C THR A 354 7.89 -36.85 -8.23
N ASP A 355 6.98 -37.30 -9.10
CA ASP A 355 5.65 -37.76 -8.69
C ASP A 355 5.75 -38.92 -7.72
N GLU A 356 6.64 -39.87 -8.02
CA GLU A 356 6.89 -41.02 -7.16
C GLU A 356 7.54 -40.60 -5.86
N PHE A 357 8.54 -39.71 -5.94
CA PHE A 357 9.19 -39.16 -4.75
C PHE A 357 8.18 -38.52 -3.78
N LEU A 358 7.35 -37.61 -4.29
CA LEU A 358 6.39 -36.86 -3.47
C LEU A 358 5.26 -37.72 -2.89
N MET A 359 4.81 -38.70 -3.67
CA MET A 359 3.79 -39.66 -3.21
C MET A 359 4.29 -40.53 -2.04
N ARG A 360 5.53 -41.01 -2.14
CA ARG A 360 6.14 -41.87 -1.10
C ARG A 360 6.45 -41.08 0.19
N LEU A 361 6.92 -39.84 0.00
CA LEU A 361 7.16 -38.90 1.11
C LEU A 361 5.92 -38.75 2.00
N PHE A 362 4.77 -38.54 1.36
CA PHE A 362 3.49 -38.40 2.06
C PHE A 362 3.12 -39.71 2.76
N HIS A 363 3.02 -40.80 2.00
CA HIS A 363 2.71 -42.14 2.54
C HIS A 363 3.61 -42.57 3.72
N ALA A 364 4.89 -42.21 3.65
CA ALA A 364 5.82 -42.47 4.74
C ALA A 364 5.42 -41.68 5.98
N LYS A 365 5.26 -40.37 5.82
CA LYS A 365 4.93 -39.47 6.93
C LYS A 365 3.43 -39.30 7.17
N LYS A 366 2.61 -40.14 6.52
CA LYS A 366 1.15 -40.10 6.61
C LYS A 366 0.63 -40.64 7.94
N LYS A 367 1.18 -41.79 8.35
CA LYS A 367 0.78 -42.46 9.61
C LYS A 367 0.79 -41.51 10.81
N GLN A 368 1.93 -40.85 11.00
CA GLN A 368 2.14 -39.90 12.11
C GLN A 368 1.14 -38.75 12.13
N LEU A 369 0.89 -38.17 10.96
CA LEU A 369 0.02 -36.98 10.82
C LEU A 369 -1.44 -37.31 11.14
N LYS A 370 -1.92 -38.45 10.65
CA LYS A 370 -3.29 -38.89 10.90
C LYS A 370 -3.58 -39.10 12.39
N GLU A 371 -2.62 -39.72 13.09
CA GLU A 371 -2.77 -40.06 14.51
C GLU A 371 -2.36 -38.93 15.46
N LEU A 372 -1.48 -38.04 14.99
CA LEU A 372 -1.24 -36.77 15.68
C LEU A 372 -2.46 -35.85 15.60
N ALA A 373 -3.19 -35.94 14.49
CA ALA A 373 -4.41 -35.16 14.29
C ALA A 373 -5.60 -35.58 15.17
N ARG A 374 -5.58 -36.81 15.69
CA ARG A 374 -6.62 -37.28 16.60
C ARG A 374 -6.49 -36.76 18.05
N LYS A 375 -5.41 -36.05 18.38
CA LYS A 375 -5.18 -35.57 19.75
C LYS A 375 -5.58 -34.08 19.90
N PRO A 376 -6.78 -33.82 20.47
CA PRO A 376 -7.29 -32.44 20.49
C PRO A 376 -6.52 -31.42 21.35
N GLU A 377 -5.62 -31.88 22.22
CA GLU A 377 -4.78 -31.00 23.04
C GLU A 377 -3.85 -30.05 22.25
N TYR A 378 -3.50 -30.41 21.00
CA TYR A 378 -2.71 -29.54 20.10
C TYR A 378 -3.58 -28.89 19.01
N ASP A 379 -4.90 -28.88 19.20
CA ASP A 379 -5.86 -28.60 18.15
C ASP A 379 -6.41 -27.16 18.29
N ASN A 380 -5.51 -26.18 18.16
CA ASN A 380 -5.87 -24.76 17.92
C ASN A 380 -6.56 -24.05 19.10
N GLU A 381 -5.92 -23.01 19.64
CA GLU A 381 -6.49 -22.28 20.81
C GLU A 381 -7.73 -21.44 20.48
N LYS A 382 -7.85 -20.96 19.24
CA LYS A 382 -9.05 -20.24 18.79
C LYS A 382 -10.31 -21.10 18.90
N LEU A 383 -10.19 -22.40 18.58
CA LEU A 383 -11.32 -23.34 18.68
C LEU A 383 -11.89 -23.50 20.10
N MET A 384 -11.01 -23.53 21.11
CA MET A 384 -11.44 -23.56 22.51
C MET A 384 -12.15 -22.24 22.89
N LYS A 385 -11.54 -21.12 22.53
CA LYS A 385 -12.13 -19.78 22.74
C LYS A 385 -13.50 -19.65 22.05
N LEU A 386 -13.61 -20.22 20.85
CA LEU A 386 -14.88 -20.28 20.14
C LEU A 386 -15.88 -21.19 20.86
N ARG A 387 -15.42 -22.40 21.21
CA ARG A 387 -16.20 -23.39 22.00
C ARG A 387 -16.76 -22.78 23.27
N ASN A 388 -15.87 -22.18 24.07
CA ASN A 388 -16.27 -21.56 25.35
C ASN A 388 -17.29 -20.46 25.18
N THR A 389 -17.07 -19.60 24.17
CA THR A 389 -18.00 -18.52 23.82
C THR A 389 -19.38 -19.05 23.39
N LEU A 390 -19.41 -20.12 22.61
CA LEU A 390 -20.68 -20.73 22.19
C LEU A 390 -21.44 -21.38 23.35
N MET A 391 -20.73 -22.15 24.17
CA MET A 391 -21.35 -22.85 25.31
C MET A 391 -22.02 -21.89 26.29
N GLU A 392 -21.29 -20.86 26.71
CA GLU A 392 -21.81 -19.87 27.67
C GLU A 392 -22.94 -19.00 27.11
N GLU A 393 -23.00 -18.85 25.79
CA GLU A 393 -24.01 -18.00 25.13
C GLU A 393 -25.28 -18.78 24.74
N PHE A 394 -25.12 -20.03 24.29
CA PHE A 394 -26.29 -20.89 23.97
C PHE A 394 -27.00 -21.47 25.22
N THR A 395 -26.34 -21.41 26.37
CA THR A 395 -26.97 -21.72 27.67
C THR A 395 -27.58 -20.49 28.36
N LYS A 396 -27.35 -19.30 27.80
CA LYS A 396 -27.78 -18.04 28.40
C LYS A 396 -29.27 -17.75 28.20
N THR A 397 -29.83 -18.20 27.07
CA THR A 397 -31.20 -17.86 26.67
C THR A 397 -31.98 -19.12 26.27
N GLU A 398 -33.30 -19.05 26.37
CA GLU A 398 -34.18 -20.18 26.05
C GLU A 398 -34.14 -20.57 24.57
N GLU A 399 -34.32 -19.59 23.68
CA GLU A 399 -34.38 -19.83 22.24
C GLU A 399 -33.35 -18.93 21.51
N PRO A 400 -32.05 -19.24 21.68
CA PRO A 400 -30.99 -18.38 21.14
C PRO A 400 -30.76 -18.59 19.65
N ARG A 401 -30.07 -17.63 19.03
CA ARG A 401 -29.63 -17.75 17.63
C ARG A 401 -28.32 -17.00 17.43
N GLY A 402 -27.44 -17.55 16.58
CA GLY A 402 -26.10 -17.01 16.40
C GLY A 402 -25.55 -17.13 14.99
N ILE A 403 -24.51 -16.34 14.72
CA ILE A 403 -23.74 -16.40 13.46
C ILE A 403 -22.25 -16.36 13.80
N ILE A 404 -21.48 -17.25 13.15
CA ILE A 404 -20.02 -17.20 13.15
C ILE A 404 -19.59 -16.73 11.76
N PHE A 405 -18.90 -15.60 11.70
CA PHE A 405 -18.32 -15.09 10.46
C PHE A 405 -16.88 -15.58 10.35
N THR A 406 -16.54 -16.23 9.23
CA THR A 406 -15.17 -16.71 8.98
C THR A 406 -14.70 -16.32 7.57
N LYS A 407 -13.38 -16.41 7.34
CA LYS A 407 -12.80 -15.94 6.08
C LYS A 407 -13.06 -16.86 4.86
N THR A 408 -12.70 -18.14 4.94
CA THR A 408 -12.78 -19.05 3.76
C THR A 408 -14.06 -19.89 3.76
N ARG A 409 -14.43 -20.37 2.58
CA ARG A 409 -15.53 -21.33 2.45
C ARG A 409 -15.17 -22.63 3.16
N GLN A 410 -13.97 -23.12 2.85
CA GLN A 410 -13.41 -24.30 3.50
C GLN A 410 -13.49 -24.20 5.01
N SER A 411 -13.17 -23.03 5.56
CA SER A 411 -13.29 -22.78 6.99
C SER A 411 -14.74 -22.88 7.51
N ALA A 412 -15.70 -22.41 6.73
CA ALA A 412 -17.13 -22.53 7.07
C ALA A 412 -17.59 -23.99 7.16
N LEU A 413 -17.27 -24.79 6.15
CA LEU A 413 -17.65 -26.20 6.12
C LEU A 413 -16.96 -26.98 7.25
N ALA A 414 -15.66 -26.72 7.44
CA ALA A 414 -14.88 -27.40 8.48
C ALA A 414 -15.36 -27.10 9.90
N LEU A 415 -15.76 -25.86 10.17
CA LEU A 415 -16.36 -25.49 11.45
C LEU A 415 -17.72 -26.16 11.67
N TYR A 416 -18.49 -26.33 10.60
CA TYR A 416 -19.75 -27.09 10.64
C TYR A 416 -19.51 -28.54 11.10
N HIS A 417 -18.48 -29.18 10.55
CA HIS A 417 -18.11 -30.55 10.93
C HIS A 417 -17.59 -30.62 12.37
N TRP A 418 -16.75 -29.66 12.76
CA TRP A 418 -16.29 -29.53 14.14
C TRP A 418 -17.45 -29.45 15.14
N ILE A 419 -18.50 -28.70 14.80
CA ILE A 419 -19.69 -28.57 15.65
C ILE A 419 -20.51 -29.87 15.67
N MET A 420 -20.58 -30.55 14.52
CA MET A 420 -21.30 -31.84 14.43
C MET A 420 -20.52 -33.01 15.04
N ASP A 421 -19.20 -33.07 14.80
CA ASP A 421 -18.35 -34.18 15.32
C ASP A 421 -17.93 -33.95 16.77
N ASN A 422 -18.91 -33.60 17.62
CA ASN A 422 -18.66 -33.17 19.00
C ASN A 422 -20.01 -33.04 19.73
N PRO A 423 -20.45 -34.09 20.43
CA PRO A 423 -21.85 -34.18 20.89
C PRO A 423 -22.29 -33.21 22.00
N LYS A 424 -21.38 -32.48 22.62
CA LYS A 424 -21.74 -31.50 23.67
C LYS A 424 -22.45 -30.25 23.11
N PHE A 425 -22.17 -29.88 21.86
CA PHE A 425 -22.92 -28.80 21.19
C PHE A 425 -24.34 -29.25 20.86
N GLU A 426 -24.45 -30.47 20.34
CA GLU A 426 -25.74 -31.15 20.11
C GLU A 426 -26.52 -31.34 21.42
N GLU A 427 -25.81 -31.68 22.48
CA GLU A 427 -26.37 -31.83 23.84
C GLU A 427 -26.98 -30.51 24.34
N VAL A 428 -26.26 -29.41 24.18
CA VAL A 428 -26.68 -28.09 24.67
C VAL A 428 -27.65 -27.36 23.72
N GLY A 429 -28.00 -27.98 22.60
CA GLY A 429 -29.09 -27.51 21.73
C GLY A 429 -28.67 -26.80 20.45
N ILE A 430 -27.38 -26.79 20.13
CA ILE A 430 -26.90 -26.15 18.91
C ILE A 430 -27.17 -27.08 17.72
N LYS A 431 -27.67 -26.47 16.65
CA LYS A 431 -28.06 -27.16 15.42
C LYS A 431 -27.52 -26.32 14.26
N ALA A 432 -26.24 -26.55 13.96
CA ALA A 432 -25.51 -25.70 13.03
C ALA A 432 -25.81 -26.02 11.57
N HIS A 433 -25.53 -25.04 10.71
CA HIS A 433 -25.44 -25.27 9.28
C HIS A 433 -24.62 -24.14 8.64
N PHE A 434 -23.79 -24.48 7.66
CA PHE A 434 -22.94 -23.49 6.99
C PHE A 434 -23.76 -22.59 6.06
N LEU A 435 -23.12 -21.50 5.63
CA LEU A 435 -23.72 -20.55 4.69
C LEU A 435 -22.59 -19.88 3.93
N ILE A 436 -22.57 -20.04 2.60
CA ILE A 436 -21.48 -19.54 1.77
C ILE A 436 -22.01 -18.91 0.50
N GLY A 437 -21.12 -18.41 -0.35
CA GLY A 437 -21.48 -17.72 -1.59
C GLY A 437 -21.96 -18.65 -2.69
N ALA A 438 -22.54 -18.03 -3.72
CA ALA A 438 -23.06 -18.72 -4.90
C ALA A 438 -22.08 -18.79 -6.08
N GLY A 439 -21.04 -17.96 -6.09
CA GLY A 439 -20.10 -17.91 -7.19
C GLY A 439 -19.28 -19.18 -7.37
N HIS A 440 -18.67 -19.33 -8.54
CA HIS A 440 -17.94 -20.55 -8.92
C HIS A 440 -16.46 -20.26 -9.21
N ASN A 441 -15.91 -19.26 -8.53
CA ASN A 441 -14.48 -18.92 -8.63
C ASN A 441 -13.63 -19.53 -7.51
N SER A 442 -14.28 -20.11 -6.50
CA SER A 442 -13.57 -20.73 -5.38
C SER A 442 -13.03 -22.11 -5.72
N GLU A 443 -12.03 -22.55 -4.94
CA GLU A 443 -11.55 -23.93 -4.99
C GLU A 443 -12.43 -24.85 -4.12
N THR A 444 -13.33 -24.27 -3.32
CA THR A 444 -14.44 -24.99 -2.66
C THR A 444 -15.71 -24.79 -3.49
N LYS A 445 -16.61 -25.77 -3.49
CA LYS A 445 -17.88 -25.68 -4.24
C LYS A 445 -18.83 -24.63 -3.65
N PRO A 446 -19.76 -24.10 -4.48
CA PRO A 446 -20.75 -23.15 -4.00
C PRO A 446 -22.06 -23.75 -3.48
N MET A 447 -22.75 -22.98 -2.65
CA MET A 447 -24.17 -23.14 -2.40
C MET A 447 -24.91 -22.33 -3.45
N THR A 448 -26.01 -22.88 -3.98
CA THR A 448 -26.87 -22.14 -4.93
C THR A 448 -27.70 -21.08 -4.19
N GLN A 449 -28.27 -20.15 -4.94
CA GLN A 449 -29.14 -19.11 -4.36
C GLN A 449 -30.37 -19.67 -3.63
N ASN A 450 -30.87 -20.81 -4.11
CA ASN A 450 -32.02 -21.47 -3.48
C ASN A 450 -31.64 -22.15 -2.16
N GLU A 451 -30.50 -22.83 -2.15
CA GLU A 451 -29.96 -23.45 -0.93
C GLU A 451 -29.67 -22.41 0.16
N GLN A 452 -29.13 -21.26 -0.26
CA GLN A 452 -28.95 -20.11 0.65
C GLN A 452 -30.27 -19.68 1.28
N ARG A 453 -31.31 -19.56 0.44
CA ARG A 453 -32.65 -19.15 0.88
C ARG A 453 -33.27 -20.14 1.88
N GLU A 454 -33.11 -21.44 1.62
CA GLU A 454 -33.69 -22.46 2.49
C GLU A 454 -33.00 -22.53 3.87
N VAL A 455 -31.68 -22.32 3.90
CA VAL A 455 -30.91 -22.27 5.16
C VAL A 455 -31.34 -21.07 6.02
N ILE A 456 -31.46 -19.90 5.38
CA ILE A 456 -31.91 -18.68 6.05
C ILE A 456 -33.37 -18.82 6.53
N ASP A 457 -34.20 -19.52 5.74
CA ASP A 457 -35.59 -19.78 6.12
C ASP A 457 -35.69 -20.73 7.33
N LYS A 458 -34.86 -21.78 7.33
CA LYS A 458 -34.77 -22.69 8.47
C LYS A 458 -34.18 -22.02 9.73
N PHE A 459 -33.30 -21.04 9.53
CA PHE A 459 -32.74 -20.24 10.63
C PHE A 459 -33.81 -19.42 11.36
N ARG A 460 -34.70 -18.79 10.58
CA ARG A 460 -35.85 -18.05 11.12
C ARG A 460 -36.89 -18.99 11.72
N GLY A 461 -37.06 -20.17 11.12
CA GLY A 461 -37.93 -21.21 11.67
C GLY A 461 -37.47 -21.76 13.00
N GLY A 462 -36.17 -22.03 13.12
CA GLY A 462 -35.59 -22.62 14.34
C GLY A 462 -35.01 -24.00 14.11
N SER A 463 -35.39 -24.64 13.00
CA SER A 463 -34.72 -25.86 12.50
C SER A 463 -33.20 -25.75 12.55
N ILE A 464 -32.67 -24.59 12.14
CA ILE A 464 -31.24 -24.27 12.25
C ILE A 464 -31.06 -23.17 13.30
N ASN A 465 -29.98 -23.29 14.07
CA ASN A 465 -29.71 -22.47 15.25
C ASN A 465 -28.49 -21.55 15.12
N LEU A 466 -27.47 -22.03 14.41
CA LEU A 466 -26.18 -21.35 14.27
C LEU A 466 -25.72 -21.40 12.81
N LEU A 467 -25.51 -20.23 12.21
CA LEU A 467 -24.93 -20.12 10.86
C LEU A 467 -23.42 -19.94 10.94
N ILE A 468 -22.68 -20.72 10.16
CA ILE A 468 -21.25 -20.51 9.98
C ILE A 468 -21.10 -19.88 8.60
N ALA A 469 -21.05 -18.55 8.58
CA ALA A 469 -21.18 -17.78 7.35
C ALA A 469 -19.86 -17.14 6.91
N THR A 470 -19.69 -17.01 5.60
CA THR A 470 -18.71 -16.11 5.01
C THR A 470 -19.34 -14.70 4.96
N THR A 471 -18.71 -13.76 4.26
CA THR A 471 -19.27 -12.40 4.11
C THR A 471 -20.66 -12.36 3.44
N VAL A 472 -21.10 -13.47 2.84
CA VAL A 472 -22.49 -13.64 2.39
C VAL A 472 -23.54 -13.15 3.38
N ALA A 473 -23.30 -13.33 4.67
CA ALA A 473 -24.30 -13.04 5.70
C ALA A 473 -24.25 -11.64 6.29
N GLU A 474 -23.29 -10.80 5.90
CA GLU A 474 -23.14 -9.50 6.56
C GLU A 474 -24.08 -8.39 6.07
N GLU A 475 -24.38 -8.33 4.76
CA GLU A 475 -25.20 -7.24 4.20
C GLU A 475 -26.51 -7.63 3.53
N GLY A 476 -27.56 -6.85 3.81
CA GLY A 476 -28.78 -6.82 2.99
C GLY A 476 -29.83 -7.86 3.31
N LEU A 477 -29.44 -9.13 3.22
CA LEU A 477 -30.36 -10.27 3.40
C LEU A 477 -31.01 -10.25 4.78
N ASP A 478 -32.29 -10.61 4.82
CA ASP A 478 -33.07 -10.59 6.05
C ASP A 478 -32.76 -11.86 6.83
N ILE A 479 -32.12 -11.68 7.99
CA ILE A 479 -31.76 -12.79 8.88
C ILE A 479 -32.32 -12.51 10.27
N LYS A 480 -32.77 -13.57 10.93
CA LYS A 480 -33.39 -13.49 12.26
C LYS A 480 -32.42 -12.88 13.29
N GLU A 481 -32.97 -12.11 14.23
CA GLU A 481 -32.20 -11.38 15.23
C GLU A 481 -31.35 -12.35 16.05
N CYS A 482 -30.07 -12.04 16.22
CA CYS A 482 -29.12 -12.95 16.85
C CYS A 482 -28.77 -12.54 18.28
N ASN A 483 -28.54 -13.55 19.13
CA ASN A 483 -28.06 -13.34 20.49
C ASN A 483 -26.53 -13.23 20.54
N ILE A 484 -25.87 -13.81 19.54
CA ILE A 484 -24.41 -13.78 19.43
C ILE A 484 -23.96 -13.65 17.98
N VAL A 485 -23.02 -12.74 17.75
CA VAL A 485 -22.31 -12.66 16.48
C VAL A 485 -20.82 -12.79 16.80
N ILE A 486 -20.18 -13.79 16.19
CA ILE A 486 -18.76 -14.04 16.38
C ILE A 486 -18.04 -13.78 15.06
N ARG A 487 -17.07 -12.86 15.08
CA ARG A 487 -16.14 -12.71 13.97
C ARG A 487 -14.96 -13.63 14.27
N TYR A 488 -14.94 -14.78 13.63
CA TYR A 488 -13.91 -15.79 13.87
C TYR A 488 -12.73 -15.53 12.93
N GLY A 489 -11.76 -14.75 13.41
CA GLY A 489 -10.59 -14.37 12.64
C GLY A 489 -10.83 -13.41 11.47
N LEU A 490 -12.09 -13.04 11.21
CA LEU A 490 -12.46 -12.23 10.05
C LEU A 490 -12.56 -10.77 10.49
N VAL A 491 -11.73 -9.92 9.89
CA VAL A 491 -11.78 -8.48 10.07
C VAL A 491 -11.59 -7.85 8.70
N THR A 492 -12.64 -7.22 8.17
CA THR A 492 -12.62 -6.66 6.82
C THR A 492 -12.59 -5.12 6.87
N ASN A 493 -13.74 -4.45 6.67
CA ASN A 493 -13.83 -2.98 6.76
C ASN A 493 -14.85 -2.51 7.80
N GLU A 494 -14.89 -1.19 8.01
CA GLU A 494 -15.79 -0.59 9.01
C GLU A 494 -17.28 -0.75 8.70
N ILE A 495 -17.64 -0.76 7.41
CA ILE A 495 -19.03 -0.99 6.97
C ILE A 495 -19.48 -2.40 7.32
N ALA A 496 -18.66 -3.40 6.98
CA ALA A 496 -18.93 -4.79 7.30
C ALA A 496 -18.99 -5.02 8.80
N MET A 497 -18.16 -4.29 9.54
CA MET A 497 -18.13 -4.34 10.99
C MET A 497 -19.46 -3.89 11.60
N VAL A 498 -19.95 -2.72 11.18
CA VAL A 498 -21.23 -2.21 11.70
C VAL A 498 -22.42 -3.07 11.24
N GLN A 499 -22.34 -3.63 10.03
CA GLN A 499 -23.33 -4.58 9.54
C GLN A 499 -23.34 -5.89 10.33
N ALA A 500 -22.15 -6.41 10.67
CA ALA A 500 -22.04 -7.61 11.50
C ALA A 500 -22.58 -7.37 12.90
N ARG A 501 -22.14 -6.27 13.51
CA ARG A 501 -22.68 -5.79 14.80
C ARG A 501 -24.20 -5.55 14.73
N GLY A 502 -24.71 -5.15 13.56
CA GLY A 502 -26.14 -4.99 13.31
C GLY A 502 -26.99 -6.26 13.35
N ARG A 503 -26.39 -7.42 13.07
CA ARG A 503 -27.11 -8.71 13.17
C ARG A 503 -27.44 -9.09 14.61
N ALA A 504 -26.55 -8.73 15.54
CA ALA A 504 -26.77 -8.95 16.97
C ALA A 504 -27.67 -7.87 17.55
N ARG A 505 -28.98 -8.05 17.41
CA ARG A 505 -29.97 -7.08 17.89
C ARG A 505 -31.17 -7.73 18.61
N ALA A 506 -30.93 -8.85 19.26
CA ALA A 506 -31.90 -9.44 20.20
C ALA A 506 -31.62 -8.87 21.60
N ASP A 507 -32.50 -9.17 22.54
CA ASP A 507 -32.32 -8.77 23.94
C ASP A 507 -31.12 -9.50 24.54
N GLU A 508 -30.18 -8.74 25.11
CA GLU A 508 -28.93 -9.26 25.69
C GLU A 508 -28.07 -9.97 24.64
N SER A 509 -27.77 -9.25 23.56
CA SER A 509 -26.95 -9.77 22.46
C SER A 509 -25.51 -9.29 22.58
N THR A 510 -24.56 -10.12 22.14
CA THR A 510 -23.14 -9.75 22.15
C THR A 510 -22.51 -9.88 20.77
N TYR A 511 -21.53 -9.02 20.51
CA TYR A 511 -20.69 -9.08 19.32
C TYR A 511 -19.28 -9.36 19.82
N ALA A 512 -18.65 -10.41 19.30
CA ALA A 512 -17.34 -10.86 19.78
C ALA A 512 -16.34 -11.08 18.64
N LEU A 513 -15.10 -10.64 18.84
CA LEU A 513 -14.00 -10.95 17.93
C LEU A 513 -13.11 -12.03 18.57
N VAL A 514 -13.12 -13.22 17.99
CA VAL A 514 -12.22 -14.31 18.38
C VAL A 514 -11.07 -14.29 17.37
N ALA A 515 -9.83 -14.17 17.86
CA ALA A 515 -8.67 -14.09 16.99
C ALA A 515 -7.36 -14.38 17.72
N SER A 516 -6.35 -14.76 16.95
CA SER A 516 -4.99 -14.91 17.46
C SER A 516 -4.31 -13.54 17.50
N SER A 517 -3.65 -13.23 18.62
CA SER A 517 -2.86 -12.01 18.74
C SER A 517 -1.75 -11.92 17.68
N GLY A 518 -1.24 -13.08 17.26
CA GLY A 518 -0.26 -13.14 16.19
C GLY A 518 -0.73 -12.83 14.78
N SER A 519 -2.05 -12.82 14.56
CA SER A 519 -2.61 -12.58 13.21
C SER A 519 -2.72 -11.11 12.84
N GLY A 520 -2.69 -10.22 13.84
CA GLY A 520 -2.87 -8.78 13.60
C GLY A 520 -4.30 -8.34 13.35
N ALA A 521 -5.27 -9.25 13.55
CA ALA A 521 -6.68 -8.96 13.32
C ALA A 521 -7.26 -8.06 14.41
N VAL A 522 -6.72 -8.16 15.62
CA VAL A 522 -7.16 -7.30 16.74
C VAL A 522 -6.81 -5.84 16.42
N GLU A 523 -5.58 -5.61 15.94
CA GLU A 523 -5.13 -4.26 15.56
C GLU A 523 -5.94 -3.67 14.41
N ARG A 524 -6.29 -4.52 13.43
CA ARG A 524 -7.13 -4.11 12.29
C ARG A 524 -8.58 -3.83 12.71
N GLU A 525 -9.08 -4.52 13.72
CA GLU A 525 -10.38 -4.18 14.30
C GLU A 525 -10.35 -2.80 14.95
N ASP A 526 -9.25 -2.46 15.62
CA ASP A 526 -9.09 -1.16 16.26
C ASP A 526 -9.04 0.02 15.27
N VAL A 527 -8.45 -0.16 14.09
CA VAL A 527 -8.43 0.92 13.11
C VAL A 527 -9.82 1.08 12.48
N ASN A 528 -10.55 -0.02 12.32
CA ASN A 528 -11.93 0.04 11.86
C ASN A 528 -12.88 0.70 12.88
N ILE A 529 -12.63 0.51 14.18
CA ILE A 529 -13.32 1.28 15.23
C ILE A 529 -12.95 2.77 15.12
N PHE A 530 -11.65 3.04 15.00
CA PHE A 530 -11.12 4.39 14.75
C PHE A 530 -11.78 5.01 13.51
N ARG A 531 -11.84 4.24 12.41
CA ARG A 531 -12.48 4.70 11.17
C ARG A 531 -13.98 4.99 11.35
N GLU A 532 -14.67 4.14 12.11
CA GLU A 532 -16.10 4.33 12.39
C GLU A 532 -16.36 5.63 13.15
N ASN A 533 -15.50 5.95 14.11
CA ASN A 533 -15.58 7.20 14.86
C ASN A 533 -15.32 8.41 13.95
N MET A 534 -14.27 8.31 13.12
CA MET A 534 -13.98 9.32 12.09
C MET A 534 -15.15 9.57 11.14
N MET A 535 -15.87 8.50 10.79
CA MET A 535 -17.03 8.60 9.90
C MET A 535 -18.11 9.52 10.46
N TYR A 536 -18.43 9.36 11.75
CA TYR A 536 -19.47 10.17 12.40
C TYR A 536 -19.06 11.65 12.54
N LYS A 537 -17.78 11.90 12.83
CA LYS A 537 -17.23 13.25 12.86
C LYS A 537 -17.26 13.91 11.47
N ALA A 538 -16.98 13.12 10.44
CA ALA A 538 -16.94 13.62 9.06
C ALA A 538 -18.34 13.91 8.51
N ILE A 539 -19.32 13.06 8.84
CA ILE A 539 -20.74 13.31 8.52
C ILE A 539 -21.20 14.60 9.20
N ARG A 540 -20.89 14.73 10.48
CA ARG A 540 -21.19 15.94 11.26
C ARG A 540 -20.57 17.20 10.62
N ARG A 541 -19.32 17.10 10.18
CA ARG A 541 -18.63 18.24 9.55
C ARG A 541 -19.26 18.68 8.21
N VAL A 542 -19.61 17.74 7.35
CA VAL A 542 -20.27 18.09 6.07
C VAL A 542 -21.71 18.59 6.24
N GLN A 543 -22.38 18.17 7.30
CA GLN A 543 -23.71 18.71 7.67
C GLN A 543 -23.64 20.15 8.19
N GLU A 544 -22.58 20.47 8.96
CA GLU A 544 -22.34 21.83 9.48
C GLU A 544 -21.66 22.76 8.48
N MET A 545 -21.26 22.24 7.33
CA MET A 545 -20.55 23.00 6.31
C MET A 545 -21.50 24.01 5.63
N PRO A 546 -21.05 25.26 5.44
CA PRO A 546 -21.93 26.26 4.80
C PRO A 546 -22.20 25.94 3.31
N PRO A 547 -23.47 26.13 2.85
CA PRO A 547 -23.91 25.74 1.49
C PRO A 547 -22.95 26.01 0.32
N GLU A 548 -22.38 27.22 0.28
CA GLU A 548 -21.45 27.61 -0.79
C GLU A 548 -20.19 26.76 -0.82
N GLU A 549 -19.65 26.46 0.36
CA GLU A 549 -18.48 25.58 0.51
C GLU A 549 -18.81 24.15 0.08
N TYR A 550 -19.93 23.64 0.56
CA TYR A 550 -20.42 22.30 0.19
C TYR A 550 -20.68 22.16 -1.31
N LEU A 551 -21.41 23.11 -1.88
CA LEU A 551 -21.77 23.07 -3.31
C LEU A 551 -20.54 23.03 -4.24
N ASN A 552 -19.54 23.86 -3.96
CA ASN A 552 -18.31 23.92 -4.75
C ASN A 552 -17.53 22.61 -4.72
N LYS A 553 -17.36 22.06 -3.51
CA LYS A 553 -16.69 20.76 -3.34
C LYS A 553 -17.44 19.62 -4.03
N ILE A 554 -18.77 19.63 -3.92
CA ILE A 554 -19.60 18.64 -4.61
C ILE A 554 -19.45 18.72 -6.13
N GLN A 555 -19.45 19.93 -6.67
CA GLN A 555 -19.26 20.12 -8.12
C GLN A 555 -17.90 19.62 -8.60
N ASP A 556 -16.85 19.90 -7.82
CA ASP A 556 -15.49 19.43 -8.12
C ASP A 556 -15.45 17.91 -8.26
N PHE A 557 -15.89 17.22 -7.21
CA PHE A 557 -15.93 15.75 -7.22
C PHE A 557 -16.77 15.17 -8.37
N GLN A 558 -17.89 15.81 -8.66
CA GLN A 558 -18.73 15.41 -9.80
C GLN A 558 -18.00 15.55 -11.14
N LEU A 559 -17.32 16.67 -11.33
CA LEU A 559 -16.59 16.96 -12.57
C LEU A 559 -15.41 16.02 -12.76
N GLN A 560 -14.66 15.77 -11.69
CA GLN A 560 -13.50 14.87 -11.75
C GLN A 560 -13.90 13.38 -11.75
N SER A 561 -15.10 13.06 -11.28
CA SER A 561 -15.67 11.71 -11.41
C SER A 561 -16.03 11.39 -12.86
N ILE A 562 -16.54 12.37 -13.59
CA ILE A 562 -16.84 12.24 -15.02
C ILE A 562 -15.54 12.02 -15.82
N VAL A 563 -14.50 12.75 -15.45
CA VAL A 563 -13.15 12.58 -16.04
C VAL A 563 -12.58 11.18 -15.76
N GLU A 564 -12.83 10.66 -14.56
CA GLU A 564 -12.37 9.32 -14.15
C GLU A 564 -12.85 8.20 -15.08
N LYS A 565 -14.09 8.29 -15.55
CA LYS A 565 -14.63 7.30 -16.49
C LYS A 565 -14.03 7.44 -17.89
N GLN A 566 -13.76 8.67 -18.31
CA GLN A 566 -13.12 8.93 -19.61
C GLN A 566 -11.71 8.34 -19.69
N MET A 567 -10.97 8.39 -18.58
CA MET A 567 -9.64 7.80 -18.49
C MET A 567 -9.67 6.28 -18.59
N LYS A 568 -10.57 5.64 -17.84
CA LYS A 568 -10.76 4.18 -17.89
C LYS A 568 -11.36 3.70 -19.22
N ALA A 569 -12.16 4.56 -19.86
CA ALA A 569 -12.63 4.30 -21.23
C ALA A 569 -11.45 4.22 -22.21
N LYS A 570 -10.53 5.18 -22.10
CA LYS A 570 -9.31 5.20 -22.94
C LYS A 570 -8.32 4.06 -22.63
N ARG A 571 -8.29 3.59 -21.38
CA ARG A 571 -7.50 2.40 -21.02
C ARG A 571 -8.01 1.16 -21.76
N ASP A 572 -9.31 0.92 -21.64
CA ASP A 572 -9.95 -0.27 -22.23
C ASP A 572 -10.02 -0.22 -23.76
N GLN A 573 -9.98 0.98 -24.32
CA GLN A 573 -9.96 1.16 -25.78
C GLN A 573 -8.66 0.67 -26.42
N ARG A 574 -7.53 0.83 -25.72
CA ARG A 574 -6.21 0.41 -26.22
C ARG A 574 -6.12 -1.10 -26.46
N LYS A 575 -6.63 -1.89 -25.52
CA LYS A 575 -6.58 -3.35 -25.62
C LYS A 575 -7.57 -3.98 -26.62
N THR A 576 -8.48 -3.18 -27.17
CA THR A 576 -9.39 -3.64 -28.24
C THR A 576 -8.63 -3.81 -29.55
CA LYS A 579 -5.51 -10.24 -32.66
C LYS A 579 -6.12 -11.10 -33.77
N ASN A 580 -5.79 -12.39 -33.76
CA ASN A 580 -6.18 -13.34 -34.82
C ASN A 580 -5.82 -14.77 -34.40
N PRO A 581 -6.74 -15.75 -34.61
CA PRO A 581 -6.42 -17.14 -34.27
C PRO A 581 -5.41 -17.78 -35.23
N SER A 582 -4.87 -18.92 -34.81
CA SER A 582 -3.78 -19.62 -35.50
C SER A 582 -2.39 -18.95 -35.33
N LEU A 583 -2.32 -17.92 -34.48
CA LEU A 583 -1.04 -17.35 -34.03
C LEU A 583 -0.37 -18.23 -32.97
N ILE A 584 -1.13 -19.12 -32.35
CA ILE A 584 -0.74 -19.71 -31.08
C ILE A 584 -0.89 -21.23 -31.05
N THR A 585 0.01 -21.90 -30.34
CA THR A 585 -0.10 -23.32 -30.01
C THR A 585 -0.43 -23.48 -28.52
N PHE A 586 -0.87 -24.68 -28.15
CA PHE A 586 -1.17 -25.02 -26.76
C PHE A 586 -0.31 -26.18 -26.29
N LEU A 587 0.59 -25.89 -25.35
CA LEU A 587 1.39 -26.89 -24.65
C LEU A 587 0.75 -27.21 -23.29
N CYS A 588 0.85 -28.47 -22.88
CA CYS A 588 0.44 -28.91 -21.53
C CYS A 588 1.42 -28.33 -20.51
N LYS A 589 0.91 -27.76 -19.42
CA LYS A 589 1.76 -27.07 -18.44
C LYS A 589 2.72 -28.00 -17.70
N ASN A 590 2.29 -29.23 -17.43
CA ASN A 590 3.10 -30.21 -16.70
C ASN A 590 4.20 -30.83 -17.56
N CYS A 591 3.82 -31.41 -18.69
CA CYS A 591 4.76 -32.17 -19.55
C CYS A 591 5.16 -31.51 -20.88
N HIS A 592 4.56 -30.36 -21.21
CA HIS A 592 4.94 -29.58 -22.42
C HIS A 592 4.71 -30.26 -23.78
N LYS A 593 3.81 -31.25 -23.83
CA LYS A 593 3.50 -31.94 -25.08
C LYS A 593 2.66 -31.03 -25.98
N LEU A 594 2.87 -31.12 -27.30
CA LEU A 594 2.09 -30.37 -28.27
C LEU A 594 0.70 -30.99 -28.36
N ILE A 595 -0.33 -30.14 -28.33
CA ILE A 595 -1.72 -30.60 -28.23
C ILE A 595 -2.60 -29.94 -29.28
N CYS A 596 -2.77 -28.61 -29.19
CA CYS A 596 -3.61 -27.86 -30.13
C CYS A 596 -2.88 -26.71 -30.81
N SER A 597 -3.34 -26.37 -32.01
CA SER A 597 -3.05 -25.07 -32.64
C SER A 597 -4.22 -24.13 -32.33
N GLY A 598 -4.04 -22.84 -32.62
CA GLY A 598 -5.07 -21.84 -32.36
C GLY A 598 -6.31 -21.98 -33.25
N GLU A 599 -6.10 -22.46 -34.48
CA GLU A 599 -7.20 -22.75 -35.41
C GLU A 599 -8.17 -23.84 -34.94
N ASP A 600 -7.68 -24.76 -34.11
CA ASP A 600 -8.50 -25.87 -33.59
C ASP A 600 -9.55 -25.46 -32.55
N ILE A 601 -9.42 -24.26 -31.97
CA ILE A 601 -10.31 -23.82 -30.89
C ILE A 601 -11.55 -23.11 -31.45
N GLN A 602 -12.71 -23.43 -30.85
CA GLN A 602 -13.98 -22.76 -31.16
C GLN A 602 -14.80 -22.57 -29.88
N VAL A 603 -15.68 -21.57 -29.89
CA VAL A 603 -16.41 -21.15 -28.69
C VAL A 603 -17.90 -21.49 -28.81
N ILE A 604 -18.52 -21.80 -27.66
CA ILE A 604 -19.93 -22.17 -27.58
C ILE A 604 -20.67 -21.13 -26.74
N GLU A 605 -21.55 -20.35 -27.39
CA GLU A 605 -22.28 -19.23 -26.78
C GLU A 605 -21.35 -18.13 -26.25
N ASN A 606 -20.23 -17.95 -26.95
CA ASN A 606 -19.14 -17.03 -26.55
C ASN A 606 -18.82 -17.04 -25.04
N MET A 607 -18.64 -18.25 -24.49
CA MET A 607 -18.18 -18.43 -23.10
C MET A 607 -17.33 -19.69 -22.87
N HIS A 608 -17.81 -20.86 -23.32
CA HIS A 608 -17.09 -22.13 -23.14
C HIS A 608 -16.31 -22.45 -24.39
N HIS A 609 -14.99 -22.60 -24.24
CA HIS A 609 -14.08 -22.86 -25.36
C HIS A 609 -13.87 -24.36 -25.52
N VAL A 610 -13.81 -24.82 -26.78
CA VAL A 610 -13.80 -26.24 -27.11
C VAL A 610 -12.78 -26.53 -28.24
N SER A 611 -12.16 -27.71 -28.18
CA SER A 611 -11.25 -28.18 -29.23
C SER A 611 -11.99 -28.99 -30.29
N VAL A 612 -11.58 -28.83 -31.54
CA VAL A 612 -12.24 -29.42 -32.71
C VAL A 612 -11.42 -30.52 -33.41
N LYS A 613 -10.08 -30.53 -33.22
CA LYS A 613 -9.17 -31.42 -33.95
C LYS A 613 -9.69 -32.86 -34.05
N LYS A 614 -9.57 -33.45 -35.24
CA LYS A 614 -10.22 -34.72 -35.56
C LYS A 614 -9.68 -35.92 -34.76
N ASP A 615 -8.37 -35.91 -34.49
CA ASP A 615 -7.73 -36.96 -33.68
C ASP A 615 -7.30 -36.39 -32.32
N PHE A 616 -8.24 -35.73 -31.64
CA PHE A 616 -7.99 -35.12 -30.33
C PHE A 616 -8.22 -36.11 -29.18
N GLN A 617 -9.12 -37.06 -29.38
CA GLN A 617 -9.44 -38.09 -28.37
C GLN A 617 -8.24 -38.94 -27.92
N HIS A 618 -7.28 -39.14 -28.83
CA HIS A 618 -6.09 -39.95 -28.52
C HIS A 618 -5.12 -39.29 -27.53
N LEU A 619 -5.17 -37.96 -27.43
CA LEU A 619 -4.28 -37.20 -26.54
C LEU A 619 -4.78 -37.05 -25.09
N TYR A 620 -5.96 -37.58 -24.75
CA TYR A 620 -6.49 -37.46 -23.38
C TYR A 620 -7.27 -38.68 -22.89
N HIS A 621 -7.46 -38.75 -21.57
CA HIS A 621 -8.31 -39.75 -20.92
C HIS A 621 -9.44 -39.09 -20.14
N LYS A 622 -10.48 -39.89 -19.87
CA LYS A 622 -11.66 -39.46 -19.12
C LYS A 622 -11.60 -40.02 -17.70
N ARG A 623 -11.93 -39.17 -16.71
CA ARG A 623 -12.04 -39.59 -15.31
C ARG A 623 -13.15 -38.81 -14.62
N GLU A 624 -13.87 -39.46 -13.71
CA GLU A 624 -14.84 -38.79 -12.84
C GLU A 624 -14.10 -38.12 -11.67
N ASN A 625 -14.82 -37.32 -10.88
CA ASN A 625 -14.26 -36.66 -9.70
C ASN A 625 -14.66 -37.35 -8.41
N TYR A 635 -22.23 -26.29 -16.07
CA TYR A 635 -20.99 -27.07 -16.08
C TYR A 635 -21.10 -28.38 -16.88
N GLN A 636 -22.34 -28.82 -17.14
CA GLN A 636 -22.66 -29.84 -18.17
C GLN A 636 -22.44 -31.31 -17.78
N THR A 637 -21.21 -31.68 -17.39
CA THR A 637 -20.88 -33.07 -16.97
C THR A 637 -19.94 -33.12 -15.77
N ASN A 638 -19.78 -34.32 -15.22
CA ASN A 638 -18.78 -34.62 -14.17
C ASN A 638 -17.78 -35.66 -14.69
N VAL A 639 -17.15 -35.33 -15.82
CA VAL A 639 -16.11 -36.17 -16.42
C VAL A 639 -14.95 -35.26 -16.80
N GLU A 640 -13.81 -35.43 -16.12
CA GLU A 640 -12.61 -34.66 -16.39
C GLU A 640 -11.93 -35.14 -17.65
N ILE A 641 -11.23 -34.20 -18.30
CA ILE A 641 -10.27 -34.52 -19.35
C ILE A 641 -8.91 -34.41 -18.70
N ILE A 642 -8.09 -35.45 -18.82
CA ILE A 642 -6.71 -35.41 -18.33
C ILE A 642 -5.72 -35.84 -19.39
N CYS A 643 -4.49 -35.31 -19.30
CA CYS A 643 -3.41 -35.61 -20.24
C CYS A 643 -3.09 -37.09 -20.24
N LYS A 644 -2.92 -37.69 -21.41
CA LYS A 644 -2.57 -39.11 -21.51
C LYS A 644 -1.18 -39.36 -20.93
N ASP A 645 -0.23 -38.55 -21.35
CA ASP A 645 1.19 -38.73 -21.01
C ASP A 645 1.54 -38.42 -19.53
N CYS A 646 0.78 -37.54 -18.89
CA CYS A 646 1.12 -37.07 -17.53
C CYS A 646 -0.03 -36.92 -16.51
N GLY A 647 -1.29 -37.06 -16.93
CA GLY A 647 -2.44 -36.94 -16.04
C GLY A 647 -2.83 -35.55 -15.56
N GLN A 648 -2.33 -34.51 -16.24
CA GLN A 648 -2.65 -33.11 -15.90
C GLN A 648 -4.08 -32.78 -16.34
N VAL A 649 -4.86 -32.22 -15.42
CA VAL A 649 -6.23 -31.75 -15.73
C VAL A 649 -6.14 -30.73 -16.86
N TRP A 650 -6.96 -30.93 -17.90
CA TRP A 650 -7.16 -29.92 -18.95
C TRP A 650 -8.54 -29.25 -18.88
N GLY A 651 -9.54 -29.93 -18.30
CA GLY A 651 -10.88 -29.35 -18.10
C GLY A 651 -11.94 -30.41 -17.86
N ASN A 652 -12.96 -30.45 -18.73
CA ASN A 652 -14.03 -31.45 -18.65
C ASN A 652 -14.77 -31.64 -19.98
N MET A 653 -15.49 -32.76 -20.11
CA MET A 653 -16.35 -33.02 -21.28
C MET A 653 -17.67 -32.28 -21.15
N MET A 654 -18.34 -32.04 -22.27
CA MET A 654 -19.68 -31.43 -22.28
C MET A 654 -20.50 -31.92 -23.47
N VAL A 655 -21.83 -31.92 -23.28
CA VAL A 655 -22.78 -32.34 -24.32
C VAL A 655 -23.47 -31.09 -24.87
N TYR A 656 -23.28 -30.82 -26.15
CA TYR A 656 -23.90 -29.67 -26.83
C TYR A 656 -24.46 -30.11 -28.17
N ARG A 657 -25.79 -30.00 -28.32
CA ARG A 657 -26.53 -30.49 -29.50
C ARG A 657 -26.29 -31.99 -29.78
N GLY A 658 -26.20 -32.78 -28.71
CA GLY A 658 -25.95 -34.22 -28.83
C GLY A 658 -24.55 -34.63 -29.25
N LEU A 659 -23.58 -33.73 -29.12
CA LEU A 659 -22.17 -34.00 -29.44
C LEU A 659 -21.33 -33.93 -28.17
N ASP A 660 -20.58 -34.99 -27.89
CA ASP A 660 -19.62 -35.00 -26.78
C ASP A 660 -18.40 -34.16 -27.18
N LEU A 661 -18.20 -33.03 -26.50
CA LEU A 661 -17.15 -32.06 -26.83
C LEU A 661 -16.24 -31.81 -25.63
N PRO A 662 -14.92 -31.61 -25.88
CA PRO A 662 -13.98 -31.33 -24.80
C PRO A 662 -13.89 -29.85 -24.44
N CYS A 663 -14.29 -29.48 -23.23
CA CYS A 663 -14.10 -28.12 -22.70
C CYS A 663 -12.73 -28.02 -22.03
N LEU A 664 -11.87 -27.15 -22.57
CA LEU A 664 -10.52 -26.93 -22.07
C LEU A 664 -10.48 -25.64 -21.26
N LYS A 665 -10.03 -25.73 -20.01
CA LYS A 665 -9.79 -24.54 -19.17
C LYS A 665 -8.38 -24.00 -19.42
N ILE A 666 -8.30 -22.70 -19.71
CA ILE A 666 -7.05 -22.00 -20.05
C ILE A 666 -5.96 -22.07 -18.97
N ARG A 667 -6.36 -22.15 -17.70
CA ARG A 667 -5.43 -22.29 -16.56
C ARG A 667 -4.37 -23.38 -16.76
N ASN A 668 -4.78 -24.46 -17.41
CA ASN A 668 -3.98 -25.69 -17.51
C ASN A 668 -2.89 -25.74 -18.60
N PHE A 669 -2.81 -24.72 -19.46
CA PHE A 669 -1.92 -24.75 -20.61
C PHE A 669 -0.88 -23.64 -20.62
N VAL A 670 0.30 -23.97 -21.14
CA VAL A 670 1.31 -23.00 -21.54
C VAL A 670 1.04 -22.72 -23.02
N VAL A 671 0.83 -21.44 -23.34
CA VAL A 671 0.47 -21.02 -24.69
C VAL A 671 1.72 -20.51 -25.38
N ALA A 672 2.14 -21.19 -26.44
CA ALA A 672 3.33 -20.81 -27.21
C ALA A 672 2.97 -19.91 -28.39
N PHE A 673 3.88 -19.00 -28.73
CA PHE A 673 3.73 -18.07 -29.87
C PHE A 673 4.80 -18.35 -30.93
N GLU A 674 4.64 -17.71 -32.09
CA GLU A 674 5.56 -17.91 -33.23
C GLU A 674 6.75 -16.94 -33.21
N ASP A 675 6.52 -15.70 -32.75
CA ASP A 675 7.59 -14.69 -32.63
C ASP A 675 8.67 -15.07 -31.62
N THR A 679 8.71 -17.19 -26.95
CA THR A 679 7.73 -16.57 -26.07
C THR A 679 6.65 -17.56 -25.65
N LYS A 680 6.58 -17.86 -24.35
CA LYS A 680 5.58 -18.77 -23.78
C LYS A 680 4.98 -18.12 -22.53
N GLU A 681 3.66 -17.98 -22.49
CA GLU A 681 2.95 -17.36 -21.36
C GLU A 681 1.73 -18.18 -20.94
N ILE A 682 1.31 -18.01 -19.68
CA ILE A 682 0.17 -18.72 -19.08
C ILE A 682 -0.87 -17.69 -18.64
N PHE A 683 -2.14 -17.97 -18.96
CA PHE A 683 -3.26 -17.05 -18.69
C PHE A 683 -4.29 -17.73 -17.80
N LYS A 684 -4.95 -16.93 -16.95
CA LYS A 684 -6.02 -17.42 -16.07
C LYS A 684 -7.41 -17.38 -16.72
N LYS A 685 -7.58 -16.51 -17.72
CA LYS A 685 -8.85 -16.35 -18.44
C LYS A 685 -8.62 -16.33 -19.96
N TRP A 686 -9.58 -16.87 -20.70
CA TRP A 686 -9.55 -16.82 -22.17
C TRP A 686 -9.59 -15.39 -22.70
N GLY A 687 -10.28 -14.50 -21.98
CA GLY A 687 -10.34 -13.07 -22.32
C GLY A 687 -9.02 -12.33 -22.24
N GLU A 688 -8.05 -12.85 -21.48
CA GLU A 688 -6.70 -12.27 -21.41
C GLU A 688 -5.86 -12.48 -22.67
N LEU A 689 -6.13 -13.54 -23.43
CA LEU A 689 -5.50 -13.75 -24.74
C LEU A 689 -5.89 -12.62 -25.69
N PRO A 690 -4.96 -12.15 -26.55
CA PRO A 690 -5.29 -11.11 -27.53
C PRO A 690 -5.80 -11.71 -28.85
N ILE A 691 -6.69 -12.70 -28.77
CA ILE A 691 -7.17 -13.48 -29.92
C ILE A 691 -8.67 -13.73 -29.77
N ILE A 692 -9.43 -13.45 -30.83
CA ILE A 692 -10.87 -13.66 -30.86
C ILE A 692 -11.14 -14.97 -31.58
N PHE A 693 -11.98 -15.83 -31.01
CA PHE A 693 -12.24 -17.17 -31.54
C PHE A 693 -13.60 -17.27 -32.26
N PRO A 694 -13.78 -18.26 -33.17
CA PRO A 694 -15.06 -18.43 -33.90
C PRO A 694 -16.24 -18.89 -33.05
N ASP A 695 -17.43 -18.93 -33.66
CA ASP A 695 -18.65 -19.39 -33.00
C ASP A 695 -18.69 -20.91 -32.90
CA GLY D 4 39.95 11.69 31.56
C GLY D 4 40.38 10.34 32.17
N ASP D 5 39.48 9.35 32.13
CA ASP D 5 39.77 7.99 32.63
C ASP D 5 38.64 7.05 32.16
N LEU D 6 39.02 5.93 31.53
CA LEU D 6 38.07 5.07 30.84
C LEU D 6 37.21 4.22 31.79
N THR D 7 36.04 4.74 32.13
CA THR D 7 35.07 4.03 32.96
C THR D 7 33.67 4.14 32.37
N LEU D 8 32.79 3.23 32.78
CA LEU D 8 31.38 3.24 32.41
C LEU D 8 30.51 3.55 33.61
N ARG D 9 29.34 4.11 33.34
CA ARG D 9 28.27 4.25 34.32
C ARG D 9 27.60 2.88 34.50
N ASP D 10 26.83 2.72 35.57
CA ASP D 10 26.23 1.42 35.89
C ASP D 10 25.26 0.94 34.80
N TYR D 11 24.43 1.84 34.29
CA TYR D 11 23.54 1.50 33.18
C TYR D 11 24.31 1.14 31.91
N GLN D 12 25.44 1.80 31.67
CA GLN D 12 26.32 1.49 30.54
C GLN D 12 26.97 0.12 30.69
N MET D 13 27.43 -0.19 31.90
CA MET D 13 28.04 -1.49 32.20
C MET D 13 27.05 -2.64 32.05
N GLU D 14 25.82 -2.43 32.55
CA GLU D 14 24.73 -3.41 32.45
C GLU D 14 24.50 -3.91 31.02
N VAL D 15 24.55 -2.98 30.06
CA VAL D 15 24.35 -3.32 28.62
C VAL D 15 25.64 -3.82 27.97
N ALA D 16 26.80 -3.44 28.53
CA ALA D 16 28.11 -3.87 28.03
C ALA D 16 28.49 -5.30 28.40
N LYS D 17 28.13 -5.74 29.62
CA LYS D 17 28.61 -7.02 30.20
C LYS D 17 28.70 -8.24 29.24
N PRO D 18 27.62 -8.54 28.48
CA PRO D 18 27.69 -9.67 27.55
C PRO D 18 28.70 -9.50 26.42
N ALA D 19 28.85 -8.28 25.92
CA ALA D 19 29.86 -7.97 24.88
C ALA D 19 31.29 -8.13 25.41
N LEU D 20 31.49 -7.83 26.70
CA LEU D 20 32.79 -8.01 27.36
C LEU D 20 33.15 -9.50 27.58
N ASN D 21 32.14 -10.38 27.57
CA ASN D 21 32.33 -11.84 27.59
C ASN D 21 32.35 -12.51 26.19
N GLY D 22 32.39 -11.72 25.12
CA GLY D 22 32.55 -12.24 23.76
C GLY D 22 31.28 -12.63 23.02
N GLU D 23 30.12 -12.22 23.52
CA GLU D 23 28.84 -12.50 22.87
C GLU D 23 28.48 -11.40 21.88
N ASN D 24 27.96 -11.80 20.72
CA ASN D 24 27.36 -10.87 19.75
C ASN D 24 26.10 -10.28 20.37
N ILE D 25 26.01 -8.95 20.44
CA ILE D 25 24.80 -8.29 20.95
C ILE D 25 24.44 -7.01 20.20
N ILE D 26 23.17 -6.62 20.36
CA ILE D 26 22.70 -5.30 20.00
C ILE D 26 22.49 -4.54 21.32
N ILE D 27 23.03 -3.33 21.38
CA ILE D 27 22.88 -2.45 22.55
C ILE D 27 21.91 -1.33 22.16
N CYS D 28 20.83 -1.19 22.94
CA CYS D 28 19.82 -0.15 22.75
C CYS D 28 19.88 0.89 23.88
N LEU D 29 20.54 2.00 23.60
CA LEU D 29 20.68 3.12 24.54
C LEU D 29 20.09 4.38 23.92
N PRO D 30 19.28 5.15 24.69
CA PRO D 30 18.72 6.42 24.18
C PRO D 30 19.77 7.45 23.74
N THR D 31 19.32 8.49 23.06
CA THR D 31 20.18 9.61 22.67
C THR D 31 20.64 10.34 23.93
N GLY D 32 21.93 10.68 23.99
CA GLY D 32 22.57 11.26 25.18
C GLY D 32 23.06 10.27 26.24
N SER D 33 22.99 8.96 25.95
CA SER D 33 23.37 7.92 26.92
C SER D 33 24.86 7.56 26.90
N GLY D 34 25.57 7.96 25.86
CA GLY D 34 26.98 7.63 25.70
C GLY D 34 27.18 6.24 25.13
N LYS D 35 26.51 5.95 24.02
CA LYS D 35 26.66 4.66 23.34
C LYS D 35 28.06 4.47 22.75
N THR D 36 28.66 5.56 22.25
CA THR D 36 30.01 5.49 21.68
C THR D 36 31.09 5.31 22.74
N ARG D 37 30.88 5.86 23.94
CA ARG D 37 31.76 5.59 25.08
C ARG D 37 31.76 4.11 25.47
N VAL D 38 30.59 3.47 25.38
CA VAL D 38 30.47 2.03 25.60
C VAL D 38 31.26 1.24 24.54
N ALA D 39 31.20 1.71 23.30
CA ALA D 39 31.96 1.10 22.19
C ALA D 39 33.48 1.15 22.40
N VAL D 40 33.98 2.25 22.99
CA VAL D 40 35.42 2.42 23.27
C VAL D 40 35.87 1.51 24.42
N TYR D 41 35.08 1.48 25.50
CA TYR D 41 35.34 0.59 26.64
C TYR D 41 35.40 -0.88 26.20
N ILE D 42 34.44 -1.29 25.37
CA ILE D 42 34.40 -2.65 24.83
C ILE D 42 35.56 -2.91 23.87
N THR D 43 35.95 -1.90 23.09
CA THR D 43 37.11 -1.99 22.19
C THR D 43 38.42 -2.18 22.97
N LYS D 44 38.65 -1.33 23.97
CA LYS D 44 39.86 -1.44 24.79
C LYS D 44 39.93 -2.75 25.56
N ASP D 45 38.81 -3.10 26.21
CA ASP D 45 38.70 -4.37 26.94
C ASP D 45 39.01 -5.56 26.04
N HIS D 46 38.38 -5.58 24.86
CA HIS D 46 38.60 -6.64 23.88
C HIS D 46 40.07 -6.74 23.46
N LEU D 47 40.69 -5.60 23.19
CA LEU D 47 42.09 -5.57 22.73
C LEU D 47 43.09 -5.90 23.84
N ASP D 48 42.84 -5.40 25.06
CA ASP D 48 43.70 -5.71 26.22
C ASP D 48 43.71 -7.21 26.54
N LYS D 49 42.55 -7.86 26.42
CA LYS D 49 42.45 -9.32 26.61
C LYS D 49 43.21 -10.10 25.53
N LYS D 50 43.16 -9.62 24.29
CA LYS D 50 43.92 -10.23 23.19
C LYS D 50 45.44 -10.08 23.37
N ARG D 51 45.88 -8.99 23.99
CA ARG D 51 47.30 -8.80 24.32
C ARG D 51 47.77 -9.82 25.36
N LYS D 52 47.03 -9.91 26.47
CA LYS D 52 47.37 -10.80 27.58
C LYS D 52 47.28 -12.30 27.25
N ALA D 53 46.53 -12.64 26.19
CA ALA D 53 46.50 -14.00 25.64
C ALA D 53 47.48 -14.21 24.47
N SER D 54 48.38 -13.25 24.23
CA SER D 54 49.33 -13.29 23.10
C SER D 54 48.65 -13.58 21.76
N GLU D 55 47.50 -12.96 21.53
CA GLU D 55 46.68 -13.18 20.33
C GLU D 55 46.59 -11.92 19.48
N GLN D 56 46.20 -12.10 18.22
CA GLN D 56 45.97 -10.99 17.28
C GLN D 56 44.61 -10.33 17.54
N GLY D 57 44.65 -9.09 18.04
CA GLY D 57 43.45 -8.29 18.26
C GLY D 57 43.29 -7.23 17.18
N LYS D 58 42.07 -7.07 16.66
CA LYS D 58 41.79 -6.06 15.65
C LYS D 58 40.29 -5.71 15.57
N VAL D 59 40.00 -4.42 15.58
CA VAL D 59 38.64 -3.90 15.69
C VAL D 59 38.34 -2.97 14.52
N ILE D 60 37.17 -3.12 13.92
CA ILE D 60 36.68 -2.15 12.92
C ILE D 60 35.36 -1.56 13.39
N VAL D 61 35.26 -0.23 13.31
CA VAL D 61 34.07 0.50 13.70
C VAL D 61 33.48 1.06 12.42
N LEU D 62 32.22 0.72 12.15
CA LEU D 62 31.56 1.07 10.89
C LEU D 62 30.51 2.14 11.13
N VAL D 63 30.61 3.25 10.40
CA VAL D 63 29.65 4.36 10.48
C VAL D 63 28.96 4.58 9.13
N ASN D 64 27.87 5.35 9.15
CA ASN D 64 27.05 5.59 7.95
C ASN D 64 27.10 7.01 7.38
N LYS D 65 27.81 7.92 8.05
CA LYS D 65 28.09 9.27 7.56
C LYS D 65 29.58 9.56 7.72
N VAL D 66 30.15 10.34 6.81
CA VAL D 66 31.59 10.63 6.80
C VAL D 66 32.05 11.42 8.02
N PRO D 67 31.33 12.52 8.38
CA PRO D 67 31.73 13.29 9.57
C PRO D 67 31.83 12.48 10.87
N LEU D 68 31.08 11.39 10.98
CA LEU D 68 31.14 10.50 12.15
C LEU D 68 32.49 9.77 12.34
N VAL D 69 33.26 9.63 11.27
CA VAL D 69 34.61 9.04 11.34
C VAL D 69 35.50 9.94 12.20
N GLU D 70 35.60 11.21 11.78
CA GLU D 70 36.35 12.25 12.52
C GLU D 70 35.78 12.49 13.92
N GLN D 71 34.46 12.46 14.06
CA GLN D 71 33.79 12.73 15.34
C GLN D 71 34.06 11.66 16.39
N HIS D 72 34.00 10.38 15.99
CA HIS D 72 34.30 9.28 16.91
C HIS D 72 35.78 9.22 17.30
N LEU D 73 36.67 9.64 16.38
CA LEU D 73 38.10 9.75 16.69
C LEU D 73 38.37 10.79 17.79
N ARG D 74 37.95 12.03 17.55
CA ARG D 74 38.20 13.13 18.48
C ARG D 74 37.60 12.89 19.86
N LYS D 75 36.28 12.70 19.90
CA LYS D 75 35.53 12.71 21.16
C LYS D 75 35.67 11.45 22.01
N GLU D 76 35.97 10.31 21.38
CA GLU D 76 35.99 9.03 22.10
C GLU D 76 37.23 8.18 21.85
N PHE D 77 37.46 7.77 20.60
CA PHE D 77 38.44 6.72 20.30
C PHE D 77 39.92 7.09 20.48
N ASN D 78 40.36 8.26 20.03
CA ASN D 78 41.78 8.66 20.20
C ASN D 78 42.20 8.96 21.65
N PRO D 79 41.45 9.81 22.38
CA PRO D 79 41.79 10.11 23.78
C PRO D 79 42.15 8.90 24.66
N PHE D 80 41.40 7.80 24.52
CA PHE D 80 41.58 6.60 25.36
C PHE D 80 42.43 5.47 24.74
N LEU D 81 42.59 5.44 23.42
CA LEU D 81 43.32 4.34 22.74
C LEU D 81 44.62 4.73 22.01
N LYS D 82 44.80 6.00 21.65
CA LYS D 82 45.90 6.42 20.77
C LYS D 82 47.30 6.08 21.30
N HIS D 83 47.49 6.23 22.61
CA HIS D 83 48.78 5.94 23.25
C HIS D 83 49.07 4.44 23.42
N TRP D 84 48.02 3.61 23.38
CA TRP D 84 48.16 2.17 23.58
C TRP D 84 48.08 1.34 22.30
N TYR D 85 47.29 1.79 21.32
CA TYR D 85 47.10 1.07 20.06
C TYR D 85 47.19 2.00 18.86
N GLN D 86 47.34 1.39 17.68
CA GLN D 86 47.31 2.13 16.42
C GLN D 86 45.86 2.33 15.99
N VAL D 87 45.48 3.60 15.81
CA VAL D 87 44.10 4.00 15.57
C VAL D 87 44.04 4.90 14.33
N ILE D 88 43.07 4.65 13.44
CA ILE D 88 42.93 5.44 12.22
C ILE D 88 41.47 5.60 11.79
N GLY D 89 41.13 6.80 11.33
CA GLY D 89 39.84 7.10 10.72
C GLY D 89 40.01 7.21 9.22
N LEU D 90 39.09 6.61 8.46
CA LEU D 90 39.22 6.49 7.01
C LEU D 90 37.89 6.75 6.30
N SER D 91 37.96 7.28 5.09
CA SER D 91 36.77 7.66 4.31
C SER D 91 37.04 7.68 2.81
N GLY D 92 35.97 7.69 2.02
CA GLY D 92 36.04 7.90 0.57
C GLY D 92 36.48 9.31 0.21
N ASP D 93 36.14 10.29 1.04
CA ASP D 93 36.51 11.68 0.83
C ASP D 93 38.03 11.91 0.94
N SER D 94 38.65 11.26 1.93
CA SER D 94 40.11 11.34 2.11
C SER D 94 40.83 10.45 1.10
N GLU D 95 41.57 11.07 0.19
CA GLU D 95 42.44 10.33 -0.75
C GLU D 95 43.69 9.87 0.01
N LEU D 96 43.62 8.65 0.54
CA LEU D 96 44.75 8.03 1.21
C LEU D 96 45.64 7.38 0.15
N LYS D 97 46.95 7.48 0.33
CA LYS D 97 47.92 6.84 -0.58
C LYS D 97 48.21 5.37 -0.24
N ILE D 98 47.64 4.88 0.86
CA ILE D 98 47.74 3.48 1.28
C ILE D 98 46.49 2.75 0.79
N SER D 99 46.64 1.49 0.43
CA SER D 99 45.48 0.63 0.11
C SER D 99 44.83 0.12 1.40
N PHE D 100 43.56 -0.26 1.33
CA PHE D 100 42.83 -0.75 2.53
C PHE D 100 43.45 -2.02 3.14
N PRO D 101 43.84 -3.01 2.30
CA PRO D 101 44.52 -4.19 2.87
C PRO D 101 45.76 -3.87 3.73
N GLU D 102 46.56 -2.88 3.34
CA GLU D 102 47.71 -2.45 4.13
C GLU D 102 47.27 -1.70 5.40
N VAL D 103 46.26 -0.83 5.29
CA VAL D 103 45.68 -0.16 6.46
C VAL D 103 45.25 -1.19 7.52
N VAL D 104 44.75 -2.33 7.06
CA VAL D 104 44.41 -3.45 7.95
C VAL D 104 45.66 -4.02 8.61
N LYS D 105 46.74 -4.27 7.86
CA LYS D 105 48.00 -4.77 8.47
C LYS D 105 48.61 -3.80 9.50
N ARG D 106 48.54 -2.49 9.23
CA ARG D 106 49.25 -1.49 10.06
C ARG D 106 48.49 -1.06 11.32
N TYR D 107 47.16 -1.11 11.31
CA TYR D 107 46.35 -0.53 12.40
C TYR D 107 45.48 -1.53 13.16
N ASP D 108 45.24 -1.21 14.43
CA ASP D 108 44.49 -2.05 15.37
C ASP D 108 43.02 -1.66 15.46
N VAL D 109 42.75 -0.36 15.38
CA VAL D 109 41.40 0.18 15.44
C VAL D 109 41.16 1.02 14.18
N ILE D 110 40.32 0.51 13.28
CA ILE D 110 39.96 1.20 12.04
C ILE D 110 38.53 1.72 12.18
N ILE D 111 38.36 3.04 12.07
CA ILE D 111 37.03 3.67 12.03
C ILE D 111 36.83 4.13 10.59
N CYS D 112 35.79 3.62 9.93
CA CYS D 112 35.51 4.01 8.55
C CYS D 112 34.06 3.91 8.18
N THR D 113 33.71 4.54 7.06
CA THR D 113 32.39 4.37 6.47
C THR D 113 32.29 2.94 5.93
N ALA D 114 31.09 2.38 5.98
CA ALA D 114 30.89 0.95 5.66
C ALA D 114 31.32 0.55 4.25
N GLN D 115 31.13 1.44 3.27
CA GLN D 115 31.48 1.13 1.87
C GLN D 115 32.99 0.96 1.62
N ILE D 116 33.84 1.52 2.48
CA ILE D 116 35.28 1.27 2.42
C ILE D 116 35.61 -0.20 2.71
N LEU D 117 34.89 -0.81 3.64
CA LEU D 117 35.06 -2.24 3.91
C LEU D 117 34.52 -3.08 2.77
N GLU D 118 33.27 -2.83 2.38
CA GLU D 118 32.62 -3.58 1.27
C GLU D 118 33.38 -3.51 -0.05
N ASN D 119 33.90 -2.33 -0.39
CA ASN D 119 34.72 -2.19 -1.61
C ASN D 119 35.90 -3.17 -1.65
N SER D 120 36.52 -3.38 -0.49
CA SER D 120 37.63 -4.31 -0.35
C SER D 120 37.19 -5.77 -0.31
N LEU D 121 36.03 -6.05 0.29
CA LEU D 121 35.49 -7.41 0.34
C LEU D 121 35.06 -7.90 -1.03
N LEU D 122 34.38 -7.03 -1.77
CA LEU D 122 34.07 -7.25 -3.20
C LEU D 122 35.31 -7.33 -4.08
N ASN D 123 36.34 -6.54 -3.76
CA ASN D 123 37.41 -6.16 -4.67
C ASN D 123 36.88 -5.36 -5.87
N ALA D 124 36.32 -6.05 -6.85
CA ALA D 124 36.13 -5.58 -8.23
C ALA D 124 37.46 -5.69 -8.97
N THR D 125 38.43 -4.84 -8.63
CA THR D 125 39.78 -4.87 -9.23
C THR D 125 40.73 -5.74 -8.39
N GLU D 126 41.17 -6.86 -8.97
CA GLU D 126 41.98 -7.87 -8.27
C GLU D 126 43.43 -7.86 -8.77
N GLU D 129 46.30 -10.07 -2.15
CA GLU D 129 45.61 -10.65 -1.01
C GLU D 129 44.59 -9.69 -0.39
N SER D 130 43.32 -10.07 -0.46
CA SER D 130 42.20 -9.21 -0.08
C SER D 130 42.04 -9.07 1.43
N VAL D 131 41.07 -8.24 1.81
CA VAL D 131 40.55 -8.19 3.19
C VAL D 131 39.39 -9.18 3.28
N ARG D 132 39.31 -9.86 4.42
CA ARG D 132 38.15 -10.70 4.77
C ARG D 132 37.71 -10.29 6.17
N LEU D 133 36.51 -10.69 6.55
CA LEU D 133 35.97 -10.38 7.88
C LEU D 133 36.70 -11.16 9.00
N SER D 134 37.31 -12.29 8.66
CA SER D 134 38.17 -13.05 9.57
C SER D 134 39.43 -12.29 10.04
N ASP D 135 39.85 -11.28 9.29
CA ASP D 135 40.97 -10.41 9.71
C ASP D 135 40.68 -9.63 10.99
N PHE D 136 39.40 -9.30 11.21
CA PHE D 136 38.96 -8.52 12.37
C PHE D 136 38.42 -9.47 13.43
N SER D 137 38.78 -9.21 14.69
CA SER D 137 38.26 -9.98 15.81
C SER D 137 36.96 -9.38 16.38
N LEU D 138 36.76 -8.07 16.21
CA LEU D 138 35.53 -7.39 16.62
C LEU D 138 35.06 -6.43 15.53
N ILE D 139 33.77 -6.46 15.21
CA ILE D 139 33.15 -5.51 14.29
C ILE D 139 32.03 -4.76 15.01
N ILE D 140 32.15 -3.44 15.10
CA ILE D 140 31.15 -2.59 15.74
C ILE D 140 30.42 -1.80 14.65
N ILE D 141 29.09 -1.87 14.67
CA ILE D 141 28.25 -1.19 13.69
C ILE D 141 27.49 -0.08 14.40
N ASP D 142 27.85 1.15 14.10
CA ASP D 142 27.13 2.33 14.61
C ASP D 142 25.82 2.44 13.87
N GLN D 143 24.77 2.82 14.59
CA GLN D 143 23.45 3.07 14.00
C GLN D 143 22.91 1.79 13.32
N CYS D 144 22.94 0.69 14.06
CA CYS D 144 22.74 -0.65 13.52
C CYS D 144 21.31 -1.03 13.08
N HIS D 145 20.37 -0.11 13.24
CA HIS D 145 19.02 -0.28 12.67
C HIS D 145 18.97 -0.19 11.13
N HIS D 146 20.03 0.31 10.49
CA HIS D 146 20.18 0.23 9.04
C HIS D 146 20.68 -1.12 8.51
N THR D 147 21.02 -2.04 9.43
CA THR D 147 21.44 -3.39 9.07
C THR D 147 20.21 -4.18 8.59
N GLN D 148 19.74 -3.81 7.41
CA GLN D 148 18.39 -4.12 6.94
C GLN D 148 18.35 -4.08 5.42
N LYS D 149 17.49 -4.91 4.82
CA LYS D 149 17.24 -4.92 3.37
C LYS D 149 18.56 -4.95 2.58
N GLU D 150 18.75 -4.04 1.61
CA GLU D 150 19.94 -4.03 0.76
C GLU D 150 20.98 -2.96 1.14
N GLY D 151 20.98 -2.56 2.42
CA GLY D 151 21.96 -1.62 2.93
C GLY D 151 23.35 -2.21 2.96
N VAL D 152 24.35 -1.34 3.08
CA VAL D 152 25.76 -1.75 3.05
C VAL D 152 26.06 -2.59 4.30
N TYR D 153 25.53 -2.15 5.44
CA TYR D 153 25.61 -2.91 6.69
C TYR D 153 25.14 -4.35 6.52
N ASN D 154 23.97 -4.52 5.92
CA ASN D 154 23.39 -5.84 5.75
C ASN D 154 24.14 -6.73 4.75
N ASN D 155 24.74 -6.12 3.73
CA ASN D 155 25.62 -6.84 2.79
C ASN D 155 26.92 -7.31 3.43
N ILE D 156 27.48 -6.50 4.33
CA ILE D 156 28.65 -6.91 5.14
C ILE D 156 28.25 -8.11 6.01
N MET D 157 27.12 -7.99 6.70
CA MET D 157 26.64 -9.04 7.60
C MET D 157 26.13 -10.30 6.89
N ARG D 158 25.70 -10.16 5.64
CA ARG D 158 25.33 -11.34 4.84
C ARG D 158 26.54 -12.19 4.47
N ARG D 159 27.69 -11.54 4.23
CA ARG D 159 28.96 -12.25 4.06
C ARG D 159 29.37 -12.97 5.35
N TYR D 160 29.18 -12.30 6.49
CA TYR D 160 29.46 -12.89 7.80
C TYR D 160 28.64 -14.18 8.07
N LEU D 161 27.36 -14.14 7.74
CA LEU D 161 26.48 -15.31 7.89
C LEU D 161 26.79 -16.41 6.89
N LYS D 162 27.19 -16.04 5.68
CA LYS D 162 27.63 -17.00 4.67
C LYS D 162 28.93 -17.69 5.11
N GLU D 163 29.83 -16.93 5.73
CA GLU D 163 31.05 -17.48 6.34
C GLU D 163 30.79 -18.30 7.61
N LYS D 164 29.71 -18.00 8.33
CA LYS D 164 29.28 -18.80 9.50
C LYS D 164 28.77 -20.20 9.10
N ILE D 165 27.94 -20.24 8.05
CA ILE D 165 27.40 -21.50 7.52
C ILE D 165 28.50 -22.37 6.89
N LYS D 166 29.41 -21.74 6.13
CA LYS D 166 30.59 -22.43 5.58
C LYS D 166 31.55 -22.97 6.65
N ASN D 167 31.55 -22.37 7.84
CA ASN D 167 32.38 -22.81 8.96
C ASN D 167 31.94 -24.19 9.49
N ARG D 168 30.63 -24.43 9.55
CA ARG D 168 30.10 -25.74 9.96
C ARG D 168 30.37 -26.87 8.94
N LYS D 169 30.50 -26.51 7.66
CA LYS D 169 30.87 -27.47 6.62
C LYS D 169 32.32 -27.96 6.77
N GLN D 170 33.20 -27.08 7.27
CA GLN D 170 34.62 -27.41 7.49
C GLN D 170 34.95 -27.97 8.89
N ALA D 171 33.95 -28.00 9.78
CA ALA D 171 34.07 -28.74 11.05
C ALA D 171 33.93 -30.24 10.78
N LYS D 172 32.85 -30.59 10.09
CA LYS D 172 32.61 -31.97 9.64
C LYS D 172 33.55 -32.37 8.49
N GLU D 173 33.93 -31.40 7.66
CA GLU D 173 34.84 -31.58 6.52
C GLU D 173 34.25 -32.52 5.45
N LEU D 177 38.38 -24.40 9.99
CA LEU D 177 37.91 -23.67 11.16
C LEU D 177 38.34 -22.21 11.07
N ILE D 178 37.66 -21.46 10.20
CA ILE D 178 38.02 -20.08 9.86
C ILE D 178 37.47 -19.11 10.94
N PRO D 179 38.30 -18.15 11.42
CA PRO D 179 37.87 -17.33 12.57
C PRO D 179 36.77 -16.32 12.22
N GLN D 180 35.80 -16.18 13.12
CA GLN D 180 34.68 -15.27 12.92
C GLN D 180 34.72 -14.12 13.94
N PRO D 181 34.54 -12.87 13.48
CA PRO D 181 34.56 -11.73 14.40
C PRO D 181 33.38 -11.71 15.37
N GLN D 182 33.61 -11.14 16.56
CA GLN D 182 32.51 -10.74 17.44
C GLN D 182 31.83 -9.53 16.80
N ILE D 183 30.52 -9.40 17.01
CA ILE D 183 29.73 -8.32 16.39
C ILE D 183 28.93 -7.56 17.45
N LEU D 184 29.03 -6.22 17.40
CA LEU D 184 28.35 -5.33 18.34
C LEU D 184 27.55 -4.29 17.55
N GLY D 185 26.23 -4.28 17.75
CA GLY D 185 25.35 -3.29 17.14
C GLY D 185 24.98 -2.23 18.16
N LEU D 186 25.00 -0.97 17.75
CA LEU D 186 24.65 0.16 18.63
C LEU D 186 23.56 1.01 17.98
N THR D 187 22.47 1.22 18.72
CA THR D 187 21.34 2.02 18.24
C THR D 187 20.55 2.62 19.41
N ALA D 188 19.69 3.60 19.11
CA ALA D 188 18.73 4.14 20.09
C ALA D 188 17.33 3.52 19.91
N SER D 189 17.02 3.09 18.69
CA SER D 189 15.78 2.39 18.41
C SER D 189 15.97 1.52 17.16
N PRO D 190 15.85 0.18 17.31
CA PRO D 190 15.95 -0.69 16.12
C PRO D 190 14.80 -0.49 15.13
N GLY D 191 13.67 -0.01 15.64
CA GLY D 191 12.53 0.34 14.81
C GLY D 191 11.48 -0.75 14.78
N VAL D 192 10.47 -0.51 13.96
CA VAL D 192 9.33 -1.40 13.78
C VAL D 192 9.14 -1.84 12.30
N GLY D 193 9.90 -1.25 11.38
CA GLY D 193 9.86 -1.62 9.97
C GLY D 193 8.54 -1.34 9.28
N GLY D 194 7.86 -0.28 9.70
CA GLY D 194 6.55 0.09 9.13
C GLY D 194 5.38 -0.77 9.55
N ALA D 195 5.56 -1.62 10.57
CA ALA D 195 4.50 -2.51 11.04
C ALA D 195 3.33 -1.77 11.68
N ARG D 196 2.13 -2.29 11.48
CA ARG D 196 0.92 -1.79 12.13
C ARG D 196 0.37 -2.78 13.16
N SER D 197 1.01 -3.94 13.31
CA SER D 197 0.64 -4.96 14.30
C SER D 197 1.84 -5.36 15.15
N ASN D 198 1.56 -5.82 16.36
CA ASN D 198 2.60 -6.25 17.32
C ASN D 198 3.35 -7.50 16.83
N SER D 199 2.66 -8.37 16.12
CA SER D 199 3.28 -9.53 15.46
C SER D 199 4.37 -9.12 14.47
N LYS D 200 4.03 -8.18 13.58
CA LYS D 200 5.00 -7.68 12.59
C LYS D 200 6.09 -6.78 13.19
N ALA D 201 5.78 -6.13 14.31
CA ALA D 201 6.77 -5.41 15.10
C ALA D 201 7.82 -6.36 15.67
N GLU D 202 7.36 -7.46 16.28
CA GLU D 202 8.24 -8.50 16.83
C GLU D 202 9.01 -9.26 15.74
N GLU D 203 8.41 -9.40 14.57
CA GLU D 203 9.10 -9.97 13.40
C GLU D 203 10.28 -9.09 12.97
N HIS D 204 10.06 -7.77 12.94
CA HIS D 204 11.11 -6.82 12.56
C HIS D 204 12.29 -6.79 13.54
N ILE D 205 11.99 -6.90 14.84
CA ILE D 205 13.03 -6.91 15.87
C ILE D 205 13.92 -8.14 15.74
N LEU D 206 13.29 -9.29 15.55
CA LEU D 206 14.02 -10.55 15.31
C LEU D 206 14.82 -10.54 14.00
N LYS D 207 14.31 -9.87 12.96
CA LYS D 207 15.07 -9.73 11.71
C LYS D 207 16.36 -8.93 11.90
N ILE D 208 16.28 -7.83 12.65
CA ILE D 208 17.46 -7.00 12.93
C ILE D 208 18.44 -7.79 13.80
N CYS D 209 17.92 -8.45 14.85
CA CYS D 209 18.69 -9.42 15.65
C CYS D 209 19.36 -10.48 14.79
N ALA D 210 18.60 -11.04 13.85
CA ALA D 210 19.11 -12.04 12.92
C ALA D 210 20.20 -11.51 11.99
N ASN D 211 20.02 -10.29 11.47
CA ASN D 211 21.01 -9.67 10.59
C ASN D 211 22.35 -9.37 11.27
N LEU D 212 22.30 -9.00 12.54
CA LEU D 212 23.51 -8.73 13.34
C LEU D 212 24.04 -9.96 14.09
N ASP D 213 23.43 -11.12 13.84
CA ASP D 213 23.77 -12.40 14.49
C ASP D 213 23.83 -12.27 16.02
N ALA D 214 22.86 -11.56 16.59
CA ALA D 214 22.86 -11.23 18.02
C ALA D 214 22.45 -12.43 18.87
N CYS D 215 23.25 -12.73 19.89
CA CYS D 215 22.85 -13.64 20.96
C CYS D 215 21.69 -13.07 21.77
N ARG D 216 21.68 -11.75 21.95
CA ARG D 216 20.61 -11.08 22.69
C ARG D 216 20.55 -9.58 22.40
N ILE D 217 19.36 -9.00 22.54
CA ILE D 217 19.15 -7.55 22.41
C ILE D 217 19.12 -6.95 23.80
N MET D 218 19.85 -5.85 23.97
CA MET D 218 20.28 -5.41 25.29
C MET D 218 19.79 -4.00 25.62
N THR D 219 19.01 -3.88 26.69
CA THR D 219 18.46 -2.61 27.18
C THR D 219 18.68 -2.46 28.68
N VAL D 220 18.63 -1.21 29.14
CA VAL D 220 18.81 -0.89 30.56
C VAL D 220 17.53 -1.22 31.32
N LYS D 221 17.67 -1.96 32.42
CA LYS D 221 16.53 -2.38 33.26
C LYS D 221 16.84 -2.27 34.77
N GLU D 222 17.92 -2.91 35.21
CA GLU D 222 18.40 -2.80 36.61
C GLU D 222 18.66 -1.34 37.03
N HIS D 223 19.36 -0.58 36.18
CA HIS D 223 19.68 0.83 36.45
C HIS D 223 18.89 1.76 35.54
N ALA D 224 17.58 1.53 35.48
CA ALA D 224 16.67 2.35 34.66
C ALA D 224 16.50 3.76 35.25
N SER D 225 16.47 3.87 36.58
CA SER D 225 16.36 5.16 37.25
C SER D 225 17.56 6.08 36.99
N GLN D 226 18.76 5.49 37.01
CA GLN D 226 19.99 6.23 36.71
C GLN D 226 19.99 6.78 35.28
N LEU D 227 19.54 5.95 34.34
CA LEU D 227 19.44 6.36 32.92
C LEU D 227 18.43 7.49 32.72
N LYS D 228 17.30 7.42 33.41
CA LYS D 228 16.27 8.46 33.34
C LYS D 228 16.73 9.82 33.91
N ASN D 229 17.61 9.78 34.93
CA ASN D 229 18.29 10.98 35.42
C ASN D 229 19.28 11.58 34.42
N GLN D 230 19.99 10.71 33.70
CA GLN D 230 20.98 11.14 32.69
C GLN D 230 20.36 11.85 31.50
N VAL D 231 19.30 11.25 30.92
CA VAL D 231 18.62 11.81 29.76
C VAL D 231 17.16 12.12 30.10
N LYS D 232 16.82 13.41 30.11
CA LYS D 232 15.46 13.86 30.39
C LYS D 232 14.71 14.10 29.07
N GLU D 233 13.52 13.52 28.98
CA GLU D 233 12.68 13.69 27.78
C GLU D 233 12.04 15.08 27.75
N PRO D 234 11.84 15.62 26.53
CA PRO D 234 11.16 16.92 26.41
C PRO D 234 9.64 16.80 26.61
N PHE D 235 9.00 17.94 26.89
CA PHE D 235 7.54 18.00 27.00
C PHE D 235 6.97 17.98 25.58
N LYS D 236 5.95 17.15 25.35
CA LYS D 236 5.38 17.01 24.00
C LYS D 236 4.23 18.00 23.82
N LYS D 237 4.16 18.60 22.65
CA LYS D 237 3.01 19.42 22.25
C LYS D 237 2.62 19.13 20.80
N THR D 238 1.34 19.30 20.49
CA THR D 238 0.85 19.24 19.13
C THR D 238 0.05 20.51 18.87
N VAL D 239 0.64 21.43 18.12
CA VAL D 239 0.02 22.71 17.77
C VAL D 239 -0.67 22.55 16.41
N ILE D 240 -1.99 22.47 16.42
CA ILE D 240 -2.78 22.24 15.20
C ILE D 240 -3.33 23.57 14.67
N ALA D 241 -3.44 23.66 13.34
CA ALA D 241 -4.03 24.82 12.65
C ALA D 241 -5.11 24.33 11.69
N ASP D 242 -6.37 24.65 11.96
CA ASP D 242 -7.50 24.18 11.14
C ASP D 242 -7.60 24.87 9.78
N ASP D 243 -7.05 26.08 9.66
CA ASP D 243 -6.97 26.81 8.40
C ASP D 243 -8.35 27.06 7.79
N LYS D 244 -9.19 27.79 8.54
CA LYS D 244 -10.47 28.30 8.04
C LYS D 244 -10.35 29.73 7.48
N ARG D 245 -9.12 30.28 7.46
CA ARG D 245 -8.81 31.51 6.72
C ARG D 245 -9.28 31.43 5.27
N ARG D 246 -9.81 32.52 4.74
CA ARG D 246 -10.03 32.61 3.30
C ARG D 246 -8.64 32.67 2.63
N ASP D 247 -8.53 32.12 1.42
CA ASP D 247 -7.24 31.86 0.77
C ASP D 247 -7.31 32.35 -0.70
N PRO D 248 -7.42 33.68 -0.91
CA PRO D 248 -7.56 34.18 -2.29
C PRO D 248 -6.37 33.87 -3.22
N PHE D 249 -5.18 33.63 -2.66
CA PHE D 249 -4.05 33.17 -3.48
C PHE D 249 -4.31 31.78 -4.10
N ARG D 250 -4.82 30.85 -3.30
CA ARG D 250 -5.25 29.54 -3.82
C ARG D 250 -6.38 29.69 -4.87
N GLU D 251 -7.34 30.57 -4.60
CA GLU D 251 -8.49 30.74 -5.50
C GLU D 251 -8.12 31.27 -6.88
N ARG D 252 -7.27 32.30 -6.92
CA ARG D 252 -6.85 32.91 -8.19
C ARG D 252 -5.87 32.01 -8.97
N ILE D 253 -4.96 31.32 -8.26
CA ILE D 253 -4.07 30.34 -8.89
C ILE D 253 -4.90 29.21 -9.54
N ILE D 254 -5.94 28.75 -8.86
CA ILE D 254 -6.83 27.71 -9.41
C ILE D 254 -7.52 28.18 -10.68
N GLU D 255 -7.94 29.45 -10.71
CA GLU D 255 -8.52 30.04 -11.92
C GLU D 255 -7.54 30.05 -13.10
N ILE D 256 -6.26 30.30 -12.82
CA ILE D 256 -5.23 30.27 -13.86
C ILE D 256 -5.02 28.85 -14.37
N MET D 257 -4.95 27.89 -13.44
CA MET D 257 -4.84 26.47 -13.80
C MET D 257 -6.04 25.99 -14.63
N GLN D 258 -7.25 26.39 -14.23
CA GLN D 258 -8.48 26.01 -14.95
C GLN D 258 -8.51 26.55 -16.39
N ASP D 259 -8.09 27.80 -16.55
CA ASP D 259 -7.90 28.42 -17.87
C ASP D 259 -6.93 27.61 -18.75
N ILE D 260 -5.79 27.22 -18.18
CA ILE D 260 -4.77 26.45 -18.92
C ILE D 260 -5.30 25.06 -19.33
N GLN D 261 -6.05 24.42 -18.43
CA GLN D 261 -6.64 23.10 -18.73
C GLN D 261 -7.64 23.12 -19.90
N LYS D 262 -8.41 24.20 -20.04
CA LYS D 262 -9.31 24.37 -21.20
C LYS D 262 -8.57 24.61 -22.52
N TYR D 263 -7.41 25.25 -22.46
CA TYR D 263 -6.59 25.51 -23.66
C TYR D 263 -6.07 24.19 -24.24
N CYS D 264 -5.39 23.39 -23.43
CA CYS D 264 -4.82 22.11 -23.87
C CYS D 264 -5.80 20.95 -23.87
N GLN D 265 -6.93 21.12 -23.17
CA GLN D 265 -7.96 20.10 -23.04
C GLN D 265 -7.48 18.89 -22.19
N LEU D 266 -6.62 19.15 -21.22
CA LEU D 266 -6.19 18.14 -20.25
C LEU D 266 -6.93 18.38 -18.94
N TYR D 267 -7.72 17.39 -18.51
CA TYR D 267 -8.54 17.52 -17.31
C TYR D 267 -8.18 16.44 -16.29
N PRO D 268 -7.99 16.84 -15.01
CA PRO D 268 -7.61 15.90 -13.96
C PRO D 268 -8.79 15.15 -13.36
N LYS D 269 -8.49 14.00 -12.73
CA LYS D 269 -9.44 13.30 -11.88
C LYS D 269 -9.08 13.49 -10.40
N SER D 270 -8.56 14.67 -10.06
CA SER D 270 -7.87 14.89 -8.79
C SER D 270 -7.84 16.38 -8.42
N GLU D 271 -7.81 16.66 -7.11
CA GLU D 271 -7.86 18.04 -6.60
C GLU D 271 -6.61 18.83 -6.92
N PHE D 272 -6.79 20.14 -7.09
CA PHE D 272 -5.68 21.05 -7.34
C PHE D 272 -4.76 21.13 -6.12
N GLY D 273 -3.45 21.21 -6.38
CA GLY D 273 -2.46 21.35 -5.31
C GLY D 273 -2.19 20.11 -4.47
N SER D 274 -2.60 18.94 -4.97
CA SER D 274 -2.45 17.68 -4.26
C SER D 274 -1.41 16.82 -4.94
N GLN D 275 -1.04 15.74 -4.27
CA GLN D 275 -0.01 14.83 -4.76
C GLN D 275 -0.43 14.02 -5.99
N PRO D 276 -1.67 13.47 -6.00
CA PRO D 276 -2.11 12.80 -7.24
C PRO D 276 -2.23 13.70 -8.48
N TYR D 277 -2.48 15.00 -8.29
CA TYR D 277 -2.44 15.97 -9.39
C TYR D 277 -1.03 16.05 -9.97
N GLU D 278 -0.04 16.13 -9.08
CA GLU D 278 1.38 16.17 -9.47
C GLU D 278 1.79 14.90 -10.25
N GLN D 279 1.30 13.73 -9.83
CA GLN D 279 1.57 12.49 -10.56
C GLN D 279 0.97 12.54 -11.95
N TRP D 280 -0.32 12.88 -12.00
CA TRP D 280 -1.07 12.96 -13.25
C TRP D 280 -0.43 13.93 -14.25
N VAL D 281 -0.11 15.13 -13.79
CA VAL D 281 0.42 16.18 -14.67
C VAL D 281 1.82 15.83 -15.22
N ILE D 282 2.64 15.15 -14.41
CA ILE D 282 3.94 14.65 -14.85
C ILE D 282 3.79 13.48 -15.84
N ARG D 283 2.90 12.54 -15.54
CA ARG D 283 2.53 11.48 -16.50
C ARG D 283 2.06 12.05 -17.84
N GLU D 284 1.26 13.11 -17.76
CA GLU D 284 0.70 13.76 -18.95
C GLU D 284 1.78 14.49 -19.76
N GLU D 285 2.78 15.04 -19.06
CA GLU D 285 3.93 15.66 -19.71
C GLU D 285 4.77 14.62 -20.47
N ARG D 286 4.99 13.46 -19.85
CA ARG D 286 5.73 12.36 -20.49
C ARG D 286 5.01 11.82 -21.72
N ARG D 287 3.71 11.54 -21.57
CA ARG D 287 2.90 11.01 -22.69
C ARG D 287 2.95 11.95 -23.90
N ALA D 288 2.60 13.22 -23.66
CA ALA D 288 2.53 14.21 -24.73
C ALA D 288 3.87 14.37 -25.49
N ALA D 289 4.99 14.27 -24.78
CA ALA D 289 6.32 14.33 -25.41
C ALA D 289 6.55 13.16 -26.36
N LYS D 290 6.26 11.95 -25.90
CA LYS D 290 6.34 10.72 -26.73
C LYS D 290 5.50 10.84 -28.01
N GLU D 291 4.27 11.33 -27.86
CA GLU D 291 3.29 11.38 -28.95
C GLU D 291 3.36 12.65 -29.83
N GLU D 292 4.40 13.48 -29.65
CA GLU D 292 4.62 14.71 -30.45
C GLU D 292 3.45 15.70 -30.33
N LYS D 293 3.07 15.99 -29.09
CA LYS D 293 2.00 16.95 -28.79
C LYS D 293 2.57 18.07 -27.94
N ARG D 294 3.20 19.03 -28.62
CA ARG D 294 3.85 20.16 -28.00
C ARG D 294 2.89 21.01 -27.17
N LYS D 295 1.66 21.19 -27.64
CA LYS D 295 0.67 21.98 -26.91
C LYS D 295 0.38 21.39 -25.51
N GLU D 296 0.13 20.08 -25.47
CA GLU D 296 -0.21 19.40 -24.22
C GLU D 296 0.97 19.34 -23.25
N ARG D 297 2.17 19.05 -23.76
CA ARG D 297 3.32 18.84 -22.89
C ARG D 297 3.84 20.14 -22.26
N VAL D 298 3.77 21.24 -23.02
CA VAL D 298 4.19 22.55 -22.53
C VAL D 298 3.19 23.04 -21.48
N CYS D 299 1.90 22.90 -21.75
CA CYS D 299 0.86 23.26 -20.78
C CYS D 299 0.97 22.46 -19.48
N ALA D 300 1.18 21.14 -19.62
CA ALA D 300 1.36 20.25 -18.46
C ALA D 300 2.59 20.61 -17.62
N GLU D 301 3.67 21.02 -18.29
CA GLU D 301 4.86 21.54 -17.62
C GLU D 301 4.53 22.79 -16.78
N HIS D 302 3.81 23.73 -17.37
CA HIS D 302 3.41 24.96 -16.66
C HIS D 302 2.43 24.66 -15.51
N LEU D 303 1.40 23.86 -15.81
CA LEU D 303 0.45 23.40 -14.80
C LEU D 303 1.12 22.82 -13.55
N LYS D 304 2.20 22.06 -13.75
CA LYS D 304 2.98 21.52 -12.64
C LYS D 304 3.59 22.66 -11.79
N LYS D 305 4.14 23.67 -12.46
CA LYS D 305 4.69 24.84 -11.79
C LYS D 305 3.66 25.64 -11.00
N TYR D 306 2.44 25.73 -11.53
CA TYR D 306 1.30 26.31 -10.79
C TYR D 306 0.88 25.39 -9.65
N ASN D 307 0.87 24.07 -9.89
CA ASN D 307 0.57 23.11 -8.82
C ASN D 307 1.59 23.11 -7.68
N ASP D 308 2.84 23.47 -7.98
CA ASP D 308 3.86 23.70 -6.95
C ASP D 308 3.50 24.92 -6.10
N ALA D 309 3.17 26.02 -6.76
CA ALA D 309 2.80 27.26 -6.07
C ALA D 309 1.64 27.08 -5.07
N LEU D 310 0.70 26.19 -5.39
CA LEU D 310 -0.40 25.87 -4.48
C LEU D 310 0.08 25.15 -3.24
N GLN D 311 0.91 24.12 -3.41
CA GLN D 311 1.37 23.33 -2.25
C GLN D 311 2.42 24.04 -1.41
N ILE D 312 3.14 25.00 -1.95
CA ILE D 312 4.03 25.79 -1.09
C ILE D 312 3.29 26.95 -0.42
N ASN D 313 2.19 27.40 -1.04
CA ASN D 313 1.25 28.28 -0.36
C ASN D 313 0.61 27.59 0.85
N ASP D 314 0.39 26.27 0.73
CA ASP D 314 -0.08 25.44 1.85
C ASP D 314 0.87 25.39 3.06
N THR D 315 2.18 25.40 2.83
CA THR D 315 3.18 25.24 3.91
C THR D 315 3.89 26.54 4.32
N ILE D 316 4.25 27.37 3.36
CA ILE D 316 4.99 28.62 3.62
C ILE D 316 4.23 29.81 3.02
N ARG D 317 4.69 31.03 3.27
CA ARG D 317 4.10 32.24 2.72
C ARG D 317 3.95 32.25 1.19
N MET D 318 2.86 32.87 0.75
CA MET D 318 2.49 32.96 -0.66
C MET D 318 3.41 33.82 -1.55
N VAL D 319 4.36 34.54 -0.95
CA VAL D 319 5.36 35.29 -1.72
C VAL D 319 6.35 34.31 -2.37
N ASP D 320 6.63 33.21 -1.67
CA ASP D 320 7.54 32.20 -2.19
C ASP D 320 6.90 31.44 -3.34
N ALA D 321 5.57 31.26 -3.25
CA ALA D 321 4.75 30.73 -4.35
C ALA D 321 4.82 31.62 -5.58
N TYR D 322 4.69 32.93 -5.35
CA TYR D 322 4.81 33.92 -6.42
C TYR D 322 6.19 33.81 -7.10
N ASN D 323 7.25 33.82 -6.28
CA ASN D 323 8.63 33.74 -6.76
C ASN D 323 8.94 32.45 -7.55
N HIS D 324 8.28 31.35 -7.20
CA HIS D 324 8.47 30.07 -7.89
C HIS D 324 8.01 30.19 -9.35
N LEU D 325 6.79 30.70 -9.50
CA LEU D 325 6.23 30.99 -10.82
C LEU D 325 7.00 32.11 -11.51
N ASN D 326 7.26 33.20 -10.77
CA ASN D 326 7.99 34.34 -11.32
C ASN D 326 9.38 33.99 -11.85
N ASN D 327 10.10 33.11 -11.15
CA ASN D 327 11.43 32.66 -11.59
C ASN D 327 11.39 31.75 -12.82
N PHE D 328 10.44 30.81 -12.82
CA PHE D 328 10.17 29.97 -13.99
C PHE D 328 9.97 30.81 -15.25
N TYR D 329 9.09 31.81 -15.19
CA TYR D 329 8.84 32.69 -16.33
C TYR D 329 10.01 33.63 -16.64
N LYS D 330 10.83 33.94 -15.64
CA LYS D 330 12.10 34.67 -15.88
C LYS D 330 13.08 33.82 -16.69
N GLU D 331 13.22 32.55 -16.33
CA GLU D 331 14.04 31.61 -17.09
C GLU D 331 13.48 31.33 -18.49
N LEU D 332 12.16 31.32 -18.62
CA LEU D 332 11.50 31.16 -19.92
C LEU D 332 11.79 32.32 -20.88
N LYS D 333 11.81 33.55 -20.36
CA LYS D 333 12.20 34.72 -21.16
C LYS D 333 13.62 34.56 -21.70
N ARG D 334 14.54 34.19 -20.81
CA ARG D 334 15.97 34.05 -21.13
C ARG D 334 16.25 33.04 -22.25
N ARG D 335 15.64 31.86 -22.17
CA ARG D 335 15.84 30.80 -23.16
C ARG D 335 15.18 31.09 -24.51
N LYS D 336 13.97 31.63 -24.46
CA LYS D 336 13.18 31.90 -25.68
C LYS D 336 13.66 33.16 -26.44
N THR D 337 14.27 34.12 -25.73
CA THR D 337 14.76 35.36 -26.34
C THR D 337 16.07 35.14 -27.10
N ALA D 338 16.11 35.56 -28.36
CA ALA D 338 17.31 35.45 -29.19
C ALA D 338 18.34 36.49 -28.78
N GLU D 339 19.40 36.03 -28.10
CA GLU D 339 20.49 36.90 -27.63
C GLU D 339 21.58 37.04 -28.70
N SER D 340 22.60 37.85 -28.40
CA SER D 340 23.80 37.96 -29.25
C SER D 340 24.70 36.73 -29.06
N ASP D 341 25.68 36.60 -29.97
CA ASP D 341 26.58 35.44 -30.04
C ASP D 341 25.80 34.14 -30.32
N ASP D 342 24.85 34.20 -31.24
CA ASP D 342 24.00 33.06 -31.61
C ASP D 342 24.17 32.74 -33.11
N ASP D 343 24.99 31.73 -33.39
CA ASP D 343 25.30 31.30 -34.76
C ASP D 343 25.83 32.44 -35.64
N SER D 349 11.02 31.22 -35.11
CA SER D 349 10.99 31.76 -33.76
C SER D 349 10.73 30.69 -32.71
N LYS D 350 11.38 30.81 -31.56
CA LYS D 350 11.25 29.85 -30.46
C LYS D 350 9.89 29.91 -29.77
N GLN D 351 9.33 31.12 -29.69
CA GLN D 351 8.06 31.37 -28.99
C GLN D 351 6.88 30.87 -29.84
N ASP D 352 6.31 29.74 -29.42
CA ASP D 352 5.12 29.14 -30.05
C ASP D 352 3.86 29.95 -29.71
N GLU D 353 2.72 29.52 -30.26
CA GLU D 353 1.40 30.05 -29.86
C GLU D 353 1.13 29.78 -28.37
N THR D 354 1.32 28.52 -27.96
CA THR D 354 1.11 28.07 -26.58
C THR D 354 2.01 28.82 -25.61
N ASP D 355 3.28 28.96 -26.00
CA ASP D 355 4.28 29.70 -25.21
C ASP D 355 3.85 31.15 -25.01
N GLU D 356 3.36 31.76 -26.08
CA GLU D 356 2.85 33.13 -26.05
C GLU D 356 1.60 33.23 -25.21
N PHE D 357 0.68 32.28 -25.39
CA PHE D 357 -0.54 32.22 -24.60
C PHE D 357 -0.24 32.17 -23.08
N LEU D 358 0.61 31.23 -22.68
CA LEU D 358 0.93 31.01 -21.26
C LEU D 358 1.72 32.16 -20.61
N MET D 359 2.62 32.77 -21.38
CA MET D 359 3.38 33.94 -20.92
C MET D 359 2.48 35.15 -20.66
N ARG D 360 1.53 35.41 -21.57
CA ARG D 360 0.60 36.55 -21.44
C ARG D 360 -0.41 36.34 -20.30
N LEU D 361 -0.87 35.10 -20.15
CA LEU D 361 -1.75 34.69 -19.03
C LEU D 361 -1.15 35.07 -17.68
N PHE D 362 0.13 34.75 -17.50
CA PHE D 362 0.85 35.08 -16.27
C PHE D 362 0.98 36.59 -16.10
N HIS D 363 1.59 37.25 -17.09
CA HIS D 363 1.75 38.73 -17.08
C HIS D 363 0.44 39.51 -16.84
N ALA D 364 -0.66 39.01 -17.38
CA ALA D 364 -1.97 39.59 -17.14
C ALA D 364 -2.36 39.45 -15.66
N LYS D 365 -2.30 38.23 -15.14
CA LYS D 365 -2.69 37.93 -13.77
C LYS D 365 -1.54 38.05 -12.76
N LYS D 366 -0.41 38.63 -13.19
CA LYS D 366 0.80 38.80 -12.37
C LYS D 366 0.64 39.91 -11.35
N LYS D 367 0.10 41.05 -11.79
CA LYS D 367 -0.10 42.23 -10.93
C LYS D 367 -0.82 41.88 -9.62
N GLN D 368 -1.99 41.24 -9.77
CA GLN D 368 -2.84 40.83 -8.64
C GLN D 368 -2.13 39.93 -7.63
N LEU D 369 -1.40 38.94 -8.15
CA LEU D 369 -0.74 37.93 -7.31
C LEU D 369 0.38 38.51 -6.48
N LYS D 370 1.19 39.39 -7.09
CA LYS D 370 2.30 40.05 -6.40
C LYS D 370 1.82 40.90 -5.22
N GLU D 371 0.73 41.63 -5.42
CA GLU D 371 0.18 42.57 -4.43
C GLU D 371 -0.78 41.91 -3.45
N LEU D 372 -1.41 40.81 -3.86
CA LEU D 372 -2.14 39.92 -2.92
C LEU D 372 -1.15 39.21 -1.99
N ALA D 373 0.04 38.90 -2.49
CA ALA D 373 1.08 38.26 -1.70
C ALA D 373 1.70 39.15 -0.61
N ARG D 374 1.58 40.47 -0.76
CA ARG D 374 2.07 41.41 0.27
C ARG D 374 1.17 41.54 1.52
N LYS D 375 -0.01 40.92 1.52
CA LYS D 375 -0.97 41.03 2.63
C LYS D 375 -0.88 39.81 3.57
N PRO D 376 -0.18 39.95 4.72
CA PRO D 376 0.08 38.79 5.58
C PRO D 376 -1.14 38.14 6.27
N GLU D 377 -2.29 38.82 6.27
CA GLU D 377 -3.54 38.26 6.84
C GLU D 377 -4.05 36.97 6.17
N TYR D 378 -3.69 36.73 4.91
CA TYR D 378 -4.01 35.48 4.19
C TYR D 378 -2.80 34.53 4.08
N ASP D 379 -1.78 34.76 4.89
CA ASP D 379 -0.46 34.16 4.71
C ASP D 379 -0.24 33.00 5.68
N ASN D 380 -1.07 31.95 5.55
CA ASN D 380 -0.82 30.62 6.14
C ASN D 380 -0.90 30.55 7.68
N GLU D 381 -1.85 29.77 8.21
CA GLU D 381 -2.06 29.67 9.67
C GLU D 381 -0.93 28.92 10.40
N LYS D 382 -0.27 27.98 9.72
CA LYS D 382 0.89 27.29 10.29
C LYS D 382 2.02 28.25 10.67
N LEU D 383 2.24 29.28 9.82
CA LEU D 383 3.26 30.30 10.07
C LEU D 383 3.06 31.11 11.36
N MET D 384 1.81 31.45 11.67
CA MET D 384 1.47 32.11 12.94
C MET D 384 1.71 31.17 14.13
N LYS D 385 1.24 29.93 14.02
CA LYS D 385 1.48 28.89 15.04
C LYS D 385 2.97 28.63 15.26
N LEU D 386 3.75 28.66 14.18
CA LEU D 386 5.20 28.57 14.25
C LEU D 386 5.78 29.82 14.92
N ARG D 387 5.37 31.00 14.45
CA ARG D 387 5.75 32.30 15.03
C ARG D 387 5.52 32.36 16.54
N ASN D 388 4.29 32.05 16.93
CA ASN D 388 3.89 32.07 18.35
C ASN D 388 4.73 31.12 19.20
N THR D 389 4.94 29.91 18.69
CA THR D 389 5.77 28.90 19.36
C THR D 389 7.23 29.35 19.51
N LEU D 390 7.79 30.00 18.49
CA LEU D 390 9.16 30.52 18.56
C LEU D 390 9.30 31.69 19.55
N MET D 391 8.37 32.64 19.49
CA MET D 391 8.41 33.81 20.37
C MET D 391 8.37 33.43 21.85
N GLU D 392 7.40 32.60 22.22
CA GLU D 392 7.24 32.17 23.63
C GLU D 392 8.39 31.28 24.15
N GLU D 393 9.08 30.60 23.23
CA GLU D 393 10.18 29.69 23.61
C GLU D 393 11.55 30.38 23.63
N PHE D 394 11.80 31.29 22.70
CA PHE D 394 13.06 32.07 22.68
C PHE D 394 13.11 33.19 23.75
N THR D 395 11.94 33.55 24.30
CA THR D 395 11.86 34.45 25.47
C THR D 395 11.89 33.70 26.82
N LYS D 396 11.84 32.37 26.77
CA LYS D 396 11.73 31.53 27.97
C LYS D 396 13.08 31.37 28.69
N THR D 397 14.18 31.37 27.94
CA THR D 397 15.51 31.06 28.47
C THR D 397 16.53 32.12 28.04
N GLU D 398 17.60 32.25 28.81
CA GLU D 398 18.66 33.25 28.54
C GLU D 398 19.42 32.98 27.24
N GLU D 399 19.91 31.74 27.08
CA GLU D 399 20.71 31.34 25.93
C GLU D 399 20.10 30.12 25.23
N PRO D 400 18.94 30.31 24.56
CA PRO D 400 18.20 29.19 23.98
C PRO D 400 18.77 28.73 22.64
N ARG D 401 18.40 27.52 22.23
CA ARG D 401 18.75 26.99 20.91
C ARG D 401 17.62 26.08 20.40
N GLY D 402 17.38 26.12 19.09
CA GLY D 402 16.27 25.39 18.49
C GLY D 402 16.52 24.86 17.10
N ILE D 403 15.68 23.91 16.69
CA ILE D 403 15.67 23.35 15.33
C ILE D 403 14.22 23.27 14.84
N ILE D 404 14.00 23.70 13.60
CA ILE D 404 12.75 23.49 12.88
C ILE D 404 13.02 22.44 11.80
N PHE D 405 12.32 21.31 11.88
CA PHE D 405 12.39 20.26 10.87
C PHE D 405 11.28 20.49 9.85
N THR D 406 11.64 20.58 8.56
CA THR D 406 10.64 20.73 7.47
C THR D 406 10.91 19.74 6.34
N LYS D 407 9.92 19.57 5.46
CA LYS D 407 9.99 18.55 4.40
C LYS D 407 10.95 18.89 3.23
N THR D 408 10.77 20.04 2.57
CA THR D 408 11.54 20.37 1.35
C THR D 408 12.74 21.28 1.65
N ARG D 409 13.72 21.27 0.75
CA ARG D 409 14.84 22.21 0.80
C ARG D 409 14.33 23.62 0.62
N GLN D 410 13.52 23.80 -0.42
CA GLN D 410 12.86 25.07 -0.71
C GLN D 410 12.15 25.62 0.51
N SER D 411 11.45 24.75 1.24
CA SER D 411 10.81 25.15 2.49
C SER D 411 11.79 25.62 3.58
N ALA D 412 12.95 24.98 3.68
CA ALA D 412 14.01 25.41 4.60
C ALA D 412 14.53 26.82 4.30
N LEU D 413 14.87 27.07 3.04
CA LEU D 413 15.37 28.38 2.63
C LEU D 413 14.31 29.47 2.79
N ALA D 414 13.08 29.16 2.40
CA ALA D 414 11.97 30.11 2.49
C ALA D 414 11.62 30.50 3.93
N LEU D 415 11.68 29.54 4.85
CA LEU D 415 11.50 29.82 6.28
C LEU D 415 12.63 30.67 6.85
N TYR D 416 13.85 30.46 6.37
CA TYR D 416 14.98 31.32 6.73
C TYR D 416 14.73 32.79 6.35
N HIS D 417 14.21 33.01 5.14
CA HIS D 417 13.88 34.36 4.68
C HIS D 417 12.71 34.97 5.47
N TRP D 418 11.69 34.16 5.74
CA TRP D 418 10.57 34.57 6.59
C TRP D 418 11.04 35.05 7.97
N ILE D 419 12.02 34.35 8.56
CA ILE D 419 12.59 34.74 9.86
C ILE D 419 13.44 36.01 9.75
N MET D 420 14.16 36.17 8.64
CA MET D 420 14.97 37.37 8.39
C MET D 420 14.13 38.58 7.97
N ASP D 421 13.14 38.39 7.10
CA ASP D 421 12.29 39.48 6.59
C ASP D 421 11.17 39.84 7.58
N ASN D 422 11.53 39.99 8.86
CA ASN D 422 10.57 40.16 9.94
C ASN D 422 11.33 40.50 11.24
N PRO D 423 11.48 41.80 11.55
CA PRO D 423 12.45 42.24 12.57
C PRO D 423 12.16 41.87 14.03
N LYS D 424 10.96 41.37 14.35
CA LYS D 424 10.64 40.97 15.73
C LYS D 424 11.36 39.69 16.19
N PHE D 425 11.71 38.80 15.26
CA PHE D 425 12.55 37.64 15.58
C PHE D 425 14.00 38.08 15.86
N GLU D 426 14.50 38.99 15.02
CA GLU D 426 15.80 39.64 15.22
C GLU D 426 15.83 40.46 16.53
N GLU D 427 14.72 41.12 16.83
CA GLU D 427 14.53 41.88 18.08
C GLU D 427 14.64 40.99 19.32
N VAL D 428 13.97 39.83 19.27
CA VAL D 428 13.91 38.91 20.41
C VAL D 428 15.14 37.96 20.49
N GLY D 429 16.09 38.10 19.56
CA GLY D 429 17.40 37.44 19.65
C GLY D 429 17.60 36.21 18.79
N ILE D 430 16.66 35.92 17.89
CA ILE D 430 16.78 34.78 16.98
C ILE D 430 17.74 35.14 15.84
N LYS D 431 18.64 34.20 15.54
CA LYS D 431 19.67 34.36 14.52
C LYS D 431 19.69 33.06 13.73
N ALA D 432 18.79 32.99 12.77
CA ALA D 432 18.52 31.75 12.03
C ALA D 432 19.56 31.47 10.96
N HIS D 433 19.65 30.20 10.58
CA HIS D 433 20.32 29.78 9.34
C HIS D 433 19.80 28.41 8.92
N PHE D 434 19.63 28.21 7.63
CA PHE D 434 19.14 26.93 7.09
C PHE D 434 20.18 25.82 7.17
N LEU D 435 19.73 24.59 6.97
CA LEU D 435 20.60 23.42 6.97
C LEU D 435 19.93 22.35 6.10
N ILE D 436 20.61 21.94 5.03
CA ILE D 436 20.03 21.02 4.05
C ILE D 436 21.07 19.97 3.62
N GLY D 437 20.66 19.07 2.74
CA GLY D 437 21.52 17.98 2.28
C GLY D 437 22.61 18.41 1.30
N ALA D 438 23.53 17.50 1.07
CA ALA D 438 24.66 17.68 0.15
C ALA D 438 24.43 17.14 -1.26
N GLY D 439 23.44 16.27 -1.44
CA GLY D 439 23.19 15.64 -2.75
C GLY D 439 22.74 16.62 -3.82
N HIS D 440 22.83 16.19 -5.08
CA HIS D 440 22.54 17.05 -6.24
C HIS D 440 21.41 16.50 -7.10
N ASN D 441 20.47 15.82 -6.46
CA ASN D 441 19.26 15.31 -7.12
C ASN D 441 18.04 16.22 -6.95
N SER D 442 18.16 17.23 -6.09
CA SER D 442 17.04 18.17 -5.84
C SER D 442 16.92 19.22 -6.96
N GLU D 443 15.73 19.81 -7.05
CA GLU D 443 15.49 20.97 -7.90
C GLU D 443 15.93 22.27 -7.19
N THR D 444 16.23 22.18 -5.88
CA THR D 444 16.93 23.25 -5.13
C THR D 444 18.41 22.86 -5.03
N LYS D 445 19.29 23.87 -4.98
CA LYS D 445 20.75 23.62 -4.87
C LYS D 445 21.15 23.03 -3.50
N PRO D 446 22.29 22.32 -3.44
CA PRO D 446 22.77 21.77 -2.17
C PRO D 446 23.70 22.69 -1.38
N MET D 447 23.77 22.42 -0.07
CA MET D 447 24.88 22.84 0.77
C MET D 447 25.96 21.76 0.68
N THR D 448 27.23 22.16 0.62
CA THR D 448 28.34 21.21 0.64
C THR D 448 28.55 20.66 2.07
N GLN D 449 29.31 19.57 2.17
CA GLN D 449 29.64 18.98 3.48
C GLN D 449 30.39 19.94 4.42
N ASN D 450 31.19 20.83 3.84
CA ASN D 450 31.93 21.83 4.62
C ASN D 450 31.03 22.94 5.15
N GLU D 451 30.11 23.42 4.29
CA GLU D 451 29.12 24.43 4.69
C GLU D 451 28.19 23.90 5.79
N GLN D 452 27.80 22.63 5.69
CA GLN D 452 27.05 21.96 6.75
C GLN D 452 27.82 22.00 8.08
N ARG D 453 29.11 21.65 8.03
CA ARG D 453 29.98 21.63 9.21
C ARG D 453 30.12 23.01 9.86
N GLU D 454 30.28 24.06 9.04
CA GLU D 454 30.45 25.41 9.57
C GLU D 454 29.17 25.96 10.23
N VAL D 455 28.01 25.64 9.67
CA VAL D 455 26.71 26.01 10.27
C VAL D 455 26.49 25.34 11.62
N ILE D 456 26.77 24.04 11.68
CA ILE D 456 26.68 23.27 12.94
C ILE D 456 27.69 23.77 13.98
N ASP D 457 28.88 24.17 13.51
CA ASP D 457 29.91 24.74 14.39
C ASP D 457 29.49 26.10 14.96
N LYS D 458 28.92 26.94 14.11
CA LYS D 458 28.37 28.24 14.55
C LYS D 458 27.15 28.09 15.47
N PHE D 459 26.38 27.01 15.28
CA PHE D 459 25.25 26.68 16.17
C PHE D 459 25.70 26.37 17.59
N ARG D 460 26.78 25.59 17.71
CA ARG D 460 27.39 25.28 19.01
C ARG D 460 28.09 26.50 19.61
N GLY D 461 28.67 27.33 18.75
CA GLY D 461 29.28 28.60 19.17
C GLY D 461 28.27 29.59 19.72
N GLY D 462 27.13 29.73 19.04
CA GLY D 462 26.10 30.71 19.42
C GLY D 462 25.88 31.80 18.38
N SER D 463 26.85 31.95 17.46
CA SER D 463 26.68 32.75 16.25
C SER D 463 25.33 32.50 15.55
N ILE D 464 24.95 31.23 15.46
CA ILE D 464 23.65 30.82 14.95
C ILE D 464 22.81 30.25 16.11
N ASN D 465 21.52 30.54 16.09
CA ASN D 465 20.58 30.26 17.19
C ASN D 465 19.50 29.24 16.85
N LEU D 466 19.05 29.24 15.59
CA LEU D 466 17.94 28.43 15.12
C LEU D 466 18.30 27.80 13.76
N LEU D 467 18.27 26.47 13.68
CA LEU D 467 18.45 25.75 12.42
C LEU D 467 17.10 25.45 11.79
N ILE D 468 16.96 25.73 10.50
CA ILE D 468 15.80 25.29 9.73
C ILE D 468 16.30 24.13 8.88
N ALA D 469 16.10 22.91 9.39
CA ALA D 469 16.74 21.73 8.84
C ALA D 469 15.76 20.81 8.12
N THR D 470 16.27 20.13 7.09
CA THR D 470 15.61 18.95 6.52
C THR D 470 16.01 17.74 7.38
N THR D 471 15.70 16.52 6.94
CA THR D 471 16.09 15.31 7.67
C THR D 471 17.60 15.15 7.88
N VAL D 472 18.42 15.96 7.20
CA VAL D 472 19.85 16.09 7.48
C VAL D 472 20.20 16.17 8.97
N ALA D 473 19.36 16.86 9.75
CA ALA D 473 19.66 17.15 11.15
C ALA D 473 19.15 16.11 12.16
N GLU D 474 18.43 15.08 11.72
CA GLU D 474 17.79 14.17 12.68
C GLU D 474 18.73 13.07 13.24
N GLU D 475 19.64 12.52 12.44
CA GLU D 475 20.48 11.39 12.87
C GLU D 475 21.99 11.63 12.87
N GLY D 476 22.65 11.16 13.93
CA GLY D 476 24.11 10.94 13.94
C GLY D 476 24.96 12.13 14.29
N LEU D 477 24.83 13.20 13.49
CA LEU D 477 25.66 14.39 13.62
C LEU D 477 25.52 15.04 15.01
N ASP D 478 26.64 15.52 15.54
CA ASP D 478 26.69 16.12 16.87
C ASP D 478 26.17 17.55 16.77
N ILE D 479 25.02 17.80 17.40
CA ILE D 479 24.41 19.12 17.43
C ILE D 479 24.15 19.51 18.89
N LYS D 480 24.32 20.81 19.17
CA LYS D 480 24.16 21.36 20.52
C LYS D 480 22.75 21.12 21.06
N GLU D 481 22.64 20.89 22.37
CA GLU D 481 21.37 20.56 23.04
C GLU D 481 20.37 21.68 22.82
N CYS D 482 19.14 21.31 22.43
CA CYS D 482 18.11 22.28 22.05
C CYS D 482 17.05 22.47 23.12
N ASN D 483 16.54 23.70 23.23
CA ASN D 483 15.42 24.04 24.10
C ASN D 483 14.08 23.75 23.40
N ILE D 484 14.09 23.79 22.07
CA ILE D 484 12.88 23.55 21.27
C ILE D 484 13.22 22.77 20.00
N VAL D 485 12.43 21.74 19.72
CA VAL D 485 12.45 21.06 18.43
C VAL D 485 11.04 21.14 17.87
N ILE D 486 10.93 21.70 16.66
CA ILE D 486 9.64 21.84 15.98
C ILE D 486 9.67 20.97 14.74
N ARG D 487 8.73 20.04 14.64
CA ARG D 487 8.47 19.33 13.40
C ARG D 487 7.42 20.13 12.65
N TYR D 488 7.87 20.92 11.67
CA TYR D 488 6.98 21.79 10.91
C TYR D 488 6.42 21.03 9.71
N GLY D 489 5.26 20.41 9.91
CA GLY D 489 4.60 19.61 8.89
C GLY D 489 5.28 18.28 8.52
N LEU D 490 6.44 17.99 9.12
CA LEU D 490 7.24 16.82 8.77
C LEU D 490 6.93 15.71 9.76
N VAL D 491 6.42 14.59 9.25
CA VAL D 491 6.19 13.37 10.00
C VAL D 491 6.65 12.20 9.13
N THR D 492 7.73 11.54 9.53
CA THR D 492 8.34 10.47 8.73
C THR D 492 8.10 9.10 9.41
N ASN D 493 9.10 8.55 10.10
CA ASN D 493 8.95 7.28 10.83
C ASN D 493 9.23 7.40 12.34
N GLU D 494 9.01 6.32 13.07
CA GLU D 494 9.19 6.29 14.53
C GLU D 494 10.65 6.48 14.97
N ILE D 495 11.61 5.99 14.18
CA ILE D 495 13.05 6.18 14.46
C ILE D 495 13.43 7.66 14.36
N ALA D 496 13.02 8.31 13.27
CA ALA D 496 13.26 9.74 13.07
C ALA D 496 12.57 10.58 14.14
N MET D 497 11.41 10.13 14.58
CA MET D 497 10.65 10.79 15.63
C MET D 497 11.43 10.78 16.96
N VAL D 498 11.92 9.62 17.38
CA VAL D 498 12.69 9.51 18.63
C VAL D 498 14.04 10.24 18.52
N GLN D 499 14.64 10.23 17.34
CA GLN D 499 15.86 11.00 17.07
C GLN D 499 15.63 12.52 17.13
N ALA D 500 14.50 12.98 16.58
CA ALA D 500 14.14 14.41 16.63
C ALA D 500 13.85 14.84 18.08
N ARG D 501 13.05 14.04 18.77
CA ARG D 501 12.80 14.22 20.21
C ARG D 501 14.10 14.16 21.03
N GLY D 502 15.06 13.36 20.57
CA GLY D 502 16.39 13.29 21.18
C GLY D 502 17.27 14.54 21.10
N ARG D 503 17.03 15.40 20.11
CA ARG D 503 17.76 16.69 20.00
C ARG D 503 17.36 17.67 21.11
N ALA D 504 16.08 17.63 21.51
CA ALA D 504 15.57 18.45 22.61
C ALA D 504 15.92 17.83 23.96
N ARG D 505 17.13 18.09 24.44
CA ARG D 505 17.60 17.53 25.70
C ARG D 505 18.35 18.55 26.59
N ALA D 506 17.95 19.82 26.49
CA ALA D 506 18.38 20.85 27.45
C ALA D 506 17.36 20.88 28.60
N ASP D 507 17.67 21.66 29.63
CA ASP D 507 16.75 21.86 30.76
C ASP D 507 15.51 22.63 30.30
N GLU D 508 14.34 22.07 30.57
CA GLU D 508 13.03 22.62 30.16
C GLU D 508 12.92 22.73 28.63
N SER D 509 13.13 21.59 27.96
CA SER D 509 13.05 21.50 26.51
C SER D 509 11.69 20.94 26.07
N THR D 510 11.21 21.39 24.91
CA THR D 510 9.95 20.91 24.35
C THR D 510 10.13 20.37 22.93
N TYR D 511 9.31 19.37 22.59
CA TYR D 511 9.20 18.82 21.25
C TYR D 511 7.78 19.12 20.80
N ALA D 512 7.64 19.77 19.64
CA ALA D 512 6.32 20.23 19.16
C ALA D 512 6.08 19.84 17.69
N LEU D 513 4.86 19.38 17.40
CA LEU D 513 4.42 19.15 16.03
C LEU D 513 3.47 20.28 15.62
N VAL D 514 3.92 21.11 14.69
CA VAL D 514 3.08 22.14 14.07
C VAL D 514 2.61 21.57 12.72
N ALA D 515 1.29 21.53 12.52
CA ALA D 515 0.72 20.94 11.31
C ALA D 515 -0.72 21.36 11.08
N SER D 516 -1.15 21.27 9.83
CA SER D 516 -2.56 21.45 9.46
C SER D 516 -3.32 20.15 9.73
N SER D 517 -4.49 20.26 10.37
CA SER D 517 -5.39 19.11 10.57
C SER D 517 -5.80 18.46 9.25
N GLY D 518 -5.88 19.26 8.18
CA GLY D 518 -6.19 18.75 6.85
C GLY D 518 -5.10 17.93 6.17
N SER D 519 -3.86 18.00 6.66
CA SER D 519 -2.73 17.29 6.02
C SER D 519 -2.63 15.82 6.41
N GLY D 520 -3.26 15.43 7.52
CA GLY D 520 -3.17 14.06 8.03
C GLY D 520 -1.87 13.73 8.77
N ALA D 521 -1.04 14.74 9.02
CA ALA D 521 0.26 14.56 9.68
C ALA D 521 0.10 14.28 11.17
N VAL D 522 -0.97 14.80 11.78
CA VAL D 522 -1.27 14.55 13.18
C VAL D 522 -1.58 13.05 13.37
N GLU D 523 -2.42 12.50 12.50
CA GLU D 523 -2.78 11.08 12.55
C GLU D 523 -1.56 10.16 12.33
N ARG D 524 -0.67 10.56 11.42
CA ARG D 524 0.57 9.81 11.16
C ARG D 524 1.56 9.90 12.31
N GLU D 525 1.56 11.01 13.04
CA GLU D 525 2.35 11.10 14.29
C GLU D 525 1.82 10.13 15.34
N ASP D 526 0.50 9.98 15.43
CA ASP D 526 -0.11 9.04 16.38
C ASP D 526 0.20 7.57 16.10
N VAL D 527 0.31 7.17 14.83
CA VAL D 527 0.65 5.77 14.53
C VAL D 527 2.14 5.54 14.83
N ASN D 528 2.98 6.56 14.61
CA ASN D 528 4.40 6.47 15.00
C ASN D 528 4.60 6.40 16.52
N ILE D 529 3.75 7.09 17.29
CA ILE D 529 3.72 6.92 18.76
C ILE D 529 3.28 5.49 19.11
N PHE D 530 2.19 5.05 18.48
CA PHE D 530 1.71 3.66 18.58
C PHE D 530 2.82 2.66 18.24
N ARG D 531 3.52 2.90 17.13
CA ARG D 531 4.64 2.04 16.70
C ARG D 531 5.79 2.03 17.72
N GLU D 532 6.11 3.20 18.28
CA GLU D 532 7.16 3.31 19.28
C GLU D 532 6.84 2.50 20.54
N ASN D 533 5.58 2.51 20.95
CA ASN D 533 5.13 1.70 22.09
C ASN D 533 5.21 0.20 21.77
N MET D 534 4.74 -0.17 20.58
CA MET D 534 4.89 -1.55 20.08
C MET D 534 6.34 -2.03 20.06
N MET D 535 7.26 -1.14 19.70
CA MET D 535 8.69 -1.46 19.66
C MET D 535 9.22 -1.92 21.02
N TYR D 536 8.86 -1.21 22.09
CA TYR D 536 9.32 -1.54 23.44
C TYR D 536 8.72 -2.86 23.95
N LYS D 537 7.46 -3.10 23.63
CA LYS D 537 6.81 -4.38 23.95
C LYS D 537 7.45 -5.55 23.19
N ALA D 538 7.83 -5.31 21.93
CA ALA D 538 8.44 -6.35 21.08
C ALA D 538 9.88 -6.67 21.51
N ILE D 539 10.64 -5.64 21.88
CA ILE D 539 11.98 -5.84 22.45
C ILE D 539 11.88 -6.64 23.75
N ARG D 540 10.95 -6.25 24.62
CA ARG D 540 10.67 -6.99 25.86
C ARG D 540 10.31 -8.47 25.60
N ARG D 541 9.48 -8.72 24.59
CA ARG D 541 9.07 -10.08 24.24
C ARG D 541 10.22 -10.98 23.75
N VAL D 542 11.09 -10.44 22.87
CA VAL D 542 12.25 -11.21 22.38
C VAL D 542 13.33 -11.43 23.45
N GLN D 543 13.42 -10.52 24.42
CA GLN D 543 14.30 -10.69 25.59
C GLN D 543 13.80 -11.78 26.55
N GLU D 544 12.48 -11.87 26.72
CA GLU D 544 11.84 -12.89 27.57
C GLU D 544 11.65 -14.24 26.87
N MET D 545 11.95 -14.29 25.57
CA MET D 545 11.77 -15.49 24.75
C MET D 545 12.80 -16.57 25.16
N PRO D 546 12.36 -17.84 25.31
CA PRO D 546 13.32 -18.90 25.69
C PRO D 546 14.34 -19.21 24.57
N PRO D 547 15.63 -19.41 24.93
CA PRO D 547 16.74 -19.58 23.97
C PRO D 547 16.48 -20.43 22.73
N GLU D 548 15.87 -21.60 22.91
CA GLU D 548 15.56 -22.52 21.79
C GLU D 548 14.60 -21.91 20.77
N GLU D 549 13.58 -21.21 21.27
CA GLU D 549 12.61 -20.51 20.43
C GLU D 549 13.28 -19.36 19.66
N TYR D 550 14.07 -18.55 20.38
CA TYR D 550 14.82 -17.45 19.79
C TYR D 550 15.83 -17.91 18.73
N LEU D 551 16.62 -18.94 19.06
CA LEU D 551 17.65 -19.45 18.15
C LEU D 551 17.08 -19.95 16.81
N ASN D 552 15.98 -20.70 16.87
CA ASN D 552 15.32 -21.24 15.67
C ASN D 552 14.80 -20.13 14.75
N LYS D 553 14.11 -19.16 15.34
CA LYS D 553 13.60 -18.00 14.60
C LYS D 553 14.73 -17.17 13.98
N ILE D 554 15.81 -16.97 14.72
CA ILE D 554 17.00 -16.26 14.23
C ILE D 554 17.62 -16.99 13.03
N GLN D 555 17.75 -18.31 13.12
CA GLN D 555 18.29 -19.12 12.02
C GLN D 555 17.43 -19.04 10.76
N ASP D 556 16.10 -19.08 10.94
CA ASP D 556 15.16 -18.95 9.81
C ASP D 556 15.38 -17.64 9.06
N PHE D 557 15.31 -16.52 9.78
CA PHE D 557 15.51 -15.20 9.18
C PHE D 557 16.88 -15.06 8.50
N GLN D 558 17.92 -15.63 9.10
CA GLN D 558 19.25 -15.65 8.51
C GLN D 558 19.30 -16.41 7.18
N LEU D 559 18.66 -17.58 7.17
CA LEU D 559 18.64 -18.45 5.98
C LEU D 559 17.84 -17.82 4.85
N GLN D 560 16.69 -17.25 5.17
CA GLN D 560 15.84 -16.61 4.17
C GLN D 560 16.35 -15.21 3.74
N SER D 561 17.18 -14.58 4.58
CA SER D 561 17.91 -13.35 4.19
C SER D 561 18.97 -13.63 3.14
N ILE D 562 19.67 -14.76 3.28
CA ILE D 562 20.66 -15.20 2.27
C ILE D 562 19.98 -15.50 0.93
N VAL D 563 18.80 -16.12 0.98
CA VAL D 563 17.98 -16.38 -0.20
C VAL D 563 17.51 -15.07 -0.87
N GLU D 564 17.20 -14.06 -0.05
CA GLU D 564 16.75 -12.75 -0.55
C GLU D 564 17.77 -12.07 -1.47
N LYS D 565 19.06 -12.19 -1.15
CA LYS D 565 20.12 -11.63 -2.00
C LYS D 565 20.29 -12.41 -3.31
N GLN D 566 20.13 -13.74 -3.25
CA GLN D 566 20.21 -14.59 -4.44
C GLN D 566 19.11 -14.26 -5.46
N MET D 567 17.91 -13.94 -4.98
CA MET D 567 16.80 -13.52 -5.85
C MET D 567 17.07 -12.20 -6.53
N LYS D 568 17.54 -11.20 -5.77
CA LYS D 568 17.89 -9.88 -6.33
C LYS D 568 19.13 -9.94 -7.22
N ALA D 569 20.04 -10.88 -6.96
CA ALA D 569 21.17 -11.15 -7.85
C ALA D 569 20.67 -11.63 -9.22
N LYS D 570 19.71 -12.56 -9.21
CA LYS D 570 19.10 -13.08 -10.45
C LYS D 570 18.23 -12.05 -11.19
N ARG D 571 17.64 -11.10 -10.47
CA ARG D 571 16.92 -9.98 -11.09
C ARG D 571 17.88 -9.10 -11.90
N ASP D 572 18.96 -8.67 -11.24
CA ASP D 572 19.95 -7.77 -11.86
C ASP D 572 20.78 -8.44 -12.96
N GLN D 573 20.89 -9.77 -12.90
CA GLN D 573 21.58 -10.55 -13.93
C GLN D 573 20.86 -10.52 -15.28
N ARG D 574 19.52 -10.50 -15.27
CA ARG D 574 18.71 -10.47 -16.48
C ARG D 574 18.91 -9.19 -17.29
N ILE D 584 19.48 3.73 -32.08
CA ILE D 584 18.59 4.75 -31.55
C ILE D 584 18.89 6.15 -32.08
N THR D 585 17.85 6.95 -32.26
CA THR D 585 17.96 8.38 -32.55
C THR D 585 17.53 9.18 -31.31
N PHE D 586 17.87 10.47 -31.31
CA PHE D 586 17.49 11.39 -30.24
C PHE D 586 16.66 12.54 -30.80
N LEU D 587 15.38 12.57 -30.39
CA LEU D 587 14.47 13.69 -30.68
C LEU D 587 14.40 14.60 -29.46
N CYS D 588 14.27 15.91 -29.71
CA CYS D 588 14.01 16.91 -28.66
C CYS D 588 12.58 16.71 -28.14
N LYS D 589 12.42 16.70 -26.82
CA LYS D 589 11.12 16.40 -26.20
C LYS D 589 10.04 17.45 -26.49
N ASN D 590 10.44 18.72 -26.60
CA ASN D 590 9.50 19.81 -26.85
C ASN D 590 9.05 19.89 -28.30
N CYS D 591 10.01 19.98 -29.22
CA CYS D 591 9.72 20.20 -30.65
C CYS D 591 9.95 19.00 -31.60
N HIS D 592 10.48 17.89 -31.08
CA HIS D 592 10.66 16.64 -31.85
C HIS D 592 11.61 16.70 -33.06
N LYS D 593 12.54 17.67 -33.07
CA LYS D 593 13.51 17.82 -34.16
C LYS D 593 14.56 16.71 -34.04
N LEU D 594 15.03 16.22 -35.19
CA LEU D 594 16.09 15.22 -35.23
C LEU D 594 17.41 15.89 -34.86
N ILE D 595 18.18 15.26 -33.98
CA ILE D 595 19.38 15.88 -33.40
C ILE D 595 20.58 14.92 -33.49
N CYS D 596 20.51 13.78 -32.79
CA CYS D 596 21.60 12.80 -32.77
C CYS D 596 21.16 11.41 -33.18
N SER D 597 22.11 10.64 -33.72
CA SER D 597 22.01 9.19 -33.81
C SER D 597 22.75 8.60 -32.60
N GLY D 598 22.58 7.29 -32.38
CA GLY D 598 23.22 6.60 -31.26
C GLY D 598 24.74 6.51 -31.38
N GLU D 599 25.22 6.40 -32.61
CA GLU D 599 26.67 6.39 -32.91
C GLU D 599 27.41 7.68 -32.52
N ASP D 600 26.69 8.80 -32.50
CA ASP D 600 27.27 10.11 -32.16
C ASP D 600 27.61 10.29 -30.67
N ILE D 601 27.07 9.44 -29.80
CA ILE D 601 27.24 9.59 -28.35
C ILE D 601 28.50 8.86 -27.87
N GLN D 602 29.24 9.51 -26.98
CA GLN D 602 30.41 8.92 -26.30
C GLN D 602 30.45 9.37 -24.84
N VAL D 603 31.09 8.56 -23.99
CA VAL D 603 31.08 8.77 -22.54
C VAL D 603 32.46 9.20 -22.02
N ILE D 604 32.47 10.02 -20.97
CA ILE D 604 33.69 10.54 -20.34
C ILE D 604 33.77 10.02 -18.90
N GLU D 605 34.75 9.16 -18.65
CA GLU D 605 34.93 8.48 -17.35
C GLU D 605 33.74 7.61 -16.97
N ASN D 606 33.10 7.01 -17.98
CA ASN D 606 31.86 6.24 -17.84
C ASN D 606 30.83 6.85 -16.85
N MET D 607 30.55 8.14 -17.03
CA MET D 607 29.49 8.83 -16.27
C MET D 607 28.80 9.98 -17.04
N HIS D 608 29.58 10.90 -17.62
CA HIS D 608 29.04 12.04 -18.36
C HIS D 608 29.02 11.72 -19.85
N HIS D 609 27.83 11.78 -20.45
CA HIS D 609 27.64 11.44 -21.86
C HIS D 609 27.73 12.70 -22.71
N VAL D 610 28.35 12.59 -23.88
CA VAL D 610 28.68 13.73 -24.74
C VAL D 610 28.40 13.42 -26.21
N SER D 611 27.99 14.43 -26.97
CA SER D 611 27.77 14.32 -28.42
C SER D 611 29.05 14.69 -29.19
N VAL D 612 29.28 13.97 -30.28
CA VAL D 612 30.50 14.09 -31.09
C VAL D 612 30.27 14.70 -32.50
N LYS D 613 29.03 14.64 -33.02
CA LYS D 613 28.72 15.04 -34.39
C LYS D 613 29.40 16.35 -34.81
N LYS D 614 29.96 16.37 -36.02
CA LYS D 614 30.84 17.45 -36.47
C LYS D 614 30.12 18.80 -36.62
N ASP D 615 28.87 18.78 -37.06
CA ASP D 615 28.04 19.98 -37.20
C ASP D 615 26.93 19.99 -36.13
N PHE D 616 27.32 19.78 -34.87
CA PHE D 616 26.38 19.75 -33.74
C PHE D 616 26.13 21.15 -33.17
N GLN D 617 27.13 22.02 -33.26
CA GLN D 617 27.03 23.41 -32.75
C GLN D 617 25.88 24.23 -33.38
N HIS D 618 25.53 23.94 -34.63
CA HIS D 618 24.45 24.66 -35.33
C HIS D 618 23.06 24.36 -34.77
N LEU D 619 22.88 23.21 -34.11
CA LEU D 619 21.59 22.80 -33.56
C LEU D 619 21.27 23.32 -32.15
N TYR D 620 22.18 24.08 -31.54
CA TYR D 620 21.94 24.60 -30.18
C TYR D 620 22.54 25.99 -29.92
N HIS D 621 22.05 26.63 -28.84
CA HIS D 621 22.58 27.90 -28.34
C HIS D 621 23.09 27.76 -26.91
N LYS D 622 23.95 28.70 -26.52
CA LYS D 622 24.54 28.76 -25.18
C LYS D 622 23.86 29.86 -24.36
N ARG D 623 23.54 29.54 -23.09
CA ARG D 623 22.99 30.52 -22.15
C ARG D 623 23.50 30.23 -20.74
N GLU D 624 23.76 31.28 -19.96
CA GLU D 624 24.06 31.14 -18.53
C GLU D 624 22.77 30.96 -17.74
N ASN D 625 22.89 30.64 -16.44
CA ASN D 625 21.73 30.47 -15.56
C ASN D 625 21.52 31.68 -14.65
N TYR D 635 30.45 19.31 -12.12
CA TYR D 635 29.48 19.87 -13.08
C TYR D 635 30.14 20.73 -14.18
N GLN D 636 31.38 21.17 -13.95
CA GLN D 636 32.31 21.68 -14.98
C GLN D 636 32.10 23.15 -15.40
N THR D 637 30.90 23.51 -15.88
CA THR D 637 30.58 24.90 -16.29
C THR D 637 29.18 25.35 -15.86
N ASN D 638 28.92 26.65 -16.03
CA ASN D 638 27.59 27.24 -15.85
C ASN D 638 27.12 27.86 -17.18
N VAL D 639 27.09 27.02 -18.21
CA VAL D 639 26.61 27.42 -19.54
C VAL D 639 25.68 26.31 -20.03
N GLU D 640 24.39 26.63 -20.14
CA GLU D 640 23.40 25.68 -20.64
C GLU D 640 23.49 25.51 -22.13
N ILE D 641 23.10 24.32 -22.59
CA ILE D 641 22.83 24.05 -24.00
C ILE D 641 21.33 24.08 -24.13
N ILE D 642 20.82 24.88 -25.07
CA ILE D 642 19.38 24.90 -25.36
C ILE D 642 19.11 24.74 -26.85
N CYS D 643 17.96 24.16 -27.17
CA CYS D 643 17.51 23.91 -28.55
C CYS D 643 17.42 25.22 -29.32
N LYS D 644 17.93 25.24 -30.55
CA LYS D 644 17.86 26.45 -31.39
C LYS D 644 16.41 26.76 -31.75
N ASP D 645 15.70 25.74 -32.21
CA ASP D 645 14.33 25.90 -32.72
C ASP D 645 13.27 26.20 -31.66
N CYS D 646 13.49 25.76 -30.42
CA CYS D 646 12.47 25.86 -29.35
C CYS D 646 12.93 26.29 -27.94
N GLY D 647 14.24 26.38 -27.70
CA GLY D 647 14.77 26.77 -26.39
C GLY D 647 14.70 25.76 -25.26
N GLN D 648 14.47 24.49 -25.58
CA GLN D 648 14.40 23.41 -24.59
C GLN D 648 15.81 23.08 -24.07
N VAL D 649 15.96 23.04 -22.74
CA VAL D 649 17.22 22.64 -22.10
C VAL D 649 17.58 21.25 -22.59
N TRP D 650 18.82 21.07 -23.06
CA TRP D 650 19.39 19.75 -23.34
C TRP D 650 20.46 19.32 -22.32
N GLY D 651 21.12 20.29 -21.66
CA GLY D 651 22.09 19.99 -20.60
C GLY D 651 23.03 21.16 -20.33
N ASN D 652 24.33 20.94 -20.51
CA ASN D 652 25.34 22.00 -20.32
C ASN D 652 26.66 21.70 -21.05
N MET D 653 27.49 22.73 -21.25
CA MET D 653 28.83 22.56 -21.82
C MET D 653 29.81 22.09 -20.74
N MET D 654 30.91 21.48 -21.17
CA MET D 654 31.98 21.07 -20.26
C MET D 654 33.34 21.11 -20.95
N VAL D 655 34.39 21.33 -20.15
CA VAL D 655 35.76 21.39 -20.63
C VAL D 655 36.47 20.11 -20.19
N TYR D 656 36.93 19.31 -21.15
CA TYR D 656 37.64 18.06 -20.88
C TYR D 656 38.86 17.96 -21.80
N ARG D 657 40.05 17.94 -21.21
CA ARG D 657 41.33 17.98 -21.92
C ARG D 657 41.46 19.18 -22.87
N GLY D 658 40.96 20.33 -22.43
CA GLY D 658 40.97 21.56 -23.24
C GLY D 658 40.03 21.58 -24.44
N LEU D 659 39.02 20.72 -24.45
CA LEU D 659 38.01 20.68 -25.52
C LEU D 659 36.64 21.05 -24.94
N ASP D 660 35.99 22.05 -25.54
CA ASP D 660 34.61 22.40 -25.18
C ASP D 660 33.66 21.35 -25.76
N LEU D 661 33.02 20.59 -24.86
CA LEU D 661 32.16 19.47 -25.25
C LEU D 661 30.73 19.64 -24.69
N PRO D 662 29.70 19.22 -25.45
CA PRO D 662 28.33 19.31 -24.97
C PRO D 662 27.88 18.10 -24.14
N CYS D 663 27.59 18.33 -22.87
CA CYS D 663 26.99 17.30 -22.00
C CYS D 663 25.47 17.35 -22.14
N LEU D 664 24.90 16.24 -22.60
CA LEU D 664 23.46 16.10 -22.81
C LEU D 664 22.86 15.28 -21.68
N LYS D 665 21.87 15.83 -20.98
CA LYS D 665 21.10 15.09 -19.97
C LYS D 665 19.94 14.34 -20.64
N ILE D 666 19.86 13.04 -20.35
CA ILE D 666 18.87 12.12 -20.95
C ILE D 666 17.39 12.51 -20.69
N ARG D 667 17.13 13.17 -19.56
CA ARG D 667 15.78 13.67 -19.20
C ARG D 667 15.10 14.45 -20.35
N ASN D 668 15.90 15.21 -21.09
CA ASN D 668 15.42 16.18 -22.06
C ASN D 668 15.03 15.65 -23.46
N PHE D 669 15.26 14.36 -23.72
CA PHE D 669 15.06 13.81 -25.06
C PHE D 669 14.03 12.68 -25.12
N VAL D 670 13.32 12.65 -26.24
CA VAL D 670 12.53 11.49 -26.65
C VAL D 670 13.45 10.65 -27.52
N VAL D 671 13.64 9.38 -27.14
CA VAL D 671 14.55 8.48 -27.81
C VAL D 671 13.75 7.58 -28.75
N ALA D 672 14.00 7.71 -30.05
CA ALA D 672 13.31 6.91 -31.07
C ALA D 672 14.09 5.65 -31.42
N PHE D 673 13.36 4.58 -31.76
CA PHE D 673 13.93 3.30 -32.16
C PHE D 673 13.58 2.97 -33.62
N GLU D 674 14.20 1.94 -34.16
CA GLU D 674 14.01 1.54 -35.57
C GLU D 674 12.87 0.55 -35.76
N ASP D 675 12.67 -0.34 -34.79
CA ASP D 675 11.56 -1.32 -34.82
C ASP D 675 10.18 -0.65 -34.74
N THR D 679 8.09 3.18 -32.04
CA THR D 679 8.43 3.08 -30.61
C THR D 679 9.28 4.28 -30.17
N LYS D 680 8.73 5.10 -29.27
CA LYS D 680 9.42 6.27 -28.71
C LYS D 680 9.24 6.27 -27.20
N GLU D 681 10.34 6.32 -26.46
CA GLU D 681 10.32 6.30 -24.98
C GLU D 681 11.27 7.35 -24.40
N ILE D 682 10.98 7.78 -23.16
CA ILE D 682 11.76 8.79 -22.43
C ILE D 682 12.32 8.15 -21.16
N PHE D 683 13.60 8.41 -20.88
CA PHE D 683 14.31 7.82 -19.74
C PHE D 683 14.85 8.91 -18.83
N LYS D 684 14.90 8.62 -17.53
CA LYS D 684 15.45 9.54 -16.53
C LYS D 684 16.96 9.39 -16.32
N LYS D 685 17.50 8.20 -16.63
CA LYS D 685 18.92 7.90 -16.49
C LYS D 685 19.47 7.21 -17.75
N TRP D 686 20.72 7.50 -18.07
CA TRP D 686 21.42 6.84 -19.19
C TRP D 686 21.53 5.33 -18.98
N GLY D 687 21.66 4.90 -17.72
CA GLY D 687 21.70 3.48 -17.36
C GLY D 687 20.44 2.69 -17.64
N GLU D 688 19.29 3.38 -17.75
CA GLU D 688 18.03 2.74 -18.13
C GLU D 688 17.96 2.31 -19.59
N LEU D 689 18.71 2.98 -20.48
CA LEU D 689 18.81 2.54 -21.89
C LEU D 689 19.49 1.17 -21.95
N PRO D 690 19.05 0.28 -22.87
CA PRO D 690 19.68 -1.02 -23.03
C PRO D 690 20.85 -0.97 -24.04
N ILE D 691 21.70 0.04 -23.93
CA ILE D 691 22.78 0.31 -24.90
C ILE D 691 24.03 0.78 -24.14
N ILE D 692 25.17 0.17 -24.46
CA ILE D 692 26.46 0.50 -23.85
C ILE D 692 27.21 1.40 -24.81
N PHE D 693 27.75 2.51 -24.31
CA PHE D 693 28.40 3.53 -25.15
C PHE D 693 29.94 3.47 -25.05
N PRO D 694 30.66 4.00 -26.07
CA PRO D 694 32.15 4.00 -26.06
C PRO D 694 32.81 4.90 -25.01
N ASP D 695 34.13 4.80 -24.91
CA ASP D 695 34.92 5.63 -23.99
C ASP D 695 35.09 7.05 -24.52
PB ADP G . -33.53 -2.06 8.17
O1B ADP G . -33.75 -2.51 6.74
O2B ADP G . -32.41 -2.78 8.88
O3B ADP G . -33.45 -0.57 8.35
PA ADP G . -35.42 -4.00 9.05
O1A ADP G . -35.85 -4.46 7.68
O2A ADP G . -34.40 -4.81 9.83
O3A ADP G . -34.88 -2.48 8.96
O5' ADP G . -36.73 -3.93 9.97
C5' ADP G . -37.89 -3.17 9.62
C4' ADP G . -39.15 -3.81 10.20
O4' ADP G . -39.72 -2.93 11.18
C3' ADP G . -40.24 -4.11 9.18
O3' ADP G . -40.70 -5.47 9.31
C2' ADP G . -41.35 -3.12 9.45
O2' ADP G . -42.64 -3.75 9.41
C1' ADP G . -41.06 -2.54 10.83
N9 ADP G . -41.22 -1.06 10.80
C8 ADP G . -40.31 -0.17 10.34
N7 ADP G . -40.78 1.10 10.44
C5 ADP G . -42.02 1.03 10.96
C6 ADP G . -43.09 2.00 11.34
N6 ADP G . -42.91 3.34 11.16
N1 ADP G . -44.23 1.51 11.86
C2 ADP G . -44.43 0.18 12.05
N3 ADP G . -43.51 -0.75 11.73
C4 ADP G . -42.31 -0.40 11.20
MG MG H . -35.45 -2.76 6.04
ZN ZN I . 0.87 -33.50 -20.06
PB ADP J . 24.83 9.25 22.28
O1B ADP J . 24.47 8.03 23.10
O2B ADP J . 23.61 10.06 21.88
O3B ADP J . 25.82 9.00 21.17
PA ADP J . 26.37 11.55 22.90
O1A ADP J . 27.55 11.16 22.03
O2A ADP J . 25.32 12.51 22.38
O3A ADP J . 25.60 10.19 23.35
O5' ADP J . 26.97 12.18 24.25
C5' ADP J . 27.80 11.44 25.14
C4' ADP J . 28.83 12.34 25.81
O4' ADP J . 28.80 12.14 27.23
C3' ADP J . 30.26 12.10 25.34
O3' ADP J . 30.87 13.31 24.88
C2' ADP J . 31.00 11.56 26.54
O2' ADP J . 32.25 12.24 26.76
C1' ADP J . 30.08 11.74 27.74
N9 ADP J . 30.02 10.46 28.48
C8 ADP J . 29.30 9.39 28.12
N7 ADP J . 29.49 8.35 28.98
C5 ADP J . 30.36 8.76 29.92
C6 ADP J . 31.00 8.17 31.13
N6 ADP J . 30.74 6.90 31.51
N1 ADP J . 31.87 8.95 31.83
C2 ADP J . 32.16 10.22 31.46
N3 ADP J . 31.61 10.81 30.38
C4 ADP J . 30.72 10.15 29.58
MG MG K . 27.63 9.39 20.90
ZN ZN L . 13.48 21.61 -29.66
#